data_7Q3E
#
_entry.id   7Q3E
#
loop_
_entity.id
_entity.type
_entity.pdbx_description
1 polymer 'WD repeat-containing and planar cell polarity effector protein fritz homolog'
2 polymer 'Protein inturned'
3 polymer 'Protein fuzzy homolog'
4 polymer 'Ciliogenesis and planar polarity effector 2'
5 non-polymer "GUANOSINE-5'-TRIPHOSPHATE"
#
loop_
_entity_poly.entity_id
_entity_poly.type
_entity_poly.pdbx_seq_one_letter_code
_entity_poly.pdbx_strand_id
1 'polypeptide(L)'
;MDSAWSHPQFEKGGGSGGGSGGSAWSHPQFEKSAVDLEVLFQGPGSFCLTELHLWSLKSTLHIADRDIGVYQYYDKKDPS
VSATEHGNLEEKQRLAESRDYPWTLKNRRPEKLRDSLKELEELMQSSPCVLSKWKSKYICQLLFGSGVLVSLSLSGPQLE
KVVIDRSLVGKLISDTISDALLTDSFIILSFLAQNKLCFIQFTKKMDSLDGNKRLEKLSALDLKISYYDIPGPANRTIDR
HLAVNSTQDLVVCWWPLVSDDVWPWTPVSSEKDRANMLLLGFTQGGLEVLSFVRTEWSPLDVHFGTKQPYQVFTVECSVS
VDKEPMADSCIYESVRNKLHCVSVTRIPLRSKAISCCRNSTEDKLIVGCEDSSVILYEAHRGVTLLAQAELRPSLISCHP
SGAILLVGSNQGELQIFDIALSPINIQLLAEDYSPKETLQFKKFFDVSSSLVQMQWMAPPVVFQKPKRGEICDLLFLRFN
KGPLGVLLFKLGILTRGQLGLVDLILQYIHYSEVYEAISILRSMDWDTLGQQCLIGMGTIVNHLLRQRLTPEREAQLEAS
LGTFYAPTRPLLDTTILEYREPVSKYARRLFHHLLRYKRFEKAFLLAVDIGARDLFMDIHYLALDMGELALAEVARRRAH
DIDVESVSSGVELLGPLDRRDMLNEGFASSALMPEGENKFPGLLPSIGSTHMQTLQQKIPNGPSSRWAIERRTEEEEEEE
EEEEEELCTDSSGATTWNAEGELKEDQRKQDIGDVGSLRMVHFGLV
;
A
2 'polypeptide(L)'
;MGSSHHHHHHSAVDLEVLFQGPGAGLARGDSRGRPPELPGDLSSQEEEEEEGDSDAGASSLGSYSSASSDTDVEPEWLDS
VQKNGELFYLELSEDEEESLLPETQTANHVNHVRFSDKEVIIEEDDSRERKKSEPKLRRFTKILKSKSLLPRRHHKKSSS
NNGPVSILKHQSSQKTGVTVQQRYKDVTVYINPRKLTAIKAREQVKLLEVLVGIIHQTKRSWKRSAKQADGERLVVHGLL
PGGSAMKSGQVLVGDVLVAVNDVDVTSENIERVLSCIPGPMQVKLTFENAYAVKRETAQPQKKKAQSSTQDLVKLLCGSE
ADAVQHSTLSIPHISMYLTLQLQSEAAREEQEILYHYPVSEASQKLKSVRGIFLTLCDMLESVTGTQVTSSSLHLNGKQI
HVAYLKESDKLLLIGLPAEEVPLPQLRNMIEDVAQTLKFMYGSLDSAFCQVENAPRLDHFFSLFFERALRPGKLHLSGSP
SAQQYAAASAVLLDNLPGVRWLVLPQELKVELDTALSDLEAADFEELSEDYYDMRRLYTILGSSLFYKGYMVCSHLPKDD
VIEIAAYCRQHCLLPLAAKQRIGQLIIWREVFPRHHLQPPSDSDPEAFQEPEGRYFLLVVGLRHYLLCVLLEAGGCASKA
TGNPGPDCIYVDQVRATLHQLEGVDSRIEEQLATSPGPCLSCADWFLAAPREKADSLTTSPILSRLQGPSKTAASPTCRR
TFFSDYSFKARKPSPSRIGGGREPTEGEESAGLSPHATPDAVRKQRESEGSDDNVALLKLARKKSTLPNPFHLGTSKKEL
SEKELEVYDIMKLTSGPENTLFHYVALETVQGIFITPTHEEVAQLGGSVHSQLIKNFHQCCLSIRAFFQQTLKEEKKKAL
SDGEHSEPTNSVSSLSPVKEHGVLFECSPENWTDQKKTPPVMSYWVVGRLFLNPKPQELYVCFHDSVSEIAIEMAFKLFF
GLTL
;
B
3 'polypeptide(L)'
;MDEGPGSPVHLLCLAASSGVPLFCRSSSGGAPSRQQLPFSVIGSLNGVHMFGQNLDVQLNSARTEDTTVVWKNFHDSITL
IVLSSEEGTSELRLERMLHMVFGAMVLIVGLEELTNIRNVERLKKELRASYCLIDSFLGNSELIGDLTQCVDCVIPPEGS
AMQETLSGFAEATGTAFVSLLVSGRVVAATEGWWRLGMPEAVLLPWLVGSLPPQAARDYPVYLPHGSPTVPHRLLTLTLL
RGLELCLLCGPRPPLGQLDPQLMERWWQPLLEPLRACLPLGPRALPEGFPLHSDILGLLLLHLELRRCLFTVEPSKDKEP
SPEQRRRLLRNFYTLVATTHFPPEPGPAEKQEDTVYPAQMPRACYLVLGPGMGWQLVAVQLGLRLLLLLLSPHTPTHGLR
SLATRTLQALTPLL
;
C
4 'polypeptide(L)'
;MARPPMHGSVIVPDWHETVEGKEYLACILRKNRRREFGLLERPVLPPSVVIDTASYKIFVSGKSGVGKTALVAKLAGLEV
PIVHHETTGIQTTVVFWPAKLKASDCVVMFRFEFWDCGESALKKFDHMLPACKENADAFLFLFSFTDRASFEDLPGQLTR
VAGEAPGLVKIVIGSKFDQYMHTDVPARDLTAFRQAWELPLFRVKSVPGRRLADGRTLDGRAGLADTAHVLNGLAEQLWH
QDQVAAGLLPSSPESAPG
;
D
#
loop_
_chem_comp.id
_chem_comp.type
_chem_comp.name
_chem_comp.formula
GTP non-polymer GUANOSINE-5'-TRIPHOSPHATE 'C10 H16 N5 O14 P3'
#
# COMPACT_ATOMS: atom_id res chain seq x y z
N SER A 46 17.77 11.07 -0.58
CA SER A 46 17.67 11.85 -1.81
C SER A 46 18.41 11.16 -2.95
N PHE A 47 17.73 11.01 -4.08
CA PHE A 47 18.25 10.32 -5.26
C PHE A 47 17.62 10.87 -6.53
N CYS A 48 18.26 10.60 -7.66
CA CYS A 48 17.67 10.92 -8.96
C CYS A 48 17.09 9.69 -9.63
N LEU A 49 15.90 9.85 -10.21
CA LEU A 49 15.21 8.76 -10.88
C LEU A 49 15.34 8.92 -12.38
N THR A 50 15.78 7.88 -13.07
CA THR A 50 16.06 7.96 -14.50
C THR A 50 15.52 6.77 -15.30
N GLU A 51 15.46 6.92 -16.62
CA GLU A 51 15.24 5.79 -17.51
C GLU A 51 16.14 5.93 -18.73
N LEU A 52 16.54 4.81 -19.31
CA LEU A 52 17.51 4.83 -20.40
C LEU A 52 16.96 4.36 -21.72
N HIS A 53 17.20 5.15 -22.78
CA HIS A 53 16.79 4.77 -24.12
C HIS A 53 17.98 4.50 -25.03
N LEU A 54 18.08 3.27 -25.51
CA LEU A 54 19.15 2.89 -26.42
C LEU A 54 18.66 2.81 -27.85
N TRP A 55 19.24 3.63 -28.72
CA TRP A 55 18.78 3.69 -30.09
C TRP A 55 19.45 2.63 -30.93
N SER A 56 19.05 1.39 -30.74
CA SER A 56 19.63 0.30 -31.50
C SER A 56 18.66 -0.84 -31.66
N LEU A 57 18.91 -1.68 -32.66
CA LEU A 57 18.10 -2.86 -32.93
C LEU A 57 18.79 -4.15 -32.49
N LYS A 58 19.97 -4.03 -31.90
CA LYS A 58 20.76 -5.22 -31.60
C LYS A 58 20.15 -6.04 -30.48
N SER A 59 20.15 -7.35 -30.68
CA SER A 59 19.65 -8.31 -29.70
C SER A 59 20.69 -8.64 -28.65
N THR A 60 21.90 -8.17 -28.89
CA THR A 60 23.08 -8.53 -28.14
C THR A 60 23.11 -7.86 -26.77
N LEU A 61 22.21 -6.91 -26.57
CA LEU A 61 22.15 -6.17 -25.33
C LEU A 61 21.57 -7.02 -24.20
N HIS A 62 20.77 -8.02 -24.54
CA HIS A 62 20.24 -8.92 -23.52
C HIS A 62 19.56 -8.18 -22.37
N ILE A 63 18.74 -7.20 -22.72
CA ILE A 63 17.99 -6.44 -21.72
C ILE A 63 16.87 -7.30 -21.16
N ALA A 64 16.74 -7.35 -19.84
CA ALA A 64 15.67 -8.13 -19.23
C ALA A 64 14.32 -7.57 -19.66
N ASP A 65 13.38 -8.46 -19.95
CA ASP A 65 12.11 -8.03 -20.51
C ASP A 65 11.13 -7.58 -19.44
N ARG A 66 11.51 -7.72 -18.19
CA ARG A 66 10.69 -7.25 -17.09
C ARG A 66 11.24 -5.93 -16.55
N ASP A 67 12.31 -5.45 -17.15
CA ASP A 67 12.95 -4.21 -16.71
C ASP A 67 12.40 -3.00 -17.48
N ILE A 68 11.61 -2.19 -16.80
CA ILE A 68 10.92 -1.07 -17.45
C ILE A 68 11.82 0.15 -17.55
N GLY A 69 12.99 0.09 -16.91
CA GLY A 69 13.89 1.23 -16.87
C GLY A 69 14.72 1.41 -18.15
N VAL A 70 14.81 0.38 -18.99
CA VAL A 70 15.63 0.47 -20.20
C VAL A 70 14.84 0.12 -21.46
N TYR A 71 14.95 0.95 -22.49
CA TYR A 71 14.22 0.72 -23.73
C TYR A 71 15.13 0.51 -24.93
N GLN A 72 14.66 -0.33 -25.85
CA GLN A 72 15.38 -0.68 -27.07
C GLN A 72 14.42 -0.64 -28.26
N TYR A 73 14.93 -0.29 -29.44
CA TYR A 73 14.13 -0.32 -30.67
C TYR A 73 14.10 -1.72 -31.27
N TYR A 74 13.01 -2.03 -31.98
CA TYR A 74 12.87 -3.36 -32.55
C TYR A 74 12.66 -3.39 -34.07
N ASP A 75 13.12 -4.47 -34.68
CA ASP A 75 12.84 -4.78 -36.07
C ASP A 75 11.55 -5.60 -36.11
N LYS A 76 11.10 -5.99 -37.31
CA LYS A 76 9.91 -6.84 -37.49
C LYS A 76 10.08 -8.17 -36.74
N GLU A 85 13.19 -15.15 -21.95
CA GLU A 85 13.88 -14.00 -22.52
C GLU A 85 12.88 -12.94 -23.05
N HIS A 86 11.83 -13.42 -23.73
CA HIS A 86 10.79 -12.58 -24.31
C HIS A 86 9.44 -12.73 -23.59
N GLY A 87 9.43 -13.45 -22.48
CA GLY A 87 8.16 -13.84 -21.86
C GLY A 87 7.37 -12.66 -21.30
N ASN A 88 8.05 -11.59 -20.93
CA ASN A 88 7.38 -10.40 -20.42
C ASN A 88 7.48 -9.26 -21.41
N LEU A 89 7.94 -9.55 -22.61
CA LEU A 89 8.23 -8.48 -23.56
C LEU A 89 6.97 -7.78 -24.01
N GLU A 90 5.88 -8.53 -24.11
CA GLU A 90 4.62 -7.93 -24.54
C GLU A 90 4.13 -6.93 -23.51
N GLU A 91 4.35 -7.23 -22.23
CA GLU A 91 3.85 -6.33 -21.19
C GLU A 91 4.63 -5.03 -21.24
N LYS A 92 5.92 -5.14 -21.52
CA LYS A 92 6.76 -3.97 -21.66
C LYS A 92 6.39 -3.19 -22.90
N GLN A 93 6.00 -3.92 -23.96
CA GLN A 93 5.57 -3.28 -25.19
C GLN A 93 4.28 -2.53 -25.01
N ARG A 94 3.37 -3.08 -24.21
CA ARG A 94 2.09 -2.42 -24.01
C ARG A 94 2.29 -1.11 -23.29
N LEU A 95 3.23 -1.09 -22.35
CA LEU A 95 3.52 0.16 -21.67
C LEU A 95 4.19 1.13 -22.63
N ALA A 96 5.09 0.62 -23.46
CA ALA A 96 5.79 1.50 -24.38
C ALA A 96 4.85 2.10 -25.39
N GLU A 97 3.86 1.34 -25.83
CA GLU A 97 2.91 1.84 -26.80
C GLU A 97 1.91 2.78 -26.17
N SER A 98 1.59 2.52 -24.91
CA SER A 98 0.66 3.36 -24.17
C SER A 98 1.24 4.75 -23.99
N ARG A 99 2.55 4.82 -23.94
CA ARG A 99 3.28 6.06 -23.75
C ARG A 99 3.70 6.69 -25.07
N ASP A 100 3.27 6.07 -26.17
CA ASP A 100 3.63 6.48 -27.52
C ASP A 100 5.13 6.48 -27.77
N TYR A 101 5.82 5.50 -27.23
CA TYR A 101 7.20 5.29 -27.56
C TYR A 101 7.24 4.56 -28.89
N PRO A 102 8.26 4.73 -29.71
CA PRO A 102 8.56 3.89 -30.83
C PRO A 102 8.87 2.51 -30.30
N TRP A 103 8.50 1.49 -31.05
CA TRP A 103 8.83 0.13 -30.68
C TRP A 103 9.42 -0.53 -31.89
N THR A 104 8.58 -1.10 -32.74
CA THR A 104 9.06 -1.49 -34.05
C THR A 104 9.18 -0.21 -34.86
N LEU A 105 10.32 -0.01 -35.51
CA LEU A 105 10.51 1.21 -36.29
C LEU A 105 9.89 1.06 -37.67
N LYS A 106 9.34 2.16 -38.18
CA LYS A 106 8.75 2.16 -39.51
C LYS A 106 9.77 2.37 -40.63
N ASN A 107 9.51 1.72 -41.75
CA ASN A 107 10.19 2.02 -43.00
C ASN A 107 9.25 2.70 -43.97
N ARG A 108 9.45 4.00 -44.19
CA ARG A 108 8.57 4.73 -45.10
C ARG A 108 9.40 5.17 -46.29
N ARG A 109 8.78 5.21 -47.45
CA ARG A 109 9.54 5.46 -48.67
C ARG A 109 10.52 6.64 -48.61
N PRO A 110 10.11 7.87 -48.23
CA PRO A 110 11.00 9.02 -48.11
C PRO A 110 11.97 8.92 -46.94
N GLU A 111 11.63 8.11 -45.94
CA GLU A 111 12.46 7.99 -44.75
C GLU A 111 12.49 6.57 -44.21
N LYS A 112 13.49 5.80 -44.60
CA LYS A 112 13.57 4.43 -44.13
C LYS A 112 14.29 4.39 -42.79
N LEU A 113 13.58 4.77 -41.73
CA LEU A 113 14.21 4.90 -40.42
C LEU A 113 14.76 3.59 -39.90
N ARG A 114 14.03 2.51 -40.08
CA ARG A 114 14.52 1.26 -39.55
C ARG A 114 15.79 0.83 -40.27
N ASP A 115 15.83 1.04 -41.57
CA ASP A 115 16.98 0.61 -42.35
C ASP A 115 18.16 1.57 -42.23
N SER A 116 17.88 2.85 -42.06
CA SER A 116 18.96 3.83 -41.94
C SER A 116 19.64 3.70 -40.59
N LEU A 117 18.89 3.23 -39.60
CA LEU A 117 19.48 2.97 -38.31
C LEU A 117 20.42 1.78 -38.39
N LYS A 118 20.06 0.78 -39.20
CA LYS A 118 20.93 -0.38 -39.36
C LYS A 118 22.27 0.03 -39.95
N GLU A 119 22.26 0.95 -40.90
CA GLU A 119 23.53 1.40 -41.47
C GLU A 119 24.36 2.14 -40.44
N LEU A 120 23.71 2.91 -39.58
CA LEU A 120 24.43 3.63 -38.56
C LEU A 120 25.12 2.68 -37.60
N GLU A 121 24.46 1.60 -37.24
CA GLU A 121 25.08 0.64 -36.35
C GLU A 121 26.30 0.02 -37.00
N GLU A 122 26.19 -0.22 -38.31
CA GLU A 122 27.29 -0.79 -39.03
C GLU A 122 28.43 0.21 -39.20
N LEU A 123 28.11 1.49 -39.30
CA LEU A 123 29.16 2.49 -39.40
C LEU A 123 29.99 2.49 -38.14
N MET A 124 29.33 2.38 -36.99
CA MET A 124 30.03 2.37 -35.73
C MET A 124 30.94 1.17 -35.58
N GLN A 125 30.55 0.04 -36.16
CA GLN A 125 31.39 -1.14 -36.07
C GLN A 125 32.52 -1.14 -37.10
N SER A 126 32.25 -0.56 -38.27
CA SER A 126 33.23 -0.58 -39.35
C SER A 126 34.36 0.41 -39.11
N SER A 127 34.06 1.47 -38.38
CA SER A 127 35.03 2.53 -38.17
C SER A 127 34.67 3.27 -36.90
N PRO A 128 35.64 3.84 -36.18
CA PRO A 128 35.42 4.60 -34.98
C PRO A 128 34.73 5.89 -35.33
N CYS A 129 33.86 6.34 -34.44
CA CYS A 129 33.35 7.68 -34.52
C CYS A 129 34.42 8.63 -34.04
N VAL A 130 34.62 9.73 -34.75
CA VAL A 130 35.61 10.69 -34.30
C VAL A 130 34.96 11.78 -33.44
N LEU A 131 33.74 12.13 -33.79
CA LEU A 131 33.08 13.26 -33.15
C LEU A 131 31.57 13.08 -32.98
N SER A 132 31.05 13.52 -31.84
CA SER A 132 29.60 13.66 -31.68
C SER A 132 29.26 15.04 -31.12
N LYS A 133 28.37 15.76 -31.80
CA LYS A 133 28.02 17.13 -31.42
C LYS A 133 26.51 17.36 -31.37
N TRP A 134 26.07 18.03 -30.32
CA TRP A 134 24.66 18.35 -30.11
C TRP A 134 24.23 19.71 -30.65
N LYS A 135 23.93 19.73 -31.95
CA LYS A 135 23.55 20.94 -32.67
C LYS A 135 22.34 21.63 -32.06
N SER A 136 21.39 20.83 -31.59
CA SER A 136 20.21 21.38 -30.95
C SER A 136 19.75 20.42 -29.88
N LYS A 137 18.81 20.86 -29.06
CA LYS A 137 18.43 20.08 -27.90
C LYS A 137 17.86 18.73 -28.30
N TYR A 138 17.32 18.63 -29.51
CA TYR A 138 16.84 17.37 -30.05
C TYR A 138 17.43 17.04 -31.42
N ILE A 139 18.58 17.63 -31.74
CA ILE A 139 19.27 17.33 -33.00
C ILE A 139 20.75 17.08 -32.77
N CYS A 140 21.30 16.04 -33.39
CA CYS A 140 22.74 15.83 -33.25
C CYS A 140 23.38 15.25 -34.47
N GLN A 141 24.69 15.40 -34.55
CA GLN A 141 25.44 14.87 -35.66
C GLN A 141 26.65 14.09 -35.21
N LEU A 142 26.95 13.04 -35.95
CA LEU A 142 28.12 12.23 -35.71
C LEU A 142 29.04 12.33 -36.92
N LEU A 143 30.32 12.25 -36.68
CA LEU A 143 31.26 12.18 -37.78
C LEU A 143 32.12 10.94 -37.61
N PHE A 144 32.31 10.22 -38.70
CA PHE A 144 33.03 8.96 -38.70
C PHE A 144 34.32 9.01 -39.48
N GLY A 145 35.23 8.10 -39.14
CA GLY A 145 36.40 7.92 -39.96
C GLY A 145 35.95 7.47 -41.34
N SER A 146 36.77 7.76 -42.34
CA SER A 146 36.41 7.60 -43.75
C SER A 146 35.39 8.65 -44.21
N GLY A 147 35.09 9.62 -43.35
CA GLY A 147 34.41 10.84 -43.78
C GLY A 147 32.88 10.79 -43.78
N VAL A 148 32.29 9.67 -43.39
CA VAL A 148 30.83 9.62 -43.41
C VAL A 148 30.24 10.47 -42.30
N LEU A 149 29.30 11.33 -42.65
CA LEU A 149 28.62 12.17 -41.68
C LEU A 149 27.22 11.62 -41.42
N VAL A 150 26.77 11.72 -40.18
CA VAL A 150 25.43 11.28 -39.84
C VAL A 150 24.68 12.38 -39.11
N SER A 151 23.40 12.52 -39.43
CA SER A 151 22.58 13.47 -38.72
C SER A 151 21.32 12.82 -38.20
N LEU A 152 21.03 13.05 -36.93
CA LEU A 152 19.86 12.49 -36.27
C LEU A 152 18.91 13.58 -35.83
N SER A 153 17.62 13.32 -35.98
CA SER A 153 16.63 14.23 -35.44
C SER A 153 15.74 13.47 -34.48
N LEU A 154 15.42 14.13 -33.37
CA LEU A 154 14.78 13.49 -32.23
C LEU A 154 13.56 14.25 -31.72
N SER A 155 12.70 13.53 -31.02
CA SER A 155 11.59 14.13 -30.29
C SER A 155 11.62 13.63 -28.86
N GLY A 156 11.95 14.52 -27.93
CA GLY A 156 12.26 14.10 -26.58
C GLY A 156 13.43 13.13 -26.66
N PRO A 157 13.39 11.99 -25.96
CA PRO A 157 14.41 10.97 -25.92
C PRO A 157 14.39 10.09 -27.17
N GLN A 158 13.36 10.23 -27.99
CA GLN A 158 13.15 9.31 -29.08
C GLN A 158 13.80 9.76 -30.38
N LEU A 159 14.34 8.82 -31.12
CA LEU A 159 14.86 9.08 -32.45
C LEU A 159 13.73 9.13 -33.47
N GLU A 160 13.71 10.15 -34.34
CA GLU A 160 12.70 10.21 -35.38
C GLU A 160 13.23 9.90 -36.79
N LYS A 161 14.43 10.36 -37.10
CA LYS A 161 15.01 10.02 -38.41
C LYS A 161 16.52 9.90 -38.38
N VAL A 162 17.05 9.06 -39.26
CA VAL A 162 18.49 8.92 -39.44
C VAL A 162 18.90 9.27 -40.87
N VAL A 163 19.82 10.21 -41.00
CA VAL A 163 20.34 10.56 -42.31
C VAL A 163 21.82 10.21 -42.43
N ILE A 164 22.15 9.45 -43.46
CA ILE A 164 23.55 9.12 -43.71
C ILE A 164 24.04 9.89 -44.94
N ASP A 165 25.08 10.70 -44.76
CA ASP A 165 25.62 11.52 -45.83
C ASP A 165 27.05 11.09 -46.19
N ARG A 166 27.21 10.54 -47.39
CA ARG A 166 28.46 9.93 -47.79
C ARG A 166 29.21 10.78 -48.81
N SER A 167 28.72 11.99 -49.03
CA SER A 167 29.28 12.86 -50.07
C SER A 167 30.73 13.24 -49.80
N LEU A 168 31.10 13.30 -48.53
CA LEU A 168 32.42 13.73 -48.11
C LEU A 168 33.50 12.66 -48.28
N VAL A 169 33.08 11.42 -48.50
CA VAL A 169 34.01 10.29 -48.38
C VAL A 169 35.18 10.36 -49.36
N GLY A 170 34.91 10.80 -50.58
CA GLY A 170 35.97 10.86 -51.59
C GLY A 170 36.73 12.18 -51.62
N LYS A 171 36.35 13.12 -50.76
CA LYS A 171 36.93 14.46 -50.79
C LYS A 171 38.20 14.56 -49.95
N LEU A 172 38.37 13.61 -49.05
CA LEU A 172 39.41 13.66 -48.03
C LEU A 172 40.73 13.07 -48.48
N ILE A 173 41.80 13.49 -47.82
CA ILE A 173 43.14 12.98 -48.04
C ILE A 173 43.28 11.53 -47.55
N SER A 174 42.33 11.11 -46.71
CA SER A 174 42.23 9.75 -46.19
C SER A 174 43.34 9.34 -45.22
N ASP A 175 44.02 10.33 -44.67
CA ASP A 175 44.85 10.12 -43.49
C ASP A 175 43.95 10.00 -42.26
N THR A 176 44.47 9.39 -41.19
CA THR A 176 43.68 9.19 -39.98
C THR A 176 43.40 10.51 -39.28
N ILE A 177 42.15 10.66 -38.84
CA ILE A 177 41.57 11.97 -38.48
C ILE A 177 42.05 12.58 -37.18
N SER A 178 42.22 11.77 -36.14
CA SER A 178 42.59 12.19 -34.77
C SER A 178 41.46 12.97 -34.08
N ASP A 179 41.08 14.11 -34.66
CA ASP A 179 40.00 14.94 -34.13
C ASP A 179 39.35 15.78 -35.23
N ALA A 180 38.23 16.43 -34.88
CA ALA A 180 37.47 17.20 -35.86
C ALA A 180 36.65 18.32 -35.22
N LEU A 181 36.25 19.29 -36.04
CA LEU A 181 35.27 20.29 -35.64
C LEU A 181 34.10 20.31 -36.63
N LEU A 182 32.88 20.18 -36.13
CA LEU A 182 31.69 20.19 -37.00
C LEU A 182 31.13 21.57 -37.26
N THR A 183 30.26 21.60 -38.25
CA THR A 183 29.96 22.81 -38.98
C THR A 183 28.63 23.48 -38.72
N ASP A 184 28.68 24.80 -38.74
CA ASP A 184 27.53 25.58 -39.14
C ASP A 184 27.78 26.03 -40.58
N SER A 185 29.04 26.35 -40.87
CA SER A 185 29.44 26.69 -42.24
C SER A 185 30.72 26.00 -42.73
N PHE A 186 31.45 25.34 -41.84
CA PHE A 186 32.65 24.59 -42.25
C PHE A 186 32.97 23.41 -41.34
N ILE A 187 33.70 22.44 -41.89
CA ILE A 187 34.28 21.34 -41.12
C ILE A 187 35.80 21.38 -41.13
N ILE A 188 36.41 21.26 -39.96
CA ILE A 188 37.87 21.16 -39.89
C ILE A 188 38.31 19.78 -39.41
N LEU A 189 39.21 19.16 -40.16
CA LEU A 189 39.75 17.87 -39.72
C LEU A 189 41.24 17.95 -39.42
N SER A 190 41.62 17.41 -38.28
CA SER A 190 43.03 17.21 -37.94
C SER A 190 43.53 15.92 -38.56
N PHE A 191 44.83 15.71 -38.52
CA PHE A 191 45.37 14.39 -38.85
C PHE A 191 46.49 13.97 -37.90
N LEU A 192 46.64 12.66 -37.70
CA LEU A 192 47.75 12.15 -36.93
C LEU A 192 49.08 12.23 -37.68
N ALA A 193 49.04 12.04 -39.00
CA ALA A 193 50.27 11.81 -39.74
C ALA A 193 50.68 12.95 -40.63
N GLN A 194 49.89 14.01 -40.68
CA GLN A 194 50.30 15.18 -41.43
C GLN A 194 49.97 16.45 -40.69
N ASN A 195 50.76 17.48 -40.91
CA ASN A 195 50.51 18.76 -40.27
C ASN A 195 49.58 19.60 -41.11
N LYS A 196 48.40 19.07 -41.40
CA LYS A 196 47.44 19.76 -42.24
C LYS A 196 46.08 19.79 -41.57
N LEU A 197 45.35 20.88 -41.75
CA LEU A 197 43.93 20.85 -41.44
C LEU A 197 43.10 20.77 -42.70
N CYS A 198 42.37 19.68 -42.88
CA CYS A 198 41.45 19.64 -44.00
C CYS A 198 40.30 20.56 -43.72
N PHE A 199 39.95 21.37 -44.69
CA PHE A 199 38.90 22.34 -44.51
C PHE A 199 37.80 22.19 -45.55
N ILE A 200 36.60 21.99 -45.08
CA ILE A 200 35.46 21.81 -45.96
C ILE A 200 34.47 22.93 -45.72
N GLN A 201 34.12 23.64 -46.77
CA GLN A 201 33.21 24.76 -46.61
C GLN A 201 31.87 24.47 -47.23
N PHE A 202 30.81 24.61 -46.43
CA PHE A 202 29.45 24.37 -46.88
C PHE A 202 28.77 25.68 -47.25
N THR A 203 27.91 25.63 -48.27
CA THR A 203 27.00 26.75 -48.56
C THR A 203 25.71 26.23 -49.19
N LEU A 218 21.24 13.74 -49.45
CA LEU A 218 22.53 14.34 -49.12
C LEU A 218 22.35 15.85 -48.95
N SER A 219 23.10 16.46 -48.02
CA SER A 219 23.10 17.91 -47.83
C SER A 219 24.50 18.49 -47.97
N ALA A 220 25.51 17.64 -47.94
CA ALA A 220 26.87 18.06 -48.20
C ALA A 220 27.13 18.09 -49.70
N LEU A 221 26.36 18.90 -50.41
CA LEU A 221 26.50 18.99 -51.85
C LEU A 221 27.18 20.28 -52.30
N ASP A 222 26.91 21.37 -51.60
CA ASP A 222 27.51 22.64 -51.98
C ASP A 222 28.86 22.79 -51.29
N LEU A 223 29.82 22.01 -51.76
CA LEU A 223 31.09 21.89 -51.07
C LEU A 223 32.24 22.61 -51.77
N LYS A 224 33.10 23.21 -50.96
CA LYS A 224 34.42 23.63 -51.42
C LYS A 224 35.47 22.92 -50.58
N ILE A 225 36.42 22.28 -51.23
CA ILE A 225 37.42 21.51 -50.51
C ILE A 225 38.80 22.14 -50.60
N SER A 226 39.42 22.32 -49.44
CA SER A 226 40.79 22.81 -49.35
C SER A 226 41.44 22.29 -48.09
N TYR A 227 42.74 22.53 -47.95
CA TYR A 227 43.42 22.22 -46.69
C TYR A 227 44.56 23.19 -46.49
N TYR A 228 45.01 23.34 -45.24
CA TYR A 228 46.08 24.30 -44.97
C TYR A 228 47.23 23.70 -44.16
N ASP A 229 48.45 24.17 -44.46
CA ASP A 229 49.64 23.74 -43.72
C ASP A 229 49.68 24.34 -42.33
N ILE A 230 50.04 23.50 -41.36
CA ILE A 230 50.12 23.90 -39.97
C ILE A 230 51.56 23.80 -39.44
N PRO A 231 52.12 24.88 -38.88
CA PRO A 231 53.43 24.88 -38.26
C PRO A 231 53.40 23.90 -37.11
N GLY A 232 54.46 23.11 -36.96
CA GLY A 232 54.44 22.11 -35.92
C GLY A 232 55.66 21.18 -36.01
N PRO A 233 55.71 20.17 -35.14
CA PRO A 233 56.72 19.14 -35.03
C PRO A 233 56.62 18.17 -36.18
N ALA A 234 57.69 17.41 -36.40
CA ALA A 234 57.63 16.34 -37.38
C ALA A 234 56.56 15.34 -36.95
N ASN A 235 55.83 14.82 -37.93
CA ASN A 235 54.70 13.95 -37.62
C ASN A 235 55.16 12.57 -37.18
N ARG A 236 54.73 12.20 -35.99
CA ARG A 236 55.04 10.93 -35.37
C ARG A 236 53.76 10.25 -34.87
N THR A 237 52.68 10.41 -35.64
CA THR A 237 51.35 10.03 -35.19
C THR A 237 50.96 10.86 -33.98
N ILE A 238 50.89 12.17 -34.20
CA ILE A 238 50.68 13.15 -33.14
C ILE A 238 49.22 13.18 -32.72
N ASP A 239 48.97 13.10 -31.42
CA ASP A 239 47.59 13.06 -30.94
C ASP A 239 47.01 14.47 -30.84
N ARG A 240 46.80 15.08 -31.99
CA ARG A 240 46.31 16.43 -32.10
C ARG A 240 44.85 16.54 -31.70
N HIS A 241 44.48 17.68 -31.13
CA HIS A 241 43.10 17.98 -30.77
C HIS A 241 42.71 19.37 -31.24
N LEU A 242 41.41 19.58 -31.45
CA LEU A 242 40.88 20.85 -31.92
C LEU A 242 39.78 21.41 -31.02
N ALA A 243 39.68 22.74 -30.97
CA ALA A 243 38.53 23.38 -30.33
C ALA A 243 38.15 24.67 -31.04
N VAL A 244 36.90 25.05 -30.91
CA VAL A 244 36.37 26.27 -31.53
C VAL A 244 35.58 27.11 -30.53
N ASN A 245 35.72 28.43 -30.59
CA ASN A 245 35.01 29.30 -29.66
C ASN A 245 33.62 29.65 -30.13
N SER A 246 33.52 30.11 -31.36
CA SER A 246 32.27 30.51 -31.96
C SER A 246 32.30 30.30 -33.45
N THR A 247 32.27 29.04 -33.85
CA THR A 247 32.44 28.69 -35.25
C THR A 247 33.63 29.45 -35.86
N GLN A 248 33.37 30.49 -36.63
CA GLN A 248 34.45 31.17 -37.34
C GLN A 248 35.40 31.98 -36.45
N ASP A 249 34.95 32.44 -35.29
CA ASP A 249 35.72 33.50 -34.65
C ASP A 249 37.09 33.08 -34.14
N LEU A 250 37.20 31.89 -33.57
CA LEU A 250 38.49 31.38 -33.11
C LEU A 250 38.60 29.87 -33.27
N VAL A 251 39.77 29.40 -33.71
CA VAL A 251 40.08 27.98 -33.64
C VAL A 251 41.41 27.78 -32.92
N VAL A 252 41.48 26.78 -32.06
CA VAL A 252 42.76 26.46 -31.42
C VAL A 252 43.10 24.99 -31.62
N CYS A 253 44.34 24.74 -32.04
CA CYS A 253 44.82 23.37 -32.21
C CYS A 253 45.96 23.11 -31.24
N TRP A 254 45.98 21.94 -30.63
CA TRP A 254 47.00 21.65 -29.66
C TRP A 254 47.31 20.17 -29.53
N TRP A 255 48.47 19.87 -28.97
CA TRP A 255 48.85 18.51 -28.71
C TRP A 255 49.75 18.43 -27.48
N PRO A 256 49.76 17.29 -26.79
CA PRO A 256 50.66 16.98 -25.69
C PRO A 256 52.10 16.81 -26.17
N LEU A 257 53.05 17.21 -25.32
CA LEU A 257 54.49 16.92 -25.47
C LEU A 257 55.24 17.37 -24.22
N GLU A 271 61.28 27.34 -32.93
CA GLU A 271 60.27 27.50 -31.88
C GLU A 271 58.93 26.84 -32.25
N LYS A 272 58.56 26.96 -33.53
CA LYS A 272 57.29 26.44 -34.06
C LYS A 272 57.20 24.93 -33.94
N ASP A 273 58.34 24.25 -34.04
CA ASP A 273 58.34 22.80 -33.97
C ASP A 273 58.46 22.29 -32.54
N ARG A 274 58.55 23.20 -31.58
CA ARG A 274 58.53 22.84 -30.17
C ARG A 274 57.22 23.29 -29.51
N ALA A 275 56.56 24.24 -30.15
CA ALA A 275 55.29 24.79 -29.66
C ALA A 275 54.23 23.73 -29.72
N ASN A 276 53.32 23.72 -28.75
CA ASN A 276 52.29 22.71 -28.76
C ASN A 276 50.86 23.24 -28.71
N MET A 277 50.71 24.55 -28.85
CA MET A 277 49.38 25.11 -29.01
C MET A 277 49.39 26.23 -30.05
N LEU A 278 48.39 26.22 -30.92
CA LEU A 278 48.32 27.16 -32.01
C LEU A 278 47.01 27.94 -32.00
N LEU A 279 47.11 29.26 -32.11
CA LEU A 279 45.92 30.06 -32.26
C LEU A 279 45.70 30.29 -33.74
N LEU A 280 44.57 29.82 -34.24
CA LEU A 280 44.25 29.88 -35.65
C LEU A 280 43.21 30.94 -35.98
N GLY A 281 43.55 31.81 -36.93
CA GLY A 281 42.62 32.79 -37.43
C GLY A 281 41.72 32.16 -38.49
N PHE A 282 40.57 32.76 -38.70
CA PHE A 282 39.68 32.34 -39.76
C PHE A 282 39.56 33.44 -40.80
N THR A 283 40.01 33.18 -42.01
CA THR A 283 40.02 34.21 -43.05
C THR A 283 39.48 33.68 -44.37
N GLN A 284 39.27 34.57 -45.31
CA GLN A 284 38.86 34.22 -46.67
C GLN A 284 40.01 33.52 -47.40
N GLY A 285 41.21 33.70 -46.87
CA GLY A 285 42.41 33.10 -47.45
C GLY A 285 42.69 31.75 -46.82
N GLY A 286 41.76 31.28 -45.98
CA GLY A 286 41.90 30.00 -45.30
C GLY A 286 42.41 30.14 -43.89
N LEU A 287 42.57 29.00 -43.22
CA LEU A 287 43.02 28.99 -41.84
C LEU A 287 44.51 29.30 -41.78
N GLU A 288 44.90 30.11 -40.82
CA GLU A 288 46.31 30.40 -40.61
C GLU A 288 46.59 30.50 -39.13
N VAL A 289 47.81 30.16 -38.74
CA VAL A 289 48.16 30.35 -37.34
C VAL A 289 48.58 31.79 -37.11
N LEU A 290 47.90 32.44 -36.19
CA LEU A 290 48.19 33.83 -35.88
C LEU A 290 49.37 33.91 -34.94
N SER A 291 49.41 32.96 -34.02
CA SER A 291 50.50 32.85 -33.07
C SER A 291 50.57 31.45 -32.49
N PHE A 292 51.70 31.12 -31.88
CA PHE A 292 51.87 29.84 -31.24
C PHE A 292 52.55 29.96 -29.88
N VAL A 293 52.27 29.03 -28.98
CA VAL A 293 52.94 28.96 -27.70
C VAL A 293 53.41 27.55 -27.38
N ARG A 294 54.37 27.44 -26.49
CA ARG A 294 54.68 26.16 -25.87
C ARG A 294 54.30 26.24 -24.41
N THR A 295 53.52 25.30 -23.93
CA THR A 295 53.11 25.32 -22.53
C THR A 295 54.19 24.70 -21.67
N GLU A 296 54.19 25.00 -20.38
CA GLU A 296 55.19 24.43 -19.49
C GLU A 296 54.93 22.95 -19.26
N TRP A 297 53.66 22.56 -19.29
CA TRP A 297 53.27 21.19 -19.04
C TRP A 297 52.27 20.72 -20.08
N SER A 298 52.26 19.42 -20.38
CA SER A 298 51.30 18.89 -21.32
C SER A 298 49.88 19.10 -20.77
N PRO A 299 48.94 19.61 -21.59
CA PRO A 299 47.54 19.82 -21.25
C PRO A 299 46.78 18.52 -21.01
N LEU A 300 45.88 18.58 -20.03
CA LEU A 300 44.89 17.55 -19.81
C LEU A 300 43.68 17.84 -20.67
N ASP A 301 43.34 19.13 -20.79
CA ASP A 301 42.25 19.57 -21.66
C ASP A 301 42.40 21.04 -22.03
N VAL A 302 41.60 21.49 -22.99
CA VAL A 302 41.52 22.88 -23.40
C VAL A 302 40.07 23.32 -23.61
N HIS A 303 39.73 24.54 -23.18
CA HIS A 303 38.39 25.05 -23.40
C HIS A 303 38.42 26.51 -23.84
N PHE A 304 37.41 26.93 -24.59
CA PHE A 304 37.19 28.36 -24.81
C PHE A 304 36.17 28.91 -23.83
N GLY A 305 36.38 30.14 -23.35
CA GLY A 305 35.41 30.75 -22.45
C GLY A 305 34.14 31.16 -23.18
N THR A 306 33.02 31.09 -22.48
CA THR A 306 31.75 31.58 -23.01
C THR A 306 31.55 33.04 -22.65
N LYS A 307 31.97 33.42 -21.45
CA LYS A 307 31.85 34.80 -21.02
C LYS A 307 33.07 35.61 -21.43
N GLN A 308 34.17 34.89 -21.67
CA GLN A 308 35.40 35.52 -22.11
C GLN A 308 35.92 34.80 -23.36
N PRO A 309 35.37 35.12 -24.53
CA PRO A 309 35.49 34.41 -25.78
C PRO A 309 36.91 34.43 -26.32
N TYR A 310 37.73 35.35 -25.81
CA TYR A 310 39.09 35.48 -26.29
C TYR A 310 40.07 34.82 -25.35
N GLN A 311 39.54 34.13 -24.35
CA GLN A 311 40.37 33.39 -23.41
C GLN A 311 40.35 31.90 -23.71
N VAL A 312 41.54 31.32 -23.72
CA VAL A 312 41.71 29.89 -23.81
C VAL A 312 42.13 29.36 -22.46
N PHE A 313 41.35 28.44 -21.93
CA PHE A 313 41.60 27.93 -20.61
C PHE A 313 42.19 26.56 -20.71
N THR A 314 43.22 26.30 -19.93
CA THR A 314 43.79 24.97 -19.97
C THR A 314 43.92 24.41 -18.58
N VAL A 315 43.90 23.11 -18.52
CA VAL A 315 44.27 22.38 -17.33
C VAL A 315 45.43 21.51 -17.73
N GLU A 316 46.52 21.59 -16.97
CA GLU A 316 47.75 20.92 -17.38
C GLU A 316 48.28 20.05 -16.25
N CYS A 317 48.90 18.93 -16.60
CA CYS A 317 49.44 18.04 -15.57
C CYS A 317 50.86 18.44 -15.21
N SER A 318 51.12 18.60 -13.92
CA SER A 318 52.41 19.08 -13.47
C SER A 318 52.85 18.40 -12.20
N VAL A 319 54.14 18.51 -11.92
CA VAL A 319 54.75 17.87 -10.77
C VAL A 319 55.45 18.87 -9.86
N SER A 320 55.20 18.75 -8.57
CA SER A 320 55.78 19.62 -7.56
C SER A 320 57.23 19.26 -7.30
N VAL A 321 57.92 20.14 -6.59
CA VAL A 321 59.32 19.92 -6.23
C VAL A 321 59.45 18.74 -5.28
N ASP A 322 58.33 18.40 -4.65
CA ASP A 322 58.22 17.27 -3.72
C ASP A 322 57.78 16.02 -4.46
N LYS A 323 57.75 16.12 -5.79
CA LYS A 323 57.34 15.06 -6.70
C LYS A 323 55.94 14.54 -6.45
N GLU A 324 55.03 15.47 -6.19
CA GLU A 324 53.62 15.14 -6.05
C GLU A 324 52.88 15.79 -7.20
N PRO A 325 51.80 15.17 -7.68
CA PRO A 325 50.97 15.66 -8.77
C PRO A 325 50.24 16.95 -8.42
N MET A 326 50.12 17.82 -9.41
CA MET A 326 49.34 19.05 -9.30
C MET A 326 48.53 19.27 -10.57
N ALA A 327 47.37 19.90 -10.44
CA ALA A 327 46.68 20.40 -11.62
C ALA A 327 46.97 21.87 -11.82
N ASP A 328 47.72 22.20 -12.85
CA ASP A 328 47.89 23.59 -13.19
C ASP A 328 46.62 24.07 -13.85
N SER A 329 46.27 25.33 -13.61
CA SER A 329 45.21 25.95 -14.38
C SER A 329 45.74 27.25 -14.93
N CYS A 330 45.68 27.38 -16.23
CA CYS A 330 46.27 28.54 -16.86
C CYS A 330 45.30 29.20 -17.82
N ILE A 331 45.34 30.52 -17.84
CA ILE A 331 44.54 31.26 -18.79
C ILE A 331 45.44 31.91 -19.81
N TYR A 332 45.16 31.65 -21.08
CA TYR A 332 45.90 32.27 -22.16
C TYR A 332 44.98 33.22 -22.91
N GLU A 333 45.42 34.44 -23.09
CA GLU A 333 44.58 35.43 -23.76
C GLU A 333 45.11 35.74 -25.14
N SER A 334 44.23 35.96 -26.09
CA SER A 334 44.69 36.47 -27.38
C SER A 334 44.73 37.98 -27.36
N VAL A 335 45.93 38.55 -27.43
CA VAL A 335 46.11 39.98 -27.43
C VAL A 335 46.79 40.39 -28.73
N ARG A 336 46.11 41.18 -29.55
CA ARG A 336 46.62 41.51 -30.88
C ARG A 336 46.91 40.23 -31.66
N ASN A 337 46.06 39.22 -31.45
CA ASN A 337 46.18 37.89 -32.05
C ASN A 337 47.40 37.10 -31.59
N LYS A 338 48.05 37.57 -30.52
CA LYS A 338 49.13 36.84 -29.88
C LYS A 338 48.63 36.10 -28.65
N LEU A 339 48.76 34.80 -28.64
CA LEU A 339 48.31 34.03 -27.51
C LEU A 339 49.40 33.96 -26.45
N HIS A 340 49.10 34.38 -25.23
CA HIS A 340 50.07 34.31 -24.15
C HIS A 340 49.39 34.01 -22.83
N CYS A 341 50.13 33.43 -21.89
CA CYS A 341 49.57 33.15 -20.57
C CYS A 341 49.40 34.45 -19.79
N VAL A 342 48.24 34.61 -19.18
CA VAL A 342 47.93 35.78 -18.35
C VAL A 342 47.92 35.43 -16.87
N SER A 343 47.44 34.23 -16.55
CA SER A 343 47.35 33.82 -15.15
C SER A 343 47.59 32.34 -14.95
N VAL A 344 48.20 31.99 -13.82
CA VAL A 344 48.44 30.61 -13.42
C VAL A 344 47.95 30.34 -11.99
N THR A 345 47.25 29.23 -11.81
CA THR A 345 46.82 28.77 -10.51
C THR A 345 47.23 27.32 -10.32
N ARG A 346 47.49 26.90 -9.08
CA ARG A 346 47.80 25.50 -8.87
C ARG A 346 47.00 24.84 -7.77
N ILE A 347 46.49 23.65 -8.08
CA ILE A 347 45.76 22.83 -7.14
C ILE A 347 46.48 21.49 -6.92
N PRO A 348 46.91 21.18 -5.70
CA PRO A 348 47.52 19.91 -5.33
C PRO A 348 46.54 18.77 -5.53
N LEU A 349 47.04 17.63 -5.98
CA LEU A 349 46.22 16.45 -6.18
C LEU A 349 46.70 15.31 -5.32
N ARG A 350 45.81 14.42 -4.89
CA ARG A 350 46.26 13.25 -4.16
C ARG A 350 46.91 12.22 -5.11
N SER A 351 46.56 12.31 -6.38
CA SER A 351 47.12 11.46 -7.43
C SER A 351 47.02 12.19 -8.76
N LYS A 352 47.68 11.69 -9.79
CA LYS A 352 47.69 12.37 -11.07
C LYS A 352 46.29 12.47 -11.66
N ALA A 353 45.98 13.65 -12.20
CA ALA A 353 44.68 13.89 -12.82
C ALA A 353 44.49 13.04 -14.06
N ILE A 354 43.27 12.54 -14.25
CA ILE A 354 42.94 11.80 -15.46
C ILE A 354 41.85 12.46 -16.29
N SER A 355 41.16 13.47 -15.73
CA SER A 355 40.10 14.14 -16.50
C SER A 355 39.87 15.57 -16.09
N CYS A 356 39.33 16.37 -17.00
CA CYS A 356 38.99 17.76 -16.74
C CYS A 356 37.57 18.13 -17.14
N CYS A 357 36.89 18.90 -16.29
CA CYS A 357 35.61 19.51 -16.63
C CYS A 357 35.45 20.91 -16.05
N ARG A 358 34.85 21.80 -16.83
CA ARG A 358 34.51 23.13 -16.35
C ARG A 358 33.01 23.25 -16.16
N ASN A 359 32.59 23.96 -15.12
CA ASN A 359 31.15 24.10 -14.88
C ASN A 359 30.52 25.18 -15.74
N SER A 360 29.19 25.24 -15.72
CA SER A 360 28.43 26.11 -16.60
C SER A 360 28.55 27.59 -16.27
N THR A 361 28.94 27.90 -15.04
CA THR A 361 29.12 29.29 -14.65
C THR A 361 30.57 29.71 -14.81
N GLU A 362 31.39 28.77 -15.24
CA GLU A 362 32.81 28.98 -15.51
C GLU A 362 33.55 29.55 -14.31
N ASP A 363 33.20 29.07 -13.12
CA ASP A 363 33.91 29.53 -11.92
C ASP A 363 34.41 28.38 -11.08
N LYS A 364 34.22 27.16 -11.58
CA LYS A 364 34.76 25.99 -10.90
C LYS A 364 35.43 25.04 -11.87
N LEU A 365 36.55 24.48 -11.44
CA LEU A 365 37.22 23.43 -12.17
C LEU A 365 37.09 22.11 -11.45
N ILE A 366 36.64 21.10 -12.16
CA ILE A 366 36.53 19.78 -11.58
C ILE A 366 37.55 18.85 -12.22
N VAL A 367 38.34 18.19 -11.38
CA VAL A 367 39.37 17.28 -11.87
C VAL A 367 39.21 15.87 -11.35
N GLY A 368 39.17 14.91 -12.26
CA GLY A 368 39.18 13.51 -11.88
C GLY A 368 40.62 13.08 -11.63
N CYS A 369 40.79 12.10 -10.75
CA CYS A 369 42.12 11.58 -10.44
C CYS A 369 42.23 10.08 -10.63
N GLU A 370 43.45 9.61 -10.86
CA GLU A 370 43.74 8.19 -11.11
C GLU A 370 43.33 7.30 -9.95
N ASP A 371 43.42 7.82 -8.73
CA ASP A 371 43.15 7.03 -7.55
C ASP A 371 41.68 7.15 -7.15
N SER A 372 40.90 7.72 -8.06
CA SER A 372 39.47 7.97 -7.91
C SER A 372 39.12 9.11 -6.99
N SER A 373 40.10 9.91 -6.63
CA SER A 373 39.77 11.15 -5.97
C SER A 373 39.09 12.08 -6.95
N VAL A 374 38.13 12.85 -6.47
CA VAL A 374 37.53 13.93 -7.22
C VAL A 374 37.85 15.22 -6.54
N ILE A 375 38.42 16.16 -7.28
CA ILE A 375 38.80 17.42 -6.69
C ILE A 375 38.13 18.59 -7.37
N LEU A 376 37.55 19.47 -6.58
CA LEU A 376 36.91 20.65 -7.13
C LEU A 376 37.57 21.90 -6.61
N TYR A 377 37.75 22.88 -7.48
CA TYR A 377 38.27 24.18 -7.04
C TYR A 377 37.40 25.33 -7.50
N GLU A 378 37.20 26.30 -6.63
CA GLU A 378 36.48 27.52 -6.99
C GLU A 378 37.44 28.66 -7.30
N ALA A 379 37.34 29.21 -8.50
CA ALA A 379 38.28 30.22 -8.99
C ALA A 379 38.27 31.53 -8.20
N HIS A 380 37.12 31.85 -7.61
CA HIS A 380 36.95 33.12 -6.91
C HIS A 380 37.41 33.03 -5.46
N ARG A 381 37.70 31.82 -5.02
CA ARG A 381 38.02 31.53 -3.63
C ARG A 381 39.19 30.56 -3.56
N GLY A 382 39.76 30.41 -2.37
CA GLY A 382 40.87 29.48 -2.18
C GLY A 382 40.31 28.10 -1.81
N VAL A 383 39.00 28.00 -1.82
CA VAL A 383 38.28 26.81 -1.41
C VAL A 383 38.33 25.68 -2.42
N THR A 384 38.64 24.49 -1.92
CA THR A 384 38.57 23.26 -2.71
C THR A 384 37.73 22.25 -1.97
N LEU A 385 37.18 21.30 -2.70
CA LEU A 385 36.46 20.20 -2.09
C LEU A 385 37.00 18.87 -2.56
N LEU A 386 36.97 17.89 -1.67
CA LEU A 386 37.40 16.54 -2.02
C LEU A 386 36.26 15.55 -1.90
N ALA A 387 36.29 14.53 -2.75
CA ALA A 387 35.39 13.39 -2.60
C ALA A 387 36.02 12.13 -3.18
N GLN A 388 35.57 10.99 -2.69
CA GLN A 388 36.02 9.72 -3.26
C GLN A 388 34.97 9.08 -4.14
N ALA A 389 35.22 9.07 -5.44
CA ALA A 389 34.36 8.39 -6.37
C ALA A 389 34.68 6.90 -6.32
N GLU A 390 33.70 6.06 -6.62
CA GLU A 390 34.00 4.64 -6.71
C GLU A 390 34.56 4.26 -8.09
N LEU A 391 34.42 5.17 -9.04
CA LEU A 391 34.52 4.78 -10.44
C LEU A 391 35.81 5.05 -11.22
N ARG A 392 36.82 5.66 -10.62
CA ARG A 392 37.95 6.09 -11.46
C ARG A 392 37.46 7.02 -12.57
N PRO A 393 37.16 8.26 -12.23
CA PRO A 393 36.35 9.24 -12.93
C PRO A 393 37.05 9.84 -14.13
N SER A 394 37.25 9.03 -15.15
CA SER A 394 37.97 9.40 -16.36
C SER A 394 37.22 10.42 -17.22
N LEU A 395 35.91 10.53 -17.03
CA LEU A 395 35.17 11.52 -17.79
C LEU A 395 34.10 12.20 -16.94
N ILE A 396 34.02 13.52 -17.04
CA ILE A 396 33.11 14.30 -16.21
C ILE A 396 32.17 15.15 -17.05
N SER A 397 30.90 15.14 -16.71
CA SER A 397 29.92 15.96 -17.42
C SER A 397 29.06 16.78 -16.48
N CYS A 398 29.28 18.09 -16.47
CA CYS A 398 28.52 19.00 -15.62
C CYS A 398 27.20 19.41 -16.24
N HIS A 399 26.12 19.31 -15.47
CA HIS A 399 24.82 19.77 -15.91
C HIS A 399 24.86 21.27 -16.09
N PRO A 400 24.19 21.82 -17.11
CA PRO A 400 24.17 23.24 -17.43
C PRO A 400 23.59 24.12 -16.31
N SER A 401 22.77 23.57 -15.43
CA SER A 401 22.26 24.39 -14.33
C SER A 401 23.36 24.60 -13.29
N GLY A 402 24.36 23.73 -13.34
CA GLY A 402 25.49 23.76 -12.43
C GLY A 402 25.22 22.99 -11.13
N ALA A 403 23.99 22.49 -10.99
CA ALA A 403 23.62 21.79 -9.77
C ALA A 403 24.16 20.37 -9.68
N ILE A 404 24.33 19.72 -10.83
CA ILE A 404 24.71 18.30 -10.83
C ILE A 404 25.98 18.04 -11.60
N LEU A 405 26.86 17.23 -11.01
CA LEU A 405 28.01 16.72 -11.72
C LEU A 405 27.87 15.22 -11.90
N LEU A 406 28.16 14.73 -13.09
CA LEU A 406 28.21 13.29 -13.25
C LEU A 406 29.62 12.79 -13.48
N VAL A 407 29.90 11.68 -12.83
CA VAL A 407 31.13 10.95 -13.05
C VAL A 407 30.89 9.73 -13.90
N GLY A 408 31.48 9.71 -15.08
CA GLY A 408 31.41 8.54 -15.91
C GLY A 408 32.68 7.73 -15.75
N SER A 409 32.76 6.65 -16.50
CA SER A 409 33.94 5.83 -16.49
C SER A 409 34.05 5.09 -17.81
N ASN A 410 35.24 4.60 -18.11
CA ASN A 410 35.43 3.83 -19.33
C ASN A 410 34.88 2.44 -19.13
N GLN A 411 34.56 2.15 -17.89
CA GLN A 411 34.08 0.86 -17.47
C GLN A 411 32.56 0.76 -17.56
N GLY A 412 31.93 1.84 -18.00
CA GLY A 412 30.48 1.82 -18.17
C GLY A 412 29.72 2.03 -16.88
N GLU A 413 30.36 2.69 -15.92
CA GLU A 413 29.72 2.98 -14.65
C GLU A 413 29.50 4.48 -14.53
N LEU A 414 28.37 4.86 -13.94
CA LEU A 414 28.00 6.25 -13.76
C LEU A 414 27.68 6.57 -12.30
N GLN A 415 28.21 7.68 -11.80
CA GLN A 415 27.91 8.12 -10.45
C GLN A 415 27.52 9.58 -10.41
N ILE A 416 26.55 9.92 -9.59
CA ILE A 416 26.04 11.27 -9.55
C ILE A 416 26.42 12.02 -8.29
N PHE A 417 26.95 13.22 -8.49
CA PHE A 417 27.40 14.07 -7.40
C PHE A 417 26.76 15.44 -7.35
N ASP A 418 26.68 15.95 -6.13
CA ASP A 418 26.29 17.32 -5.82
C ASP A 418 27.43 18.26 -6.16
N ILE A 419 27.13 19.55 -6.31
CA ILE A 419 28.16 20.56 -6.57
C ILE A 419 29.12 20.61 -5.38
N ALA A 420 28.61 20.19 -4.23
CA ALA A 420 29.37 20.12 -2.99
C ALA A 420 30.16 18.82 -2.92
N LEU A 421 30.00 18.00 -3.95
CA LEU A 421 30.58 16.68 -4.09
C LEU A 421 30.05 15.67 -3.10
N SER A 422 28.91 15.98 -2.50
CA SER A 422 28.20 14.97 -1.74
C SER A 422 27.62 13.98 -2.73
N PRO A 423 27.74 12.67 -2.50
CA PRO A 423 27.19 11.64 -3.34
C PRO A 423 25.68 11.70 -3.34
N ILE A 424 25.09 11.47 -4.49
CA ILE A 424 23.65 11.39 -4.65
C ILE A 424 23.30 10.00 -5.12
N ASN A 425 22.27 9.40 -4.57
CA ASN A 425 21.94 8.06 -4.99
C ASN A 425 21.20 8.13 -6.32
N ILE A 426 21.31 7.07 -7.10
CA ILE A 426 20.65 7.04 -8.41
C ILE A 426 19.86 5.77 -8.61
N GLN A 427 18.72 5.88 -9.28
CA GLN A 427 17.91 4.72 -9.62
C GLN A 427 17.33 4.78 -11.02
N LEU A 428 17.28 3.62 -11.69
CA LEU A 428 16.48 3.47 -12.90
C LEU A 428 15.04 3.16 -12.54
N LEU A 429 14.12 3.58 -13.39
CA LEU A 429 12.70 3.47 -13.07
C LEU A 429 12.26 2.05 -12.81
N ALA A 430 11.50 1.92 -11.73
CA ALA A 430 11.02 0.65 -11.21
C ALA A 430 9.76 0.88 -10.41
N GLU A 431 9.03 -0.20 -10.13
CA GLU A 431 7.80 -0.13 -9.36
C GLU A 431 8.02 0.20 -7.89
N ASP A 432 9.25 0.04 -7.40
CA ASP A 432 9.60 0.36 -6.02
C ASP A 432 10.90 1.15 -5.94
N TYR A 433 11.00 2.00 -4.91
CA TYR A 433 12.23 2.74 -4.69
C TYR A 433 13.34 1.86 -4.16
N SER A 434 14.51 1.99 -4.77
CA SER A 434 15.72 1.29 -4.33
C SER A 434 16.97 1.96 -4.90
N PRO A 435 17.38 3.12 -4.36
CA PRO A 435 18.51 3.93 -4.80
C PRO A 435 19.84 3.22 -4.57
N LYS A 436 20.82 3.50 -5.41
CA LYS A 436 22.18 3.00 -5.21
C LYS A 436 23.18 4.14 -5.28
N GLU A 437 24.32 3.98 -4.62
CA GLU A 437 25.34 5.01 -4.64
C GLU A 437 25.94 5.18 -6.02
N THR A 438 25.89 4.11 -6.81
CA THR A 438 26.44 4.10 -8.15
C THR A 438 25.59 3.29 -9.12
N LEU A 439 25.67 3.62 -10.39
CA LEU A 439 24.96 2.90 -11.44
C LEU A 439 25.91 2.15 -12.35
N GLN A 440 25.71 0.86 -12.48
CA GLN A 440 26.51 0.06 -13.38
C GLN A 440 25.72 -0.28 -14.63
N PHE A 441 26.14 0.21 -15.78
CA PHE A 441 25.37 -0.03 -16.99
C PHE A 441 25.46 -1.48 -17.38
N LYS A 442 26.56 -2.12 -17.02
CA LYS A 442 26.78 -3.51 -17.36
C LYS A 442 25.68 -4.37 -16.76
N LYS A 443 25.16 -3.96 -15.61
CA LYS A 443 24.14 -4.74 -14.94
C LYS A 443 22.86 -4.81 -15.74
N PHE A 444 22.56 -3.75 -16.48
CA PHE A 444 21.26 -3.69 -17.12
C PHE A 444 21.26 -4.11 -18.58
N PHE A 445 22.32 -3.80 -19.32
CA PHE A 445 22.29 -4.15 -20.74
C PHE A 445 23.54 -4.83 -21.31
N ASP A 446 24.41 -5.37 -20.46
CA ASP A 446 25.46 -6.25 -20.97
C ASP A 446 26.24 -5.64 -22.14
N VAL A 447 26.62 -4.38 -22.00
CA VAL A 447 27.33 -3.72 -23.09
C VAL A 447 28.70 -4.36 -23.29
N SER A 448 29.04 -4.59 -24.56
CA SER A 448 30.25 -5.31 -24.94
C SER A 448 31.46 -4.42 -25.14
N SER A 449 31.29 -3.12 -24.96
CA SER A 449 32.37 -2.20 -25.27
C SER A 449 32.48 -1.04 -24.29
N SER A 450 33.64 -0.40 -24.27
CA SER A 450 33.95 0.69 -23.35
C SER A 450 33.14 1.94 -23.63
N LEU A 451 32.79 2.66 -22.56
CA LEU A 451 32.07 3.93 -22.68
C LEU A 451 33.05 5.02 -23.06
N VAL A 452 32.71 5.79 -24.08
CA VAL A 452 33.62 6.83 -24.51
C VAL A 452 33.16 8.23 -24.14
N GLN A 453 31.89 8.53 -24.40
CA GLN A 453 31.45 9.90 -24.25
C GLN A 453 30.16 10.07 -23.47
N MET A 454 30.15 11.08 -22.61
CA MET A 454 28.94 11.62 -22.01
C MET A 454 28.80 13.09 -22.33
N GLN A 455 27.58 13.51 -22.66
CA GLN A 455 27.32 14.92 -22.82
C GLN A 455 25.91 15.29 -22.38
N TRP A 456 25.76 16.42 -21.72
CA TRP A 456 24.42 16.95 -21.50
C TRP A 456 23.95 17.61 -22.78
N MET A 457 22.71 17.36 -23.17
CA MET A 457 22.20 17.88 -24.42
C MET A 457 21.75 19.32 -24.31
N ALA A 458 22.71 20.20 -24.06
CA ALA A 458 22.48 21.64 -24.08
C ALA A 458 22.51 22.10 -25.55
N PRO A 459 21.54 22.90 -26.04
CA PRO A 459 21.46 23.39 -27.42
C PRO A 459 22.60 24.35 -27.73
N ILE A 471 13.47 20.63 -19.17
CA ILE A 471 14.50 21.27 -20.00
C ILE A 471 15.89 20.67 -19.65
N CYS A 472 16.60 20.17 -20.68
CA CYS A 472 17.93 19.57 -20.54
C CYS A 472 17.96 18.41 -19.53
N ASP A 473 16.99 17.53 -19.63
CA ASP A 473 16.89 16.34 -18.81
C ASP A 473 17.45 15.13 -19.53
N LEU A 474 18.10 15.36 -20.66
CA LEU A 474 18.64 14.29 -21.46
C LEU A 474 20.16 14.28 -21.47
N LEU A 475 20.73 13.13 -21.11
CA LEU A 475 22.17 12.92 -21.15
C LEU A 475 22.54 11.95 -22.25
N PHE A 476 23.39 12.39 -23.16
CA PHE A 476 23.84 11.54 -24.24
C PHE A 476 24.89 10.55 -23.78
N LEU A 477 24.73 9.30 -24.19
CA LEU A 477 25.73 8.27 -23.94
C LEU A 477 26.20 7.63 -25.23
N ARG A 478 27.52 7.55 -25.40
CA ARG A 478 28.06 6.82 -26.54
C ARG A 478 29.13 5.83 -26.12
N PHE A 479 28.94 4.59 -26.52
CA PHE A 479 29.92 3.54 -26.32
C PHE A 479 30.78 3.38 -27.56
N ASN A 480 31.99 2.90 -27.38
CA ASN A 480 32.84 2.63 -28.53
C ASN A 480 32.19 1.56 -29.36
N LYS A 481 32.05 1.82 -30.65
CA LYS A 481 31.38 0.91 -31.56
C LYS A 481 29.92 0.68 -31.15
N GLY A 482 29.31 1.72 -30.58
CA GLY A 482 27.89 1.68 -30.20
C GLY A 482 27.72 0.91 -28.89
N PRO A 483 26.51 0.85 -28.38
CA PRO A 483 25.28 1.51 -28.80
C PRO A 483 25.26 3.00 -28.48
N LEU A 484 24.40 3.73 -29.19
CA LEU A 484 24.08 5.10 -28.82
C LEU A 484 22.82 5.11 -27.99
N GLY A 485 22.68 6.09 -27.10
CA GLY A 485 21.41 6.28 -26.44
C GLY A 485 21.39 7.48 -25.53
N VAL A 486 20.22 7.74 -24.94
CA VAL A 486 20.03 8.87 -24.05
C VAL A 486 19.46 8.47 -22.70
N LEU A 487 20.06 9.00 -21.64
CA LEU A 487 19.54 8.78 -20.30
C LEU A 487 18.64 9.95 -19.92
N LEU A 488 17.39 9.63 -19.58
CA LEU A 488 16.39 10.63 -19.24
C LEU A 488 16.22 10.77 -17.73
N PHE A 489 16.31 12.01 -17.25
CA PHE A 489 16.13 12.30 -15.84
C PHE A 489 14.73 12.80 -15.57
N LYS A 490 14.09 12.26 -14.54
CA LYS A 490 12.78 12.76 -14.17
C LYS A 490 12.97 14.01 -13.34
N LEU A 491 12.27 15.06 -13.71
CA LEU A 491 12.36 16.32 -12.98
C LEU A 491 11.00 16.70 -12.44
N GLY A 492 10.99 17.41 -11.33
CA GLY A 492 9.75 17.71 -10.64
C GLY A 492 8.85 18.64 -11.45
N ILE A 493 7.55 18.42 -11.28
CA ILE A 493 6.53 19.23 -11.93
C ILE A 493 6.39 20.56 -11.24
N LEU A 494 6.47 20.52 -9.92
CA LEU A 494 6.20 21.68 -9.10
C LEU A 494 7.37 22.66 -9.15
N THR A 495 8.50 22.18 -9.65
CA THR A 495 9.69 22.99 -9.85
C THR A 495 9.74 23.43 -11.31
N ARG A 496 8.72 23.03 -12.07
CA ARG A 496 8.61 23.29 -13.50
C ARG A 496 9.81 22.77 -14.27
N GLY A 497 10.31 21.60 -13.88
CA GLY A 497 11.35 20.94 -14.63
C GLY A 497 12.74 21.47 -14.33
N GLN A 498 12.86 22.39 -13.38
CA GLN A 498 14.15 22.99 -13.09
C GLN A 498 14.93 22.13 -12.09
N LEU A 499 16.25 22.08 -12.27
CA LEU A 499 17.12 21.35 -11.36
C LEU A 499 18.31 22.19 -10.88
N GLY A 500 18.03 23.34 -10.29
CA GLY A 500 19.09 24.26 -9.86
C GLY A 500 19.55 23.98 -8.43
N LEU A 501 20.44 24.84 -7.93
CA LEU A 501 20.95 24.65 -6.58
C LEU A 501 19.87 24.90 -5.56
N VAL A 502 18.96 25.81 -5.86
CA VAL A 502 17.86 26.09 -4.96
C VAL A 502 17.00 24.86 -4.84
N ASP A 503 16.89 24.12 -5.93
CA ASP A 503 16.04 22.97 -5.95
C ASP A 503 16.69 21.81 -5.21
N LEU A 504 18.02 21.78 -5.17
CA LEU A 504 18.68 20.75 -4.36
C LEU A 504 18.50 21.05 -2.89
N ILE A 505 18.43 22.32 -2.52
CA ILE A 505 18.20 22.63 -1.13
C ILE A 505 16.81 22.16 -0.75
N LEU A 506 15.86 22.39 -1.65
CA LEU A 506 14.49 22.00 -1.37
C LEU A 506 14.38 20.49 -1.31
N GLN A 507 15.13 19.79 -2.16
CA GLN A 507 15.06 18.35 -2.18
C GLN A 507 15.75 17.72 -0.98
N TYR A 508 16.83 18.32 -0.50
CA TYR A 508 17.49 17.79 0.68
C TYR A 508 16.66 18.05 1.92
N ILE A 509 16.02 19.20 1.95
CA ILE A 509 15.16 19.52 3.08
C ILE A 509 13.93 18.63 3.07
N HIS A 510 13.49 18.26 1.89
CA HIS A 510 12.38 17.34 1.76
C HIS A 510 12.73 16.02 2.45
N TYR A 511 13.99 15.62 2.39
CA TYR A 511 14.43 14.38 3.03
C TYR A 511 15.17 14.61 4.35
N SER A 512 15.17 15.84 4.84
CA SER A 512 15.82 16.23 6.09
C SER A 512 17.32 15.97 6.07
N GLU A 513 17.92 16.06 4.90
CA GLU A 513 19.34 15.91 4.75
C GLU A 513 19.99 17.26 4.92
N VAL A 514 20.06 17.70 6.17
CA VAL A 514 20.39 19.08 6.49
C VAL A 514 21.83 19.46 6.23
N TYR A 515 22.76 18.56 6.55
CA TYR A 515 24.16 18.92 6.38
C TYR A 515 24.48 19.12 4.91
N GLU A 516 23.84 18.32 4.08
CA GLU A 516 24.04 18.40 2.65
C GLU A 516 23.50 19.72 2.14
N ALA A 517 22.36 20.13 2.67
CA ALA A 517 21.76 21.41 2.29
C ALA A 517 22.64 22.56 2.74
N ILE A 518 23.31 22.38 3.87
CA ILE A 518 24.21 23.40 4.37
C ILE A 518 25.45 23.50 3.50
N SER A 519 25.94 22.36 3.04
CA SER A 519 27.14 22.36 2.22
C SER A 519 26.89 23.04 0.88
N ILE A 520 25.66 22.94 0.38
CA ILE A 520 25.33 23.68 -0.82
C ILE A 520 25.27 25.15 -0.53
N LEU A 521 24.72 25.50 0.62
CA LEU A 521 24.58 26.90 0.98
C LEU A 521 25.97 27.54 1.09
N ARG A 522 26.94 26.77 1.57
CA ARG A 522 28.32 27.25 1.63
C ARG A 522 28.97 27.28 0.25
N SER A 523 28.44 26.48 -0.68
CA SER A 523 28.95 26.47 -2.05
C SER A 523 28.40 27.65 -2.85
N MET A 524 27.30 28.23 -2.40
CA MET A 524 26.73 29.39 -3.08
C MET A 524 27.53 30.65 -2.78
N ASP A 525 27.66 31.49 -3.80
CA ASP A 525 28.31 32.79 -3.67
C ASP A 525 27.32 33.89 -3.34
N TRP A 526 27.45 34.47 -2.15
CA TRP A 526 26.54 35.52 -1.74
C TRP A 526 26.60 36.72 -2.67
N ASP A 527 27.74 36.97 -3.29
CA ASP A 527 27.85 38.16 -4.12
C ASP A 527 27.30 37.95 -5.54
N THR A 528 27.03 36.72 -5.93
CA THR A 528 26.48 36.47 -7.26
C THR A 528 25.08 35.87 -7.21
N LEU A 529 24.80 35.15 -6.14
CA LEU A 529 23.59 34.36 -6.01
C LEU A 529 22.81 34.73 -4.77
N GLY A 530 22.73 36.03 -4.48
CA GLY A 530 22.15 36.45 -3.21
C GLY A 530 20.71 36.03 -3.05
N GLN A 531 19.94 36.02 -4.15
CA GLN A 531 18.55 35.65 -4.03
C GLN A 531 18.43 34.19 -3.69
N GLN A 532 19.34 33.40 -4.23
CA GLN A 532 19.31 31.96 -4.01
C GLN A 532 19.83 31.64 -2.63
N CYS A 533 20.76 32.44 -2.16
CA CYS A 533 21.34 32.22 -0.84
C CYS A 533 20.32 32.52 0.25
N LEU A 534 19.49 33.55 0.04
CA LEU A 534 18.48 33.89 1.02
C LEU A 534 17.37 32.86 1.04
N ILE A 535 17.05 32.33 -0.12
CA ILE A 535 16.01 31.33 -0.18
C ILE A 535 16.51 30.01 0.37
N GLY A 536 17.73 29.64 0.03
CA GLY A 536 18.27 28.38 0.54
C GLY A 536 18.41 28.42 2.06
N MET A 537 18.87 29.56 2.58
CA MET A 537 19.01 29.68 4.03
C MET A 537 17.66 29.65 4.69
N GLY A 538 16.68 30.31 4.08
CA GLY A 538 15.38 30.38 4.71
C GLY A 538 14.73 29.02 4.76
N THR A 539 14.97 28.21 3.74
CA THR A 539 14.40 26.88 3.73
C THR A 539 15.01 26.04 4.84
N ILE A 540 16.31 26.18 5.04
CA ILE A 540 17.00 25.36 6.01
C ILE A 540 16.66 25.79 7.43
N VAL A 541 16.62 27.10 7.68
CA VAL A 541 16.32 27.59 9.00
C VAL A 541 14.86 27.37 9.35
N ASN A 542 13.97 27.57 8.40
CA ASN A 542 12.55 27.37 8.66
C ASN A 542 12.27 25.91 8.91
N HIS A 543 13.05 25.04 8.28
CA HIS A 543 12.91 23.63 8.51
C HIS A 543 13.31 23.26 9.93
N LEU A 544 14.42 23.83 10.39
CA LEU A 544 14.98 23.49 11.68
C LEU A 544 14.26 24.13 12.86
N LEU A 545 13.67 25.29 12.67
CA LEU A 545 13.03 25.97 13.79
C LEU A 545 11.66 25.39 14.07
N ARG A 546 11.18 24.56 13.17
CA ARG A 546 9.92 23.86 13.36
C ARG A 546 10.11 22.63 14.21
N GLN A 547 11.38 22.27 14.42
CA GLN A 547 11.74 21.01 15.07
C GLN A 547 11.99 21.18 16.56
N ARG A 548 11.88 20.08 17.29
CA ARG A 548 12.32 20.07 18.68
C ARG A 548 13.82 20.28 18.71
N LEU A 549 14.30 21.09 19.64
CA LEU A 549 15.72 21.36 19.69
C LEU A 549 16.51 20.17 20.21
N THR A 550 17.61 19.88 19.53
CA THR A 550 18.59 18.89 19.99
C THR A 550 19.95 19.54 19.81
N PRO A 551 21.01 19.06 20.46
CA PRO A 551 22.36 19.56 20.33
C PRO A 551 22.86 19.50 18.89
N GLU A 552 22.38 18.52 18.13
CA GLU A 552 22.76 18.44 16.73
C GLU A 552 22.15 19.56 15.94
N ARG A 553 20.91 19.88 16.28
CA ARG A 553 20.18 20.91 15.56
C ARG A 553 20.66 22.28 15.99
N GLU A 554 21.21 22.38 17.19
CA GLU A 554 21.76 23.66 17.60
C GLU A 554 22.91 24.01 16.69
N ALA A 555 23.72 23.00 16.36
CA ALA A 555 24.84 23.20 15.47
C ALA A 555 24.41 23.49 14.04
N GLN A 556 23.31 22.87 13.61
CA GLN A 556 22.86 23.07 12.25
C GLN A 556 22.27 24.46 12.06
N LEU A 557 21.58 24.96 13.09
CA LEU A 557 21.04 26.30 13.03
C LEU A 557 22.13 27.34 13.08
N GLU A 558 23.13 27.09 13.90
CA GLU A 558 24.23 28.02 14.03
C GLU A 558 25.05 28.08 12.76
N ALA A 559 25.27 26.91 12.15
CA ALA A 559 26.05 26.84 10.93
C ALA A 559 25.36 27.54 9.79
N SER A 560 24.03 27.46 9.75
CA SER A 560 23.30 28.05 8.64
C SER A 560 23.39 29.55 8.65
N LEU A 561 23.39 30.14 9.84
CA LEU A 561 23.54 31.58 9.94
C LEU A 561 25.01 31.96 9.83
N GLY A 562 25.87 31.01 10.16
CA GLY A 562 27.30 31.19 10.09
C GLY A 562 27.77 31.35 8.65
N THR A 563 26.95 30.89 7.70
CA THR A 563 27.33 31.03 6.30
C THR A 563 27.27 32.48 5.86
N PHE A 564 26.55 33.31 6.60
CA PHE A 564 26.52 34.73 6.30
C PHE A 564 27.34 35.56 7.28
N TYR A 565 27.39 35.13 8.54
CA TYR A 565 28.05 35.92 9.56
C TYR A 565 29.54 35.66 9.66
N ALA A 566 29.98 34.50 9.20
CA ALA A 566 31.39 34.16 9.26
C ALA A 566 31.86 33.63 7.92
N PRO A 567 31.87 34.47 6.88
CA PRO A 567 32.32 34.19 5.54
C PRO A 567 33.83 34.05 5.52
N THR A 568 34.34 33.32 4.54
CA THR A 568 35.77 33.28 4.30
C THR A 568 36.18 34.51 3.52
N ARG A 569 35.19 35.17 2.92
CA ARG A 569 35.42 36.31 2.07
C ARG A 569 34.91 37.63 2.69
N PRO A 570 35.80 38.52 3.14
CA PRO A 570 35.51 39.80 3.78
C PRO A 570 34.92 40.82 2.80
N LEU A 571 34.98 40.48 1.52
CA LEU A 571 34.49 41.32 0.44
C LEU A 571 32.97 41.26 0.40
N LEU A 572 32.42 40.39 1.24
CA LEU A 572 30.99 40.24 1.40
C LEU A 572 30.39 41.55 1.89
N ASP A 573 31.23 42.43 2.44
CA ASP A 573 30.78 43.72 2.97
C ASP A 573 30.12 44.54 1.87
N THR A 574 30.43 44.21 0.62
CA THR A 574 29.83 44.87 -0.52
C THR A 574 28.31 44.64 -0.56
N THR A 575 27.87 43.44 -0.17
CA THR A 575 26.47 43.07 -0.25
C THR A 575 25.80 42.83 1.11
N ILE A 576 26.52 43.09 2.20
CA ILE A 576 25.94 42.86 3.52
C ILE A 576 24.68 43.67 3.72
N LEU A 577 24.63 44.87 3.18
CA LEU A 577 23.48 45.73 3.40
C LEU A 577 22.21 45.16 2.79
N GLU A 578 22.35 44.31 1.77
CA GLU A 578 21.19 43.69 1.14
C GLU A 578 20.65 42.51 1.93
N TYR A 579 21.57 41.75 2.55
CA TYR A 579 21.20 40.49 3.16
C TYR A 579 21.07 40.57 4.68
N ARG A 580 21.62 41.60 5.28
CA ARG A 580 21.70 41.65 6.73
C ARG A 580 20.33 41.60 7.38
N GLU A 581 19.35 42.25 6.78
CA GLU A 581 18.03 42.30 7.40
C GLU A 581 17.35 40.94 7.56
N PRO A 582 17.10 40.17 6.49
CA PRO A 582 16.45 38.87 6.55
C PRO A 582 17.27 37.85 7.31
N VAL A 583 18.58 38.03 7.35
CA VAL A 583 19.38 37.08 8.08
C VAL A 583 19.30 37.37 9.57
N SER A 584 19.31 38.64 9.93
CA SER A 584 19.22 39.02 11.33
C SER A 584 17.86 38.66 11.89
N LYS A 585 16.85 38.69 11.04
CA LYS A 585 15.54 38.28 11.48
C LYS A 585 15.54 36.78 11.80
N TYR A 586 16.30 36.00 11.06
CA TYR A 586 16.43 34.59 11.41
C TYR A 586 17.23 34.43 12.70
N ALA A 587 18.23 35.28 12.90
CA ALA A 587 19.02 35.21 14.10
C ALA A 587 18.20 35.54 15.34
N ARG A 588 17.23 36.43 15.19
CA ARG A 588 16.38 36.77 16.31
C ARG A 588 15.51 35.59 16.66
N ARG A 589 15.07 34.87 15.64
CA ARG A 589 14.26 33.69 15.87
C ARG A 589 15.07 32.62 16.57
N LEU A 590 16.35 32.53 16.22
CA LEU A 590 17.19 31.53 16.85
C LEU A 590 17.43 31.86 18.30
N PHE A 591 17.55 33.14 18.61
CA PHE A 591 17.75 33.56 19.98
C PHE A 591 16.58 33.13 20.85
N HIS A 592 15.38 33.38 20.36
CA HIS A 592 14.19 33.07 21.14
C HIS A 592 14.04 31.57 21.29
N HIS A 593 14.39 30.85 20.24
CA HIS A 593 14.25 29.40 20.23
C HIS A 593 15.20 28.76 21.23
N LEU A 594 16.42 29.28 21.32
CA LEU A 594 17.41 28.70 22.22
C LEU A 594 17.24 29.15 23.67
N LEU A 595 16.62 30.32 23.87
CA LEU A 595 16.37 30.80 25.22
C LEU A 595 15.32 29.92 25.89
N ARG A 596 14.33 29.50 25.12
CA ARG A 596 13.25 28.69 25.64
C ARG A 596 13.73 27.32 26.11
N TYR A 597 14.87 26.89 25.59
CA TYR A 597 15.45 25.60 25.95
C TYR A 597 16.58 25.76 26.97
N LYS A 598 16.70 26.98 27.49
CA LYS A 598 17.62 27.29 28.58
C LYS A 598 19.04 26.93 28.23
N ARG A 599 19.46 27.20 27.00
CA ARG A 599 20.84 26.92 26.63
C ARG A 599 21.75 28.02 27.11
N PHE A 600 21.21 29.24 27.19
CA PHE A 600 21.86 30.42 27.75
C PHE A 600 23.02 30.98 26.95
N GLU A 601 24.06 30.19 26.78
CA GLU A 601 25.31 30.71 26.24
C GLU A 601 25.19 31.13 24.79
N LYS A 602 24.43 30.37 24.01
CA LYS A 602 24.29 30.72 22.62
C LYS A 602 23.44 31.95 22.45
N ALA A 603 22.39 32.06 23.27
CA ALA A 603 21.51 33.21 23.22
C ALA A 603 22.27 34.45 23.68
N PHE A 604 23.19 34.24 24.61
CA PHE A 604 24.00 35.30 25.16
C PHE A 604 24.90 35.89 24.07
N LEU A 605 25.52 35.03 23.29
CA LEU A 605 26.40 35.47 22.23
C LEU A 605 25.66 35.95 20.99
N LEU A 606 24.47 35.40 20.73
CA LEU A 606 23.72 35.81 19.57
C LEU A 606 23.28 37.24 19.71
N ALA A 607 22.92 37.64 20.93
CA ALA A 607 22.48 39.00 21.15
C ALA A 607 23.60 39.98 20.84
N VAL A 608 24.84 39.54 21.05
CA VAL A 608 26.00 40.38 20.79
C VAL A 608 26.21 40.56 19.30
N ASP A 609 26.05 39.48 18.53
CA ASP A 609 26.20 39.55 17.09
C ASP A 609 25.04 40.29 16.43
N ILE A 610 23.85 40.17 17.02
CA ILE A 610 22.66 40.81 16.49
C ILE A 610 22.68 42.31 16.76
N GLY A 611 23.09 42.68 17.97
CA GLY A 611 23.25 44.09 18.34
C GLY A 611 21.93 44.79 18.67
N ALA A 612 20.89 44.02 18.94
CA ALA A 612 19.59 44.60 19.27
C ALA A 612 19.62 45.28 20.63
N ARG A 613 18.92 46.40 20.75
CA ARG A 613 18.86 47.13 22.02
C ARG A 613 18.10 46.40 23.12
N ASP A 614 16.98 45.77 22.78
CA ASP A 614 16.13 45.15 23.77
C ASP A 614 16.39 43.67 23.99
N LEU A 615 17.10 43.03 23.07
CA LEU A 615 17.22 41.57 23.11
C LEU A 615 18.05 41.12 24.30
N PHE A 616 18.93 41.99 24.76
CA PHE A 616 19.78 41.72 25.91
C PHE A 616 18.92 41.65 27.16
N MET A 617 17.76 42.26 27.10
CA MET A 617 16.86 42.35 28.24
C MET A 617 16.14 41.01 28.49
N ASP A 618 16.09 40.14 27.47
CA ASP A 618 15.50 38.81 27.66
C ASP A 618 16.53 37.96 28.38
N ILE A 619 17.78 38.29 28.12
CA ILE A 619 18.90 37.77 28.88
C ILE A 619 18.81 38.51 30.21
N HIS A 620 19.19 37.84 31.30
CA HIS A 620 18.99 38.35 32.66
C HIS A 620 17.55 38.13 33.15
N TYR A 621 16.56 38.49 32.35
CA TYR A 621 15.20 38.23 32.78
C TYR A 621 15.00 36.75 33.05
N LEU A 622 15.53 35.90 32.18
CA LEU A 622 15.47 34.46 32.45
C LEU A 622 16.31 34.10 33.65
N ALA A 623 17.43 34.80 33.81
CA ALA A 623 18.37 34.52 34.89
C ALA A 623 17.73 34.75 36.24
N LEU A 624 16.75 35.62 36.30
CA LEU A 624 16.12 35.93 37.57
C LEU A 624 15.40 34.71 38.13
N ASP A 625 14.96 33.80 37.26
CA ASP A 625 14.31 32.58 37.72
C ASP A 625 15.23 31.36 37.70
N MET A 626 16.51 31.58 37.38
CA MET A 626 17.43 30.45 37.22
C MET A 626 18.68 30.59 38.10
N GLY A 627 19.02 31.82 38.44
CA GLY A 627 20.20 32.14 39.24
C GLY A 627 21.43 32.40 38.36
N GLU A 628 21.29 32.15 37.06
CA GLU A 628 22.40 32.29 36.14
C GLU A 628 22.50 33.71 35.60
N LEU A 629 22.90 34.65 36.45
CA LEU A 629 22.93 36.05 36.08
C LEU A 629 24.26 36.41 35.45
N ALA A 630 24.52 35.82 34.29
CA ALA A 630 25.78 36.06 33.57
C ALA A 630 25.86 37.48 33.03
N LEU A 631 24.72 38.04 32.64
CA LEU A 631 24.70 39.38 32.10
C LEU A 631 24.28 40.39 33.16
N ALA A 632 23.39 39.96 34.04
CA ALA A 632 22.91 40.81 35.12
C ALA A 632 22.45 42.18 34.59
N GLU A 633 22.98 43.24 35.22
CA GLU A 633 22.60 44.62 34.92
C GLU A 633 23.16 45.11 33.61
N VAL A 634 24.11 44.37 33.07
CA VAL A 634 24.86 44.79 31.89
C VAL A 634 23.92 44.91 30.72
N ALA A 635 22.80 44.19 30.78
CA ALA A 635 21.82 44.24 29.71
C ALA A 635 21.29 45.65 29.56
N ARG A 636 21.17 46.36 30.68
CA ARG A 636 20.60 47.69 30.64
C ARG A 636 21.64 48.70 30.18
N ARG A 637 22.90 48.46 30.53
CA ARG A 637 23.94 49.37 30.06
C ARG A 637 24.10 49.24 28.57
N ARG A 638 23.97 48.02 28.07
CA ARG A 638 24.09 47.79 26.64
C ARG A 638 22.92 48.43 25.90
N ALA A 639 21.74 48.37 26.50
CA ALA A 639 20.59 49.00 25.88
C ALA A 639 20.77 50.51 25.76
N HIS A 640 21.43 51.10 26.76
CA HIS A 640 21.68 52.53 26.75
C HIS A 640 22.72 52.93 25.73
N ASP A 641 23.70 52.06 25.52
CA ASP A 641 24.77 52.32 24.56
C ASP A 641 24.33 52.16 23.10
N ILE A 642 23.39 51.23 22.85
CA ILE A 642 22.84 50.96 21.53
C ILE A 642 21.79 52.02 21.19
N GLU B 76 -12.89 49.31 19.23
CA GLU B 76 -13.68 48.67 18.19
C GLU B 76 -14.05 47.25 18.60
N TRP B 77 -13.08 46.33 18.50
CA TRP B 77 -13.24 44.92 18.85
C TRP B 77 -13.10 44.71 20.34
N LEU B 78 -12.66 45.75 21.03
CA LEU B 78 -12.40 45.69 22.45
C LEU B 78 -13.69 45.45 23.22
N ASP B 79 -14.79 45.95 22.68
CA ASP B 79 -16.09 45.82 23.33
C ASP B 79 -16.63 44.40 23.22
N SER B 80 -16.05 43.62 22.32
CA SER B 80 -16.49 42.26 22.07
C SER B 80 -15.72 41.27 22.94
N VAL B 81 -14.77 41.77 23.72
CA VAL B 81 -13.98 40.89 24.56
C VAL B 81 -14.82 40.39 25.73
N GLN B 82 -14.77 39.09 25.93
CA GLN B 82 -15.55 38.40 26.94
C GLN B 82 -14.86 38.41 28.29
N LYS B 83 -15.62 38.19 29.34
CA LYS B 83 -15.13 38.25 30.70
C LYS B 83 -14.06 37.19 30.97
N ASN B 84 -14.08 36.11 30.18
CA ASN B 84 -13.11 35.04 30.33
C ASN B 84 -11.92 35.23 29.38
N GLY B 85 -11.87 36.40 28.74
CA GLY B 85 -10.75 36.77 27.88
C GLY B 85 -10.93 36.37 26.42
N GLU B 86 -11.98 35.61 26.12
CA GLU B 86 -12.23 35.18 24.74
C GLU B 86 -12.74 36.33 23.88
N LEU B 87 -12.26 36.38 22.64
CA LEU B 87 -12.77 37.36 21.69
C LEU B 87 -13.16 36.72 20.37
N PHE B 88 -14.37 37.02 19.90
CA PHE B 88 -14.74 36.62 18.55
C PHE B 88 -15.39 37.79 17.82
N TYR B 89 -14.60 38.54 17.06
CA TYR B 89 -15.11 39.70 16.36
C TYR B 89 -15.17 39.46 14.85
N LEU B 90 -16.32 39.70 14.24
CA LEU B 90 -16.43 39.54 12.79
C LEU B 90 -17.13 40.73 12.12
N GLU B 91 -16.51 41.23 11.05
CA GLU B 91 -17.11 42.25 10.20
C GLU B 91 -17.00 41.86 8.73
N LEU B 92 -18.09 42.01 7.98
CA LEU B 92 -18.07 41.68 6.56
C LEU B 92 -18.09 42.94 5.70
N SER B 93 -17.46 42.88 4.51
CA SER B 93 -17.37 44.00 3.58
C SER B 93 -18.73 44.36 3.00
N GLN B 325 -32.23 24.73 12.33
CA GLN B 325 -31.82 23.42 11.83
C GLN B 325 -33.00 22.47 11.60
N HIS B 326 -34.18 23.02 11.27
CA HIS B 326 -35.41 22.24 11.13
C HIS B 326 -35.32 21.22 10.00
N SER B 327 -34.52 21.54 9.00
CA SER B 327 -34.35 20.68 7.83
C SER B 327 -33.60 19.39 8.16
N THR B 328 -32.87 19.39 9.27
CA THR B 328 -32.09 18.22 9.67
C THR B 328 -32.82 17.38 10.69
N LEU B 329 -33.96 17.83 11.18
CA LEU B 329 -34.53 17.20 12.36
C LEU B 329 -35.37 15.97 12.02
N SER B 330 -35.59 15.76 10.73
CA SER B 330 -36.24 14.53 10.29
C SER B 330 -35.22 13.39 10.27
N ILE B 331 -33.94 13.75 10.29
CA ILE B 331 -32.85 12.79 10.19
C ILE B 331 -32.17 12.62 11.55
N PRO B 332 -32.22 11.43 12.15
CA PRO B 332 -31.75 11.18 13.50
C PRO B 332 -30.25 11.43 13.62
N HIS B 333 -29.85 12.12 14.68
CA HIS B 333 -28.45 12.36 15.00
C HIS B 333 -28.28 12.72 16.47
N ILE B 334 -27.12 12.42 17.05
CA ILE B 334 -26.88 12.87 18.43
C ILE B 334 -25.40 13.02 18.78
N SER B 335 -25.09 13.95 19.68
CA SER B 335 -23.82 13.94 20.38
C SER B 335 -24.06 13.91 21.88
N MET B 336 -23.28 13.11 22.60
CA MET B 336 -23.41 13.06 24.05
C MET B 336 -22.06 12.98 24.74
N TYR B 337 -21.96 13.55 25.94
CA TYR B 337 -20.83 13.28 26.79
C TYR B 337 -21.34 12.66 28.07
N LEU B 338 -20.83 11.49 28.38
CA LEU B 338 -21.33 10.74 29.51
C LEU B 338 -20.27 10.48 30.58
N THR B 339 -20.69 10.44 31.83
CA THR B 339 -19.83 9.94 32.88
C THR B 339 -19.98 8.45 33.00
N LEU B 340 -18.86 7.74 33.12
CA LEU B 340 -18.92 6.30 33.25
C LEU B 340 -19.02 5.90 34.72
N GLN B 341 -18.96 6.86 35.61
CA GLN B 341 -19.08 6.54 37.03
C GLN B 341 -20.53 6.63 37.47
N LEU B 342 -21.16 5.47 37.60
CA LEU B 342 -22.56 5.38 38.00
C LEU B 342 -22.74 5.67 39.48
N GLN B 343 -23.80 6.39 39.81
CA GLN B 343 -24.22 6.56 41.20
C GLN B 343 -25.67 6.11 41.33
N SER B 344 -25.86 4.81 41.47
CA SER B 344 -27.19 4.21 41.42
C SER B 344 -28.02 4.61 42.64
N GLU B 345 -27.33 5.05 43.68
CA GLU B 345 -27.98 5.52 44.89
C GLU B 345 -28.70 6.84 44.65
N ALA B 346 -28.28 7.58 43.63
CA ALA B 346 -28.89 8.86 43.31
C ALA B 346 -30.26 8.67 42.72
N ALA B 347 -31.19 9.55 43.07
CA ALA B 347 -32.52 9.54 42.49
C ALA B 347 -32.56 10.29 41.17
N ARG B 348 -31.47 10.98 40.85
CA ARG B 348 -31.45 11.83 39.68
C ARG B 348 -31.49 11.02 38.39
N GLU B 349 -32.36 11.43 37.48
CA GLU B 349 -32.49 10.82 36.18
C GLU B 349 -31.44 11.36 35.23
N GLU B 350 -31.02 10.54 34.28
CA GLU B 350 -30.06 10.97 33.28
C GLU B 350 -28.83 11.52 33.99
N GLN B 351 -28.43 10.86 35.06
CA GLN B 351 -27.29 11.27 35.85
C GLN B 351 -26.01 11.05 35.11
N GLU B 352 -26.07 10.14 34.15
CA GLU B 352 -24.98 9.79 33.29
C GLU B 352 -24.68 10.86 32.25
N ILE B 353 -25.65 11.71 31.92
CA ILE B 353 -25.42 12.66 30.84
C ILE B 353 -24.91 13.96 31.36
N LEU B 354 -23.70 14.33 30.96
CA LEU B 354 -23.15 15.60 31.39
C LEU B 354 -23.50 16.68 30.39
N TYR B 355 -23.58 16.29 29.12
CA TYR B 355 -23.98 17.17 28.05
C TYR B 355 -24.58 16.40 26.88
N HIS B 356 -25.54 17.00 26.19
CA HIS B 356 -25.95 16.43 24.90
C HIS B 356 -26.46 17.52 23.96
N TYR B 357 -26.42 17.21 22.66
CA TYR B 357 -26.96 18.10 21.64
C TYR B 357 -27.35 17.30 20.43
N PRO B 358 -28.37 17.72 19.69
CA PRO B 358 -29.38 18.74 19.89
C PRO B 358 -30.45 18.33 20.86
N VAL B 359 -31.28 19.28 21.27
CA VAL B 359 -32.51 18.89 21.92
C VAL B 359 -33.60 18.89 20.86
N SER B 360 -34.00 17.69 20.44
CA SER B 360 -34.88 17.54 19.29
C SER B 360 -35.53 16.17 19.24
N GLU B 361 -36.52 16.02 18.36
CA GLU B 361 -37.06 14.70 18.07
C GLU B 361 -35.98 13.83 17.43
N ALA B 362 -35.11 14.45 16.64
CA ALA B 362 -34.06 13.74 15.92
C ALA B 362 -33.07 13.07 16.86
N SER B 363 -32.82 13.68 18.01
CA SER B 363 -31.88 13.12 18.96
C SER B 363 -32.55 12.37 20.08
N GLN B 364 -33.83 12.59 20.29
CA GLN B 364 -34.49 12.01 21.45
C GLN B 364 -34.53 10.49 21.36
N LYS B 365 -34.68 9.96 20.16
CA LYS B 365 -34.75 8.53 20.03
C LYS B 365 -33.40 7.88 20.38
N LEU B 366 -32.31 8.51 19.97
CA LEU B 366 -31.00 7.98 20.30
C LEU B 366 -30.69 8.13 21.77
N LYS B 367 -31.17 9.22 22.37
CA LYS B 367 -30.95 9.44 23.78
C LYS B 367 -31.62 8.34 24.61
N SER B 368 -32.75 7.85 24.12
CA SER B 368 -33.54 6.89 24.88
C SER B 368 -32.88 5.52 24.92
N VAL B 369 -31.90 5.30 24.07
CA VAL B 369 -31.21 4.02 24.00
C VAL B 369 -29.77 4.13 24.48
N ARG B 370 -29.45 5.23 25.16
CA ARG B 370 -28.08 5.55 25.52
C ARG B 370 -27.45 4.53 26.44
N GLY B 371 -28.27 3.77 27.13
CA GLY B 371 -27.78 2.76 28.06
C GLY B 371 -27.00 1.69 27.31
N ILE B 372 -27.27 1.55 26.02
CA ILE B 372 -26.56 0.59 25.20
C ILE B 372 -25.10 0.97 25.06
N PHE B 373 -24.84 2.25 24.90
CA PHE B 373 -23.49 2.69 24.66
C PHE B 373 -22.65 2.51 25.90
N LEU B 374 -23.25 2.81 27.05
CA LEU B 374 -22.52 2.66 28.29
C LEU B 374 -22.25 1.20 28.59
N THR B 375 -23.20 0.34 28.28
CA THR B 375 -23.03 -1.07 28.56
C THR B 375 -21.91 -1.66 27.74
N LEU B 376 -21.88 -1.29 26.47
CA LEU B 376 -20.88 -1.85 25.59
C LEU B 376 -19.50 -1.30 25.89
N CYS B 377 -19.42 -0.03 26.25
CA CYS B 377 -18.11 0.56 26.42
C CYS B 377 -17.32 -0.12 27.51
N ASP B 378 -17.96 -0.40 28.63
CA ASP B 378 -17.24 -1.08 29.70
C ASP B 378 -17.17 -2.58 29.49
N MET B 379 -18.24 -3.17 28.98
CA MET B 379 -18.29 -4.62 28.91
C MET B 379 -17.43 -5.19 27.80
N LEU B 380 -17.40 -4.54 26.65
CA LEU B 380 -16.60 -5.08 25.57
C LEU B 380 -15.13 -4.90 25.88
N GLU B 381 -14.80 -3.80 26.54
CA GLU B 381 -13.41 -3.53 26.89
C GLU B 381 -12.92 -4.57 27.87
N SER B 382 -13.79 -4.99 28.78
CA SER B 382 -13.42 -5.99 29.75
C SER B 382 -13.19 -7.35 29.08
N VAL B 383 -13.86 -7.57 27.96
CA VAL B 383 -13.70 -8.82 27.22
C VAL B 383 -12.48 -8.84 26.32
N THR B 384 -12.23 -7.75 25.59
CA THR B 384 -11.19 -7.76 24.59
C THR B 384 -9.89 -7.13 25.07
N GLY B 385 -9.95 -6.34 26.13
CA GLY B 385 -8.77 -5.67 26.67
C GLY B 385 -8.50 -4.37 25.92
N THR B 386 -9.42 -3.97 25.05
CA THR B 386 -9.24 -2.78 24.25
C THR B 386 -10.48 -1.90 24.23
N GLN B 387 -10.28 -0.65 23.86
CA GLN B 387 -11.35 0.33 23.80
C GLN B 387 -12.33 0.04 22.68
N VAL B 388 -13.61 0.27 22.95
CA VAL B 388 -14.68 0.22 21.96
C VAL B 388 -14.58 1.44 21.06
N THR B 389 -14.68 1.24 19.76
CA THR B 389 -14.54 2.36 18.84
C THR B 389 -15.83 2.75 18.11
N SER B 390 -16.73 1.79 17.89
CA SER B 390 -17.96 2.11 17.18
C SER B 390 -19.10 1.13 17.40
N SER B 391 -20.30 1.53 17.00
CA SER B 391 -21.47 0.67 16.93
C SER B 391 -22.40 1.09 15.81
N SER B 392 -23.27 0.20 15.38
CA SER B 392 -24.19 0.51 14.30
C SER B 392 -25.59 0.03 14.62
N LEU B 393 -26.55 0.92 14.45
CA LEU B 393 -27.93 0.69 14.82
C LEU B 393 -28.90 1.00 13.70
N HIS B 394 -30.07 0.35 13.67
CA HIS B 394 -31.13 0.84 12.80
C HIS B 394 -32.21 1.53 13.62
N LEU B 395 -32.54 2.74 13.22
CA LEU B 395 -33.52 3.56 13.93
C LEU B 395 -34.54 4.10 12.94
N ASN B 396 -35.82 3.81 13.17
CA ASN B 396 -36.86 4.19 12.23
C ASN B 396 -36.57 3.68 10.83
N GLY B 397 -35.96 2.50 10.73
CA GLY B 397 -35.67 1.89 9.44
C GLY B 397 -34.38 2.41 8.80
N LYS B 398 -33.70 3.35 9.44
CA LYS B 398 -32.49 3.95 8.88
C LYS B 398 -31.24 3.54 9.65
N GLN B 399 -30.16 3.23 8.94
CA GLN B 399 -28.93 2.88 9.62
C GLN B 399 -28.18 4.10 10.15
N ILE B 400 -27.70 3.98 11.39
CA ILE B 400 -26.92 5.00 12.07
C ILE B 400 -25.62 4.44 12.62
N HIS B 401 -24.52 5.14 12.41
CA HIS B 401 -23.26 4.73 13.01
C HIS B 401 -22.94 5.62 14.21
N VAL B 402 -22.46 5.00 15.28
CA VAL B 402 -22.03 5.72 16.48
C VAL B 402 -20.58 5.46 16.80
N ALA B 403 -19.81 6.51 17.03
CA ALA B 403 -18.41 6.36 17.39
C ALA B 403 -18.17 6.63 18.85
N TYR B 404 -17.18 5.94 19.42
CA TYR B 404 -16.84 6.08 20.82
C TYR B 404 -15.44 6.63 21.01
N LEU B 405 -15.29 7.50 22.00
CA LEU B 405 -13.96 7.88 22.44
C LEU B 405 -13.93 8.00 23.96
N LYS B 406 -13.04 7.26 24.61
CA LYS B 406 -12.98 7.24 26.06
C LYS B 406 -11.71 7.84 26.62
N GLU B 407 -11.86 8.81 27.53
CA GLU B 407 -10.73 9.38 28.24
C GLU B 407 -11.05 9.61 29.70
N SER B 408 -10.14 9.23 30.59
CA SER B 408 -10.24 9.60 32.01
C SER B 408 -11.62 9.29 32.61
N ASP B 409 -12.12 8.08 32.35
CA ASP B 409 -13.39 7.55 32.85
C ASP B 409 -14.63 8.29 32.34
N LYS B 410 -14.46 9.08 31.28
CA LYS B 410 -15.59 9.72 30.61
C LYS B 410 -15.71 9.23 29.18
N LEU B 411 -16.91 9.26 28.64
CA LEU B 411 -17.13 8.78 27.28
C LEU B 411 -17.78 9.82 26.36
N LEU B 412 -17.19 10.01 25.19
CA LEU B 412 -17.76 10.87 24.16
C LEU B 412 -18.38 10.01 23.06
N LEU B 413 -19.61 10.33 22.67
CA LEU B 413 -20.30 9.61 21.60
C LEU B 413 -20.83 10.52 20.52
N ILE B 414 -20.61 10.13 19.26
CA ILE B 414 -21.24 10.82 18.13
C ILE B 414 -21.99 9.86 17.23
N GLY B 415 -23.25 10.16 16.93
CA GLY B 415 -24.02 9.30 16.03
C GLY B 415 -24.54 10.05 14.82
N LEU B 416 -24.32 9.46 13.65
CA LEU B 416 -24.77 10.01 12.37
C LEU B 416 -25.33 8.90 11.48
N PRO B 417 -26.29 9.20 10.60
CA PRO B 417 -26.87 8.29 9.63
C PRO B 417 -25.82 7.78 8.66
N ALA B 418 -25.94 6.52 8.31
CA ALA B 418 -25.03 5.86 7.39
C ALA B 418 -25.14 6.41 5.97
N GLU B 419 -26.31 6.91 5.62
CA GLU B 419 -26.54 7.36 4.26
C GLU B 419 -25.65 8.55 3.91
N GLU B 420 -25.43 9.44 4.87
CA GLU B 420 -24.62 10.61 4.63
C GLU B 420 -23.18 10.39 5.07
N VAL B 421 -23.00 9.53 6.07
CA VAL B 421 -21.69 9.35 6.68
C VAL B 421 -21.29 7.88 6.80
N PRO B 422 -20.36 7.42 5.97
CA PRO B 422 -19.72 6.11 6.04
C PRO B 422 -18.97 6.00 7.34
N LEU B 423 -18.91 4.80 7.89
CA LEU B 423 -18.25 4.62 9.17
C LEU B 423 -16.85 5.23 9.30
N PRO B 424 -15.93 5.07 8.33
CA PRO B 424 -14.59 5.60 8.42
C PRO B 424 -14.57 7.13 8.47
N GLN B 425 -15.63 7.76 7.96
CA GLN B 425 -15.68 9.20 8.06
C GLN B 425 -16.05 9.57 9.48
N LEU B 426 -16.90 8.74 10.08
CA LEU B 426 -17.35 9.03 11.43
C LEU B 426 -16.23 8.87 12.42
N ARG B 427 -15.39 7.86 12.20
CA ARG B 427 -14.27 7.64 13.11
C ARG B 427 -13.29 8.79 13.03
N ASN B 428 -13.10 9.33 11.84
CA ASN B 428 -12.20 10.45 11.74
C ASN B 428 -12.85 11.67 12.35
N MET B 429 -14.17 11.77 12.26
CA MET B 429 -14.85 12.92 12.84
C MET B 429 -14.86 12.92 14.37
N ILE B 430 -14.92 11.75 15.00
CA ILE B 430 -14.88 11.77 16.46
C ILE B 430 -13.50 12.10 16.95
N GLU B 431 -12.49 11.64 16.23
CA GLU B 431 -11.12 12.00 16.59
C GLU B 431 -10.91 13.49 16.40
N ASP B 432 -11.54 14.04 15.36
CA ASP B 432 -11.38 15.46 15.06
C ASP B 432 -12.09 16.29 16.11
N VAL B 433 -13.25 15.82 16.55
CA VAL B 433 -13.98 16.58 17.55
C VAL B 433 -13.29 16.52 18.89
N ALA B 434 -12.83 15.36 19.29
CA ALA B 434 -12.19 15.26 20.57
C ALA B 434 -10.92 16.09 20.59
N GLN B 435 -10.21 16.10 19.47
CA GLN B 435 -8.97 16.85 19.44
C GLN B 435 -9.20 18.35 19.40
N THR B 436 -10.25 18.78 18.71
CA THR B 436 -10.51 20.21 18.62
C THR B 436 -11.04 20.71 19.96
N LEU B 437 -11.81 19.88 20.64
CA LEU B 437 -12.30 20.27 21.96
C LEU B 437 -11.13 20.37 22.91
N LYS B 438 -10.18 19.46 22.79
CA LYS B 438 -9.01 19.53 23.63
C LYS B 438 -8.17 20.75 23.30
N PHE B 439 -8.12 21.13 22.04
CA PHE B 439 -7.36 22.29 21.67
C PHE B 439 -7.96 23.54 22.29
N MET B 440 -9.29 23.62 22.26
CA MET B 440 -9.96 24.80 22.80
C MET B 440 -10.08 24.83 24.34
N TYR B 441 -10.21 23.65 24.97
CA TYR B 441 -10.49 23.62 26.41
C TYR B 441 -9.55 22.81 27.28
N GLY B 442 -8.58 22.13 26.70
CA GLY B 442 -7.83 21.16 27.50
C GLY B 442 -8.66 19.89 27.62
N SER B 443 -8.48 19.13 28.69
CA SER B 443 -9.09 17.81 28.76
C SER B 443 -10.61 17.94 28.69
N LEU B 444 -11.28 16.90 28.22
CA LEU B 444 -12.68 17.03 27.81
C LEU B 444 -13.59 17.43 28.96
N ASP B 445 -13.24 17.04 30.17
CA ASP B 445 -14.06 17.45 31.30
C ASP B 445 -14.07 18.96 31.44
N SER B 446 -13.00 19.61 31.03
CA SER B 446 -12.94 21.05 31.18
C SER B 446 -13.93 21.71 30.24
N ALA B 447 -14.29 21.02 29.17
CA ALA B 447 -15.26 21.57 28.24
C ALA B 447 -16.69 21.29 28.68
N PHE B 448 -16.95 20.07 29.12
CA PHE B 448 -18.32 19.63 29.36
C PHE B 448 -18.85 19.80 30.78
N CYS B 449 -18.01 19.56 31.77
CA CYS B 449 -18.51 19.41 33.13
C CYS B 449 -18.75 20.75 33.77
N GLN B 450 -18.33 21.80 33.09
CA GLN B 450 -18.45 23.15 33.61
C GLN B 450 -19.89 23.63 33.56
N VAL B 451 -20.71 23.00 32.71
CA VAL B 451 -22.13 23.35 32.54
C VAL B 451 -22.34 24.66 31.80
N GLU B 452 -21.67 25.70 32.23
CA GLU B 452 -21.78 27.04 31.69
C GLU B 452 -21.32 27.12 30.25
N ASN B 453 -20.55 26.13 29.83
CA ASN B 453 -20.04 26.12 28.47
C ASN B 453 -21.06 25.56 27.48
N ALA B 454 -22.16 25.02 28.00
CA ALA B 454 -23.12 24.37 27.14
C ALA B 454 -23.62 25.24 25.98
N PRO B 455 -23.92 26.54 26.19
CA PRO B 455 -24.47 27.43 25.20
C PRO B 455 -23.54 27.64 24.01
N ARG B 456 -22.24 27.41 24.19
CA ARG B 456 -21.34 27.56 23.06
C ARG B 456 -20.94 26.20 22.49
N LEU B 457 -21.09 25.16 23.30
CA LEU B 457 -20.87 23.81 22.80
C LEU B 457 -21.98 23.46 21.84
N ASP B 458 -23.16 24.01 22.10
CA ASP B 458 -24.28 23.77 21.23
C ASP B 458 -24.02 24.35 19.84
N HIS B 459 -23.34 25.49 19.79
CA HIS B 459 -23.06 26.12 18.52
C HIS B 459 -22.03 25.31 17.75
N PHE B 460 -21.05 24.78 18.48
CA PHE B 460 -20.02 23.96 17.87
C PHE B 460 -20.63 22.72 17.24
N PHE B 461 -21.50 22.07 17.98
CA PHE B 461 -22.13 20.86 17.48
C PHE B 461 -23.16 21.16 16.42
N SER B 462 -23.80 22.32 16.50
CA SER B 462 -24.78 22.69 15.50
C SER B 462 -24.13 22.81 14.13
N LEU B 463 -22.95 23.40 14.08
CA LEU B 463 -22.24 23.51 12.81
C LEU B 463 -21.73 22.16 12.34
N PHE B 464 -21.31 21.33 13.28
CA PHE B 464 -20.80 20.01 12.95
C PHE B 464 -21.85 19.16 12.28
N PHE B 465 -23.04 19.15 12.86
CA PHE B 465 -24.10 18.33 12.33
C PHE B 465 -24.65 18.87 11.02
N GLU B 466 -24.70 20.18 10.89
CA GLU B 466 -25.25 20.75 9.68
C GLU B 466 -24.39 20.39 8.49
N ARG B 467 -23.07 20.43 8.67
CA ARG B 467 -22.20 20.09 7.57
C ARG B 467 -22.23 18.60 7.27
N ALA B 468 -22.33 17.79 8.31
CA ALA B 468 -22.31 16.35 8.12
C ALA B 468 -23.56 15.84 7.43
N LEU B 469 -24.70 16.45 7.71
CA LEU B 469 -25.96 15.94 7.16
C LEU B 469 -26.38 16.63 5.88
N ARG B 470 -25.98 17.88 5.72
CA ARG B 470 -26.39 18.64 4.55
C ARG B 470 -25.19 19.36 3.94
N PRO B 471 -24.21 18.62 3.44
CA PRO B 471 -22.93 19.14 3.03
C PRO B 471 -23.13 20.12 1.89
N GLY B 472 -22.47 21.27 1.99
CA GLY B 472 -22.52 22.26 0.94
C GLY B 472 -23.79 23.09 0.99
N LYS B 473 -24.63 22.85 1.99
CA LYS B 473 -25.88 23.60 2.10
C LYS B 473 -25.80 24.83 3.02
N LEU B 474 -24.69 24.96 3.77
CA LEU B 474 -24.50 26.03 4.76
C LEU B 474 -24.38 27.40 4.08
N SER B 481 -20.67 26.06 -9.39
CA SER B 481 -20.59 24.67 -8.93
C SER B 481 -19.44 24.42 -7.94
N ALA B 482 -18.68 25.47 -7.61
CA ALA B 482 -17.51 25.38 -6.74
C ALA B 482 -17.88 24.96 -5.31
N GLN B 483 -19.06 25.35 -4.87
CA GLN B 483 -19.51 24.98 -3.54
C GLN B 483 -19.87 23.52 -3.47
N GLN B 484 -20.36 22.99 -4.59
CA GLN B 484 -20.72 21.60 -4.67
C GLN B 484 -19.46 20.76 -4.74
N TYR B 485 -18.42 21.32 -5.36
CA TYR B 485 -17.13 20.66 -5.39
C TYR B 485 -16.56 20.55 -4.00
N ALA B 486 -16.66 21.62 -3.24
CA ALA B 486 -16.12 21.61 -1.90
C ALA B 486 -16.85 20.58 -1.05
N ALA B 487 -18.15 20.43 -1.27
CA ALA B 487 -18.90 19.43 -0.53
C ALA B 487 -18.45 18.03 -0.90
N ALA B 488 -18.11 17.85 -2.18
CA ALA B 488 -17.67 16.54 -2.65
C ALA B 488 -16.30 16.17 -2.10
N SER B 489 -15.45 17.18 -1.91
CA SER B 489 -14.09 16.92 -1.47
C SER B 489 -13.94 16.92 0.04
N ALA B 490 -14.90 17.51 0.72
CA ALA B 490 -14.81 17.63 2.17
C ALA B 490 -14.78 16.27 2.85
N VAL B 491 -15.40 15.29 2.23
CA VAL B 491 -15.49 13.98 2.84
C VAL B 491 -14.11 13.36 3.04
N LEU B 492 -13.17 13.67 2.15
CA LEU B 492 -11.83 13.13 2.28
C LEU B 492 -10.86 14.12 2.91
N LEU B 493 -10.95 15.37 2.48
CA LEU B 493 -9.87 16.29 2.75
C LEU B 493 -9.83 16.81 4.17
N ASP B 494 -10.99 16.88 4.81
CA ASP B 494 -11.03 17.49 6.13
C ASP B 494 -10.51 16.54 7.18
N ASN B 495 -10.35 15.27 6.82
CA ASN B 495 -9.86 14.29 7.77
C ASN B 495 -8.39 13.94 7.57
N LEU B 496 -7.71 14.64 6.67
CA LEU B 496 -6.31 14.35 6.43
C LEU B 496 -5.47 14.96 7.55
N PRO B 497 -4.33 14.35 7.88
CA PRO B 497 -3.33 14.85 8.80
C PRO B 497 -2.46 15.88 8.13
N GLY B 498 -3.10 16.95 7.71
CA GLY B 498 -2.46 18.03 6.98
C GLY B 498 -3.48 19.04 6.54
N VAL B 499 -3.05 20.07 5.85
CA VAL B 499 -3.98 21.09 5.40
C VAL B 499 -3.82 21.28 3.91
N ARG B 500 -4.85 21.82 3.27
CA ARG B 500 -4.69 22.06 1.85
C ARG B 500 -3.68 23.15 1.67
N TRP B 501 -2.73 22.91 0.79
CA TRP B 501 -1.63 23.82 0.59
C TRP B 501 -1.51 24.17 -0.87
N LEU B 502 -1.17 25.41 -1.15
CA LEU B 502 -1.05 25.86 -2.53
C LEU B 502 0.41 25.94 -2.94
N VAL B 503 0.74 25.32 -4.07
CA VAL B 503 2.11 25.35 -4.55
C VAL B 503 2.38 26.66 -5.26
N LEU B 504 3.45 27.32 -4.85
CA LEU B 504 3.78 28.62 -5.39
C LEU B 504 5.19 28.66 -5.99
N PRO B 505 5.43 29.60 -6.89
CA PRO B 505 6.73 30.00 -7.40
C PRO B 505 7.58 30.49 -6.25
N GLN B 506 8.89 30.29 -6.35
CA GLN B 506 9.79 30.60 -5.25
C GLN B 506 9.82 32.09 -4.99
N GLU B 507 9.50 32.87 -6.00
CA GLU B 507 9.46 34.31 -5.84
C GLU B 507 8.37 34.71 -4.86
N LEU B 508 7.24 33.99 -4.88
CA LEU B 508 6.18 34.32 -3.96
C LEU B 508 6.44 33.71 -2.61
N LYS B 509 7.11 32.56 -2.57
CA LYS B 509 7.38 31.95 -1.28
C LYS B 509 8.34 32.80 -0.50
N VAL B 510 9.31 33.41 -1.17
CA VAL B 510 10.29 34.19 -0.44
C VAL B 510 9.67 35.47 0.08
N GLU B 511 8.78 36.08 -0.69
CA GLU B 511 8.14 37.30 -0.20
C GLU B 511 7.25 37.00 0.98
N LEU B 512 6.54 35.89 0.93
CA LEU B 512 5.64 35.53 2.01
C LEU B 512 6.40 35.10 3.24
N ASP B 513 7.53 34.41 3.05
CA ASP B 513 8.27 33.95 4.20
C ASP B 513 8.91 35.12 4.89
N THR B 514 9.36 36.10 4.11
CA THR B 514 10.02 37.23 4.71
C THR B 514 9.04 38.04 5.52
N ALA B 515 7.85 38.28 4.97
CA ALA B 515 6.87 39.07 5.69
C ALA B 515 6.35 38.34 6.92
N LEU B 516 6.21 37.03 6.81
CA LEU B 516 5.64 36.27 7.91
C LEU B 516 6.62 36.18 9.06
N SER B 517 7.91 36.19 8.73
CA SER B 517 8.98 36.00 9.71
C SER B 517 9.09 37.20 10.64
N ASP B 518 8.47 38.32 10.28
CA ASP B 518 8.57 39.48 11.12
C ASP B 518 7.89 39.22 12.45
N LEU B 519 6.85 38.39 12.46
CA LEU B 519 6.16 38.14 13.71
C LEU B 519 7.01 37.33 14.66
N GLU B 520 7.73 36.35 14.13
CA GLU B 520 8.57 35.52 14.98
C GLU B 520 9.77 36.30 15.47
N ALA B 521 10.26 37.21 14.64
CA ALA B 521 11.36 38.06 15.04
C ALA B 521 10.91 38.95 16.19
N ALA B 522 9.61 39.28 16.21
CA ALA B 522 9.03 40.04 17.29
C ALA B 522 9.77 41.32 17.54
N ASP B 523 10.10 42.05 16.47
CA ASP B 523 10.87 43.28 16.65
C ASP B 523 9.92 44.42 16.96
N PHE B 524 9.36 44.33 18.17
CA PHE B 524 8.37 45.27 18.64
C PHE B 524 9.01 46.45 19.32
N GLU B 525 9.54 47.37 18.52
CA GLU B 525 10.22 48.53 19.08
C GLU B 525 9.27 49.34 19.94
N GLU B 526 8.02 49.41 19.52
CA GLU B 526 7.02 50.21 20.21
C GLU B 526 6.61 49.59 21.54
N LEU B 527 6.91 48.30 21.74
CA LEU B 527 6.56 47.59 22.96
C LEU B 527 7.80 47.20 23.77
N SER B 528 8.93 47.86 23.50
CA SER B 528 10.18 47.46 24.14
C SER B 528 10.17 47.66 25.65
N GLU B 529 10.85 46.78 26.37
CA GLU B 529 10.89 46.82 27.81
C GLU B 529 11.49 48.09 28.36
N ASP B 530 12.48 48.65 27.68
CA ASP B 530 13.14 49.85 28.17
C ASP B 530 12.25 51.07 28.03
N TYR B 531 11.19 50.95 27.23
CA TYR B 531 10.25 52.03 27.06
C TYR B 531 9.17 51.99 28.15
N TYR B 532 8.81 50.78 28.59
CA TYR B 532 7.75 50.62 29.58
C TYR B 532 8.24 50.08 30.92
N ASP B 533 9.52 49.73 30.98
CA ASP B 533 10.08 49.02 32.13
C ASP B 533 9.27 47.76 32.41
N MET B 534 8.86 47.09 31.34
CA MET B 534 8.04 45.89 31.45
C MET B 534 8.50 44.79 30.51
N ARG B 535 8.45 43.54 30.97
CA ARG B 535 8.71 42.40 30.09
C ARG B 535 7.54 42.20 29.14
N ARG B 536 7.84 41.90 27.88
CA ARG B 536 6.77 41.68 26.91
C ARG B 536 5.97 40.43 27.28
N LEU B 537 4.66 40.50 27.10
CA LEU B 537 3.77 39.47 27.63
C LEU B 537 3.86 38.13 26.94
N TYR B 538 4.13 38.11 25.64
CA TYR B 538 4.21 36.82 24.97
C TYR B 538 5.38 36.70 24.00
N THR B 539 5.88 35.49 23.85
CA THR B 539 6.85 35.16 22.84
C THR B 539 6.14 34.55 21.64
N ILE B 540 6.38 35.06 20.45
CA ILE B 540 5.70 34.48 19.30
C ILE B 540 6.39 33.21 18.88
N LEU B 541 5.63 32.13 18.80
CA LEU B 541 6.21 30.82 18.49
C LEU B 541 6.35 30.61 17.01
N GLY B 542 5.44 31.19 16.26
CA GLY B 542 5.35 30.95 14.84
C GLY B 542 3.99 31.37 14.35
N SER B 543 3.80 31.31 13.05
CA SER B 543 2.54 31.66 12.45
C SER B 543 2.36 30.97 11.12
N SER B 544 1.13 30.96 10.64
CA SER B 544 0.85 30.45 9.29
C SER B 544 -0.20 31.29 8.59
N LEU B 545 -0.04 31.44 7.29
CA LEU B 545 -0.96 32.22 6.48
C LEU B 545 -1.72 31.39 5.47
N PHE B 546 -3.01 31.66 5.38
CA PHE B 546 -3.86 31.03 4.39
C PHE B 546 -4.44 32.08 3.45
N TYR B 547 -4.61 31.71 2.19
CA TYR B 547 -5.38 32.53 1.27
C TYR B 547 -6.50 31.73 0.64
N LYS B 548 -7.73 32.21 0.83
CA LYS B 548 -8.88 31.62 0.19
C LYS B 548 -8.95 30.12 0.45
N GLY B 549 -8.64 29.72 1.68
CA GLY B 549 -8.73 28.33 2.10
C GLY B 549 -7.44 27.53 1.90
N TYR B 550 -6.44 28.13 1.25
CA TYR B 550 -5.20 27.42 0.99
C TYR B 550 -4.09 27.91 1.89
N MET B 551 -3.33 27.02 2.50
CA MET B 551 -2.17 27.51 3.22
C MET B 551 -1.08 27.85 2.22
N VAL B 552 -0.46 29.01 2.39
CA VAL B 552 0.60 29.40 1.47
C VAL B 552 1.96 29.50 2.13
N CYS B 553 1.98 29.80 3.42
CA CYS B 553 3.24 30.00 4.12
C CYS B 553 3.13 29.65 5.58
N SER B 554 4.10 28.92 6.12
CA SER B 554 4.10 28.64 7.54
C SER B 554 5.49 28.56 8.17
N HIS B 555 5.61 29.14 9.36
CA HIS B 555 6.80 29.02 10.18
C HIS B 555 6.49 28.21 11.44
N LEU B 556 5.32 27.60 11.45
CA LEU B 556 4.80 26.94 12.64
C LEU B 556 5.01 25.42 12.51
N PRO B 557 5.19 24.70 13.63
CA PRO B 557 5.31 23.25 13.69
C PRO B 557 4.09 22.54 13.12
N LYS B 558 4.32 21.41 12.49
CA LYS B 558 3.28 20.70 11.77
C LYS B 558 2.09 20.35 12.64
N ASP B 559 2.34 19.97 13.88
CA ASP B 559 1.25 19.54 14.73
C ASP B 559 0.38 20.71 15.15
N ASP B 560 0.99 21.88 15.26
CA ASP B 560 0.25 23.07 15.65
C ASP B 560 -0.55 23.59 14.48
N VAL B 561 -0.03 23.40 13.27
CA VAL B 561 -0.73 23.84 12.09
C VAL B 561 -2.03 23.06 11.90
N ILE B 562 -1.98 21.76 12.17
CA ILE B 562 -3.16 20.95 11.99
C ILE B 562 -4.22 21.24 13.03
N GLU B 563 -3.82 21.43 14.29
CA GLU B 563 -4.82 21.71 15.31
C GLU B 563 -5.49 23.05 15.06
N ILE B 564 -4.74 24.01 14.58
CA ILE B 564 -5.30 25.32 14.34
C ILE B 564 -6.24 25.30 13.16
N ALA B 565 -5.87 24.58 12.13
CA ALA B 565 -6.75 24.49 10.98
C ALA B 565 -8.06 23.81 11.36
N ALA B 566 -7.99 22.85 12.28
CA ALA B 566 -9.20 22.17 12.72
C ALA B 566 -10.14 23.13 13.44
N TYR B 567 -9.57 24.06 14.19
CA TYR B 567 -10.38 25.07 14.84
C TYR B 567 -11.07 25.93 13.80
N CYS B 568 -10.31 26.30 12.78
CA CYS B 568 -10.85 27.18 11.77
C CYS B 568 -11.89 26.49 10.91
N ARG B 569 -11.80 25.17 10.76
CA ARG B 569 -12.83 24.45 10.03
C ARG B 569 -14.13 24.40 10.82
N GLN B 570 -14.02 24.23 12.13
CA GLN B 570 -15.20 24.06 12.96
C GLN B 570 -15.97 25.36 13.10
N HIS B 571 -15.29 26.48 12.91
CA HIS B 571 -15.96 27.77 12.91
C HIS B 571 -16.10 28.28 11.48
N CYS B 572 -15.79 27.41 10.54
CA CYS B 572 -15.95 27.66 9.11
C CYS B 572 -15.27 28.93 8.65
N LEU B 573 -14.14 29.28 9.25
CA LEU B 573 -13.51 30.55 8.95
C LEU B 573 -12.81 30.51 7.60
N LEU B 574 -12.23 29.36 7.29
CA LEU B 574 -11.51 29.18 6.04
C LEU B 574 -12.43 29.08 4.82
N PRO B 575 -13.48 28.23 4.85
CA PRO B 575 -14.47 28.17 3.80
C PRO B 575 -15.32 29.43 3.71
N LEU B 576 -15.41 30.20 4.79
CA LEU B 576 -16.11 31.48 4.71
C LEU B 576 -15.28 32.46 3.90
N ALA B 577 -13.97 32.42 4.12
CA ALA B 577 -13.04 33.27 3.39
C ALA B 577 -13.05 32.90 1.90
N ALA B 578 -13.33 31.63 1.62
CA ALA B 578 -13.39 31.15 0.25
C ALA B 578 -14.55 31.75 -0.55
N LYS B 579 -15.61 32.20 0.12
CA LYS B 579 -16.76 32.75 -0.60
C LYS B 579 -16.98 34.24 -0.43
N GLN B 580 -16.59 34.79 0.72
CA GLN B 580 -17.00 36.14 1.07
C GLN B 580 -15.83 37.06 1.37
N ARG B 581 -16.03 38.35 1.15
CA ARG B 581 -15.02 39.30 1.54
C ARG B 581 -15.26 39.78 2.96
N ILE B 582 -14.34 39.41 3.84
CA ILE B 582 -14.39 39.77 5.24
C ILE B 582 -13.61 41.04 5.47
N GLY B 583 -14.26 42.05 6.05
CA GLY B 583 -13.60 43.32 6.29
C GLY B 583 -12.59 43.17 7.41
N GLN B 584 -13.00 42.50 8.48
CA GLN B 584 -12.11 42.17 9.58
C GLN B 584 -12.54 40.91 10.31
N LEU B 585 -11.58 40.09 10.68
CA LEU B 585 -11.84 39.02 11.64
C LEU B 585 -10.79 39.05 12.73
N ILE B 586 -11.20 39.09 13.99
CA ILE B 586 -10.25 38.92 15.07
C ILE B 586 -10.73 37.85 16.04
N ILE B 587 -9.90 36.84 16.27
CA ILE B 587 -10.22 35.82 17.25
C ILE B 587 -9.11 35.65 18.26
N TRP B 588 -9.44 35.61 19.53
CA TRP B 588 -8.40 35.31 20.51
C TRP B 588 -8.88 34.26 21.51
N ARG B 589 -8.03 33.28 21.75
CA ARG B 589 -8.32 32.22 22.72
C ARG B 589 -7.11 31.78 23.50
N GLU B 590 -7.31 31.29 24.71
CA GLU B 590 -6.28 30.43 25.30
C GLU B 590 -6.38 29.08 24.62
N VAL B 591 -5.25 28.47 24.32
CA VAL B 591 -5.26 27.18 23.65
C VAL B 591 -4.42 26.13 24.35
N PHE B 592 -4.67 24.88 24.02
CA PHE B 592 -4.04 23.75 24.67
C PHE B 592 -3.38 22.78 23.68
N PRO B 593 -2.22 23.17 23.12
CA PRO B 593 -1.45 22.49 22.10
C PRO B 593 -0.79 21.24 22.66
N ARG B 594 -0.27 20.40 21.79
CA ARG B 594 0.28 19.11 22.17
C ARG B 594 1.62 19.18 22.90
N HIS B 595 2.23 20.35 22.90
CA HIS B 595 3.54 20.50 23.51
C HIS B 595 3.46 20.28 25.02
N HIS B 596 4.46 19.57 25.56
CA HIS B 596 4.59 19.29 27.00
C HIS B 596 3.28 18.77 27.60
N GLU B 612 6.21 29.44 30.54
CA GLU B 612 5.03 28.88 31.19
C GLU B 612 4.28 27.97 30.21
N GLY B 613 3.24 27.29 30.71
CA GLY B 613 2.45 26.36 29.91
C GLY B 613 1.29 27.03 29.19
N ARG B 614 1.13 28.35 29.39
CA ARG B 614 0.03 29.03 28.75
C ARG B 614 0.38 29.44 27.34
N TYR B 615 -0.53 29.13 26.41
CA TYR B 615 -0.38 29.52 25.02
C TYR B 615 -1.65 30.18 24.55
N PHE B 616 -1.53 31.11 23.63
CA PHE B 616 -2.72 31.76 23.11
C PHE B 616 -2.75 31.75 21.61
N LEU B 617 -3.93 31.65 21.04
CA LEU B 617 -4.11 31.73 19.60
C LEU B 617 -4.76 33.01 19.19
N LEU B 618 -4.10 33.72 18.29
CA LEU B 618 -4.65 34.91 17.68
C LEU B 618 -4.87 34.68 16.20
N VAL B 619 -6.06 34.94 15.73
CA VAL B 619 -6.32 34.84 14.31
C VAL B 619 -6.82 36.15 13.76
N VAL B 620 -6.18 36.63 12.72
CA VAL B 620 -6.64 37.84 12.06
C VAL B 620 -6.94 37.56 10.61
N GLY B 621 -8.13 37.92 10.15
CA GLY B 621 -8.45 37.70 8.75
C GLY B 621 -8.74 39.00 8.02
N LEU B 622 -8.45 39.01 6.73
CA LEU B 622 -8.71 40.16 5.88
C LEU B 622 -8.74 39.79 4.40
N ARG B 623 -9.82 40.12 3.69
CA ARG B 623 -9.81 39.99 2.22
C ARG B 623 -9.33 38.62 1.73
N HIS B 624 -9.91 37.56 2.28
CA HIS B 624 -9.59 36.17 1.95
C HIS B 624 -8.33 35.65 2.61
N TYR B 625 -7.59 36.50 3.30
CA TYR B 625 -6.44 36.00 4.03
C TYR B 625 -6.83 35.65 5.45
N LEU B 626 -6.27 34.55 5.95
CA LEU B 626 -6.44 34.20 7.36
C LEU B 626 -5.08 33.90 7.96
N LEU B 627 -4.71 34.64 9.00
CA LEU B 627 -3.39 34.48 9.61
C LEU B 627 -3.46 34.05 11.05
N CYS B 628 -2.87 32.88 11.35
CA CYS B 628 -2.89 32.33 12.70
C CYS B 628 -1.53 32.46 13.38
N VAL B 629 -1.54 32.95 14.60
CA VAL B 629 -0.31 33.10 15.37
C VAL B 629 -0.42 32.47 16.75
N LEU B 630 0.59 31.69 17.16
CA LEU B 630 0.59 31.20 18.54
C LEU B 630 1.54 32.01 19.40
N LEU B 631 1.06 32.36 20.59
CA LEU B 631 1.81 33.16 21.54
C LEU B 631 2.10 32.35 22.81
N GLU B 632 3.30 32.48 23.34
CA GLU B 632 3.68 31.75 24.55
C GLU B 632 3.98 32.64 25.75
N ALA B 633 3.38 32.30 26.89
CA ALA B 633 3.68 32.97 28.16
C ALA B 633 5.00 32.46 28.71
N GLY B 634 5.71 33.29 29.47
CA GLY B 634 6.98 32.88 30.04
C GLY B 634 8.05 32.81 28.96
N GLY B 635 9.10 32.03 29.19
CA GLY B 635 10.20 32.04 28.24
C GLY B 635 10.82 33.44 28.21
N CYS B 636 10.92 34.04 27.03
CA CYS B 636 11.48 35.38 26.91
C CYS B 636 10.46 36.39 27.43
N ALA B 637 9.24 35.90 27.61
CA ALA B 637 8.08 36.71 27.94
C ALA B 637 7.67 36.60 29.40
N SER B 638 6.88 37.57 29.82
CA SER B 638 6.34 37.67 31.16
C SER B 638 5.34 36.54 31.44
N LYS B 639 5.22 36.18 32.71
CA LYS B 639 4.29 35.15 33.15
C LYS B 639 2.88 35.70 33.14
N ALA B 640 1.90 34.83 32.95
CA ALA B 640 0.51 35.26 33.00
C ALA B 640 -0.33 34.33 33.85
N THR B 641 -1.31 34.92 34.53
CA THR B 641 -2.24 34.20 35.38
C THR B 641 -3.65 34.67 35.10
N GLY B 642 -4.63 33.90 35.56
CA GLY B 642 -6.02 34.27 35.35
C GLY B 642 -6.39 34.08 33.89
N ASN B 643 -7.33 34.88 33.42
CA ASN B 643 -7.80 34.78 32.04
C ASN B 643 -7.75 36.16 31.37
N PRO B 644 -6.57 36.58 30.89
CA PRO B 644 -6.28 37.88 30.35
C PRO B 644 -7.00 38.07 29.03
N GLY B 645 -7.33 39.30 28.69
CA GLY B 645 -7.89 39.56 27.38
C GLY B 645 -6.74 39.66 26.38
N PRO B 646 -7.06 39.86 25.11
CA PRO B 646 -6.13 39.99 24.01
C PRO B 646 -5.28 41.23 24.20
N ASP B 647 -4.01 41.14 23.82
CA ASP B 647 -3.13 42.29 23.84
C ASP B 647 -3.25 43.04 22.52
N CYS B 648 -3.78 44.25 22.57
CA CYS B 648 -4.10 44.98 21.36
C CYS B 648 -2.84 45.32 20.57
N ILE B 649 -1.70 45.30 21.24
CA ILE B 649 -0.46 45.64 20.56
C ILE B 649 -0.04 44.50 19.66
N TYR B 650 -0.21 43.28 20.13
CA TYR B 650 0.14 42.12 19.32
C TYR B 650 -0.85 42.01 18.17
N VAL B 651 -2.09 42.40 18.42
CA VAL B 651 -3.12 42.35 17.38
C VAL B 651 -2.81 43.36 16.29
N ASP B 652 -2.35 44.54 16.68
CA ASP B 652 -2.01 45.55 15.69
C ASP B 652 -0.82 45.12 14.85
N GLN B 653 0.12 44.40 15.47
CA GLN B 653 1.28 43.93 14.73
C GLN B 653 0.92 42.88 13.70
N VAL B 654 -0.04 42.03 14.03
CA VAL B 654 -0.47 41.02 13.09
C VAL B 654 -1.28 41.63 11.96
N ARG B 655 -2.15 42.58 12.30
CA ARG B 655 -2.97 43.21 11.29
C ARG B 655 -2.13 44.02 10.32
N ALA B 656 -1.12 44.71 10.84
CA ALA B 656 -0.25 45.52 10.00
C ALA B 656 0.55 44.66 9.04
N THR B 657 0.96 43.48 9.52
CA THR B 657 1.74 42.58 8.69
C THR B 657 0.88 42.02 7.57
N LEU B 658 -0.37 41.74 7.88
CA LEU B 658 -1.27 41.15 6.90
C LEU B 658 -1.67 42.18 5.84
N HIS B 659 -1.76 43.45 6.25
CA HIS B 659 -2.12 44.54 5.35
C HIS B 659 -1.05 44.79 4.29
N GLN B 660 0.18 44.47 4.61
CA GLN B 660 1.29 44.71 3.70
C GLN B 660 1.31 43.71 2.56
N LEU B 661 0.52 42.66 2.67
CA LEU B 661 0.46 41.63 1.64
C LEU B 661 -0.61 41.91 0.61
N GLU B 662 -1.33 43.02 0.75
CA GLU B 662 -2.41 43.31 -0.19
C GLU B 662 -1.88 43.49 -1.60
N GLY B 663 -0.67 44.01 -1.74
CA GLY B 663 -0.09 44.25 -3.06
C GLY B 663 0.34 42.96 -3.74
N VAL B 664 0.38 41.88 -2.96
CA VAL B 664 0.80 40.58 -3.45
C VAL B 664 -0.42 39.81 -3.96
N ASP B 665 -1.60 40.31 -3.65
CA ASP B 665 -2.83 39.56 -3.84
C ASP B 665 -3.11 39.25 -5.30
N SER B 666 -2.70 40.13 -6.20
CA SER B 666 -2.95 39.85 -7.59
C SER B 666 -2.10 38.69 -8.09
N ARG B 667 -0.93 38.49 -7.47
CA ARG B 667 -0.05 37.43 -7.91
C ARG B 667 -0.50 36.10 -7.37
N ILE B 668 -1.07 36.09 -6.18
CA ILE B 668 -1.50 34.84 -5.62
C ILE B 668 -2.73 34.38 -6.38
N GLU B 669 -3.58 35.31 -6.77
CA GLU B 669 -4.77 34.97 -7.52
C GLU B 669 -4.39 34.41 -8.88
N GLU B 670 -3.34 34.94 -9.49
CA GLU B 670 -2.89 34.43 -10.76
C GLU B 670 -2.47 32.96 -10.63
N GLN B 671 -1.90 32.61 -9.48
CA GLN B 671 -1.47 31.24 -9.27
C GLN B 671 -2.67 30.32 -9.07
N LEU B 672 -3.78 30.88 -8.60
CA LEU B 672 -5.00 30.08 -8.51
C LEU B 672 -5.68 29.96 -9.86
N ALA B 673 -5.58 31.02 -10.67
CA ALA B 673 -6.22 31.04 -11.99
C ALA B 673 -5.57 30.06 -12.96
N THR B 674 -4.27 29.89 -12.82
CA THR B 674 -3.49 28.95 -13.61
C THR B 674 -3.44 27.61 -12.92
N SER B 675 -2.86 26.63 -13.57
CA SER B 675 -2.63 25.36 -12.88
C SER B 675 -1.21 25.35 -12.32
N PRO B 676 -1.02 25.57 -11.00
CA PRO B 676 0.27 25.59 -10.33
C PRO B 676 0.88 24.20 -10.33
N GLY B 677 0.00 23.23 -10.48
CA GLY B 677 0.33 21.81 -10.54
C GLY B 677 0.34 21.35 -11.98
N PRO B 678 0.05 20.07 -12.20
CA PRO B 678 -0.09 19.39 -13.47
C PRO B 678 -1.32 19.91 -14.23
N CYS B 679 -1.29 19.76 -15.54
CA CYS B 679 -2.45 20.08 -16.37
C CYS B 679 -3.56 19.06 -16.16
N LEU B 680 -4.80 19.52 -16.20
CA LEU B 680 -5.94 18.62 -16.01
C LEU B 680 -6.86 18.59 -17.22
N SER B 681 -7.41 17.41 -17.50
CA SER B 681 -8.37 17.22 -18.58
C SER B 681 -9.75 16.96 -18.01
N CYS B 682 -10.78 17.22 -18.79
CA CYS B 682 -12.14 16.98 -18.32
C CYS B 682 -12.68 15.64 -18.78
N ALA B 683 -13.38 14.94 -17.89
CA ALA B 683 -13.93 13.63 -18.20
C ALA B 683 -14.98 13.70 -19.30
N ASP B 684 -15.65 14.82 -19.41
CA ASP B 684 -16.71 15.00 -20.37
C ASP B 684 -16.16 14.90 -21.79
N TRP B 685 -14.89 15.28 -21.94
CA TRP B 685 -14.27 15.30 -23.25
C TRP B 685 -14.13 13.92 -23.84
N PHE B 686 -13.97 12.92 -22.99
CA PHE B 686 -13.68 11.58 -23.46
C PHE B 686 -14.94 10.86 -23.92
N LEU B 687 -16.05 11.14 -23.25
CA LEU B 687 -17.34 10.64 -23.72
C LEU B 687 -17.94 11.48 -24.86
N ALA B 688 -17.62 12.78 -24.89
CA ALA B 688 -18.10 13.72 -25.91
C ALA B 688 -17.26 13.58 -27.18
N GLU B 804 6.10 27.72 -24.64
CA GLU B 804 4.84 27.42 -23.96
C GLU B 804 4.57 25.91 -23.89
N LEU B 805 4.87 25.20 -24.99
CA LEU B 805 4.60 23.77 -25.11
C LEU B 805 5.53 22.94 -24.25
N GLU B 806 6.75 23.44 -24.03
CA GLU B 806 7.67 22.76 -23.13
C GLU B 806 7.06 22.75 -21.74
N VAL B 807 6.41 23.86 -21.38
CA VAL B 807 5.84 24.02 -20.06
C VAL B 807 4.64 23.10 -19.90
N TYR B 808 3.83 23.00 -20.95
CA TYR B 808 2.64 22.17 -20.87
C TYR B 808 2.99 20.69 -20.83
N ASP B 809 4.11 20.29 -21.45
CA ASP B 809 4.55 18.90 -21.36
C ASP B 809 5.20 18.60 -20.01
N ILE B 810 5.86 19.60 -19.43
CA ILE B 810 6.42 19.47 -18.08
C ILE B 810 5.30 19.32 -17.06
N MET B 811 4.16 19.90 -17.37
CA MET B 811 2.99 19.85 -16.52
C MET B 811 2.17 18.58 -16.69
N LYS B 812 2.58 17.68 -17.58
CA LYS B 812 1.83 16.45 -17.71
C LYS B 812 2.38 15.43 -16.73
N LEU B 813 1.56 15.07 -15.75
CA LEU B 813 1.94 14.09 -14.74
C LEU B 813 1.95 12.71 -15.37
N THR B 814 0.98 12.50 -16.25
CA THR B 814 0.85 11.24 -16.92
C THR B 814 1.78 11.17 -18.12
N SER B 815 2.02 9.97 -18.57
CA SER B 815 2.82 9.69 -19.73
C SER B 815 2.05 9.91 -21.03
N GLY B 816 2.78 9.99 -22.13
CA GLY B 816 2.20 10.08 -23.46
C GLY B 816 1.93 11.53 -23.84
N PRO B 817 1.58 11.77 -25.11
CA PRO B 817 1.25 13.05 -25.69
C PRO B 817 -0.05 13.62 -25.16
N GLU B 818 -0.91 12.74 -24.65
CA GLU B 818 -2.22 13.18 -24.18
C GLU B 818 -2.28 13.20 -22.67
N ASN B 819 -2.96 14.21 -22.15
CA ASN B 819 -3.12 14.34 -20.71
C ASN B 819 -4.31 13.56 -20.22
N THR B 820 -4.07 12.50 -19.47
CA THR B 820 -5.15 11.66 -19.00
C THR B 820 -5.52 11.95 -17.57
N LEU B 821 -4.83 12.91 -16.95
CA LEU B 821 -5.08 13.21 -15.55
C LEU B 821 -6.38 13.97 -15.37
N PHE B 822 -7.21 13.54 -14.43
CA PHE B 822 -8.44 14.26 -14.14
C PHE B 822 -8.39 14.96 -12.80
N HIS B 823 -7.87 14.25 -11.80
CA HIS B 823 -7.85 14.76 -10.43
C HIS B 823 -6.77 14.07 -9.62
N TYR B 824 -6.22 14.76 -8.63
CA TYR B 824 -5.31 14.10 -7.70
C TYR B 824 -5.32 14.76 -6.32
N VAL B 825 -4.92 14.02 -5.31
CA VAL B 825 -4.56 14.58 -4.01
C VAL B 825 -3.19 14.09 -3.60
N ALA B 826 -2.25 15.01 -3.35
CA ALA B 826 -0.93 14.58 -2.92
C ALA B 826 -0.67 15.01 -1.50
N LEU B 827 -0.39 14.07 -0.61
CA LEU B 827 -0.18 14.41 0.79
C LEU B 827 1.22 14.12 1.29
N GLU B 828 1.83 15.14 1.86
CA GLU B 828 3.11 15.02 2.52
C GLU B 828 2.86 14.88 4.01
N THR B 829 3.00 13.66 4.52
CA THR B 829 2.56 13.35 5.87
C THR B 829 3.53 13.86 6.91
N VAL B 830 4.73 14.16 6.47
CA VAL B 830 5.72 14.67 7.39
C VAL B 830 5.53 16.15 7.66
N GLN B 831 5.22 16.90 6.61
CA GLN B 831 5.11 18.34 6.72
C GLN B 831 3.67 18.84 6.82
N GLY B 832 2.69 17.94 6.72
CA GLY B 832 1.30 18.30 6.97
C GLY B 832 0.64 19.09 5.85
N ILE B 833 1.11 18.92 4.63
CA ILE B 833 0.55 19.68 3.51
C ILE B 833 0.07 18.78 2.38
N PHE B 834 -1.05 19.14 1.75
CA PHE B 834 -1.48 18.39 0.58
C PHE B 834 -1.89 19.26 -0.60
N ILE B 835 -1.73 18.70 -1.80
CA ILE B 835 -2.00 19.42 -3.03
C ILE B 835 -3.20 18.86 -3.78
N THR B 836 -4.12 19.73 -4.16
CA THR B 836 -5.28 19.32 -4.94
C THR B 836 -5.45 20.31 -6.10
N PRO B 837 -6.27 19.95 -7.08
CA PRO B 837 -6.85 20.83 -8.08
C PRO B 837 -7.66 21.92 -7.39
N THR B 838 -7.66 23.10 -7.98
CA THR B 838 -8.30 24.28 -7.40
C THR B 838 -9.55 24.69 -8.19
N HIS B 839 -9.48 25.88 -8.77
CA HIS B 839 -10.56 26.47 -9.57
C HIS B 839 -10.44 25.95 -10.99
N GLU B 840 -9.44 25.12 -11.15
CA GLU B 840 -9.19 24.36 -12.36
C GLU B 840 -10.39 23.47 -12.62
N GLU B 841 -11.06 23.06 -11.55
CA GLU B 841 -12.20 22.18 -11.66
C GLU B 841 -13.36 22.89 -12.35
N VAL B 842 -13.35 24.22 -12.32
CA VAL B 842 -14.38 25.01 -12.99
C VAL B 842 -14.02 25.20 -14.46
N ALA B 843 -12.70 25.21 -14.75
CA ALA B 843 -12.25 25.25 -16.13
C ALA B 843 -12.62 23.95 -16.83
N GLN B 844 -12.67 22.87 -16.05
CA GLN B 844 -13.20 21.61 -16.52
C GLN B 844 -14.72 21.77 -16.60
N LEU B 845 -15.36 21.12 -17.56
CA LEU B 845 -16.74 21.46 -17.86
C LEU B 845 -17.72 21.20 -16.71
N GLY B 846 -17.47 20.16 -15.93
CA GLY B 846 -18.32 19.92 -14.78
C GLY B 846 -19.70 19.39 -15.16
N GLY B 847 -19.80 18.68 -16.28
CA GLY B 847 -21.07 18.19 -16.77
C GLY B 847 -21.43 16.88 -16.08
N SER B 848 -22.41 16.18 -16.63
CA SER B 848 -22.95 15.01 -15.92
C SER B 848 -21.89 13.95 -15.72
N VAL B 849 -20.92 13.89 -16.60
CA VAL B 849 -19.87 12.91 -16.45
C VAL B 849 -18.84 13.39 -15.44
N HIS B 850 -18.37 14.62 -15.62
CA HIS B 850 -17.27 15.08 -14.78
C HIS B 850 -17.66 15.24 -13.33
N SER B 851 -18.84 15.78 -13.05
CA SER B 851 -19.19 16.05 -11.67
C SER B 851 -19.43 14.78 -10.86
N GLN B 852 -19.94 13.75 -11.52
CA GLN B 852 -20.15 12.49 -10.82
C GLN B 852 -18.83 11.83 -10.51
N LEU B 853 -17.89 12.02 -11.41
CA LEU B 853 -16.60 11.39 -11.31
C LEU B 853 -15.76 12.00 -10.21
N ILE B 854 -15.98 13.27 -9.90
CA ILE B 854 -15.29 13.86 -8.78
C ILE B 854 -15.79 13.23 -7.49
N LYS B 855 -17.10 13.02 -7.41
CA LYS B 855 -17.67 12.43 -6.21
C LYS B 855 -17.18 11.01 -6.02
N ASN B 856 -17.03 10.27 -7.12
CA ASN B 856 -16.61 8.89 -7.02
C ASN B 856 -15.17 8.81 -6.54
N PHE B 857 -14.37 9.80 -6.93
CA PHE B 857 -12.98 9.84 -6.56
C PHE B 857 -12.79 10.01 -5.08
N HIS B 858 -13.52 10.96 -4.49
CA HIS B 858 -13.34 11.23 -3.08
C HIS B 858 -13.92 10.12 -2.22
N GLN B 859 -15.01 9.51 -2.66
CA GLN B 859 -15.60 8.45 -1.86
C GLN B 859 -14.71 7.21 -1.88
N CYS B 860 -14.10 6.93 -3.02
CA CYS B 860 -13.22 5.77 -3.09
C CYS B 860 -11.96 5.99 -2.30
N CYS B 861 -11.47 7.24 -2.29
CA CYS B 861 -10.25 7.53 -1.56
C CYS B 861 -10.45 7.48 -0.06
N LEU B 862 -11.67 7.68 0.39
CA LEU B 862 -11.92 7.55 1.81
C LEU B 862 -11.74 6.10 2.22
N SER B 863 -12.21 5.20 1.36
CA SER B 863 -12.05 3.78 1.65
C SER B 863 -10.60 3.36 1.56
N ILE B 864 -9.84 3.99 0.68
CA ILE B 864 -8.44 3.64 0.53
C ILE B 864 -7.66 3.98 1.78
N ARG B 865 -7.98 5.13 2.36
CA ARG B 865 -7.26 5.57 3.53
C ARG B 865 -7.45 4.64 4.70
N ALA B 866 -8.53 3.87 4.70
CA ALA B 866 -8.79 3.01 5.83
C ALA B 866 -7.69 1.98 5.98
N PHE B 867 -7.14 1.54 4.86
CA PHE B 867 -6.09 0.54 4.88
C PHE B 867 -4.77 1.18 5.23
N PHE B 868 -4.59 2.40 4.74
CA PHE B 868 -3.35 3.10 5.01
C PHE B 868 -3.26 3.47 6.49
N GLN B 869 -4.38 3.86 7.06
CA GLN B 869 -4.40 4.22 8.48
C GLN B 869 -4.14 3.00 9.33
N GLN B 870 -4.66 1.85 8.91
CA GLN B 870 -4.45 0.63 9.67
C GLN B 870 -2.99 0.21 9.61
N THR B 871 -2.37 0.42 8.45
CA THR B 871 -0.97 0.07 8.31
C THR B 871 -0.10 0.94 9.17
N LEU B 872 -0.40 2.23 9.22
CA LEU B 872 0.44 3.16 9.95
C LEU B 872 0.36 2.93 11.44
N LYS B 873 -0.83 2.61 11.93
CA LYS B 873 -0.97 2.35 13.35
C LYS B 873 -0.26 1.07 13.75
N GLU B 874 -0.30 0.07 12.87
CA GLU B 874 0.40 -1.18 13.14
C GLU B 874 1.90 -0.99 13.16
N GLU B 875 2.40 -0.13 12.28
CA GLU B 875 3.83 0.14 12.25
C GLU B 875 4.29 0.86 13.50
N LYS B 876 3.46 1.77 14.01
CA LYS B 876 3.81 2.45 15.24
C LYS B 876 3.78 1.49 16.41
N LYS B 877 2.80 0.58 16.40
CA LYS B 877 2.66 -0.38 17.47
C LYS B 877 3.86 -1.32 17.49
N LYS B 878 4.32 -1.72 16.30
CA LYS B 878 5.46 -2.61 16.21
C LYS B 878 6.71 -1.90 16.68
N ALA B 879 6.84 -0.62 16.35
CA ALA B 879 8.02 0.13 16.74
C ALA B 879 8.15 0.22 18.25
N LEU B 880 7.01 0.29 18.94
CA LEU B 880 7.01 0.33 20.39
C LEU B 880 7.16 -1.07 20.98
N SER B 881 6.66 -2.08 20.27
CA SER B 881 6.70 -3.46 20.74
C SER B 881 8.11 -4.03 20.65
N ASP B 882 8.92 -3.44 19.80
CA ASP B 882 10.32 -3.84 19.65
C ASP B 882 11.24 -3.28 20.75
N GLY B 883 10.74 -2.34 21.58
CA GLY B 883 11.50 -1.74 22.66
C GLY B 883 11.79 -2.75 23.76
N SER B 891 2.55 -9.69 9.97
CA SER B 891 2.10 -11.07 10.01
C SER B 891 1.81 -11.57 8.58
N VAL B 892 2.13 -12.84 8.34
CA VAL B 892 1.95 -13.48 7.04
C VAL B 892 0.47 -13.61 6.69
N SER B 893 0.16 -13.31 5.43
CA SER B 893 -1.19 -13.32 4.88
C SER B 893 -2.05 -12.17 5.38
N SER B 894 -1.47 -11.23 6.10
CA SER B 894 -2.23 -10.06 6.45
C SER B 894 -2.45 -9.24 5.20
N LEU B 895 -3.65 -8.73 5.02
CA LEU B 895 -3.94 -7.87 3.88
C LEU B 895 -3.60 -6.44 4.24
N SER B 896 -3.37 -6.23 5.53
CA SER B 896 -3.25 -4.91 6.10
C SER B 896 -2.12 -4.03 5.56
N PRO B 897 -0.87 -4.52 5.41
CA PRO B 897 0.32 -3.75 5.05
C PRO B 897 0.36 -3.44 3.57
N VAL B 898 -0.65 -2.73 3.10
CA VAL B 898 -0.84 -2.43 1.68
C VAL B 898 -0.09 -1.18 1.25
N LYS B 899 0.58 -1.25 0.11
CA LYS B 899 1.23 -0.08 -0.46
C LYS B 899 0.37 0.58 -1.53
N GLU B 900 -0.36 -0.21 -2.29
CA GLU B 900 -1.27 0.37 -3.30
C GLU B 900 -2.63 -0.26 -3.31
N HIS B 901 -3.61 0.56 -3.66
CA HIS B 901 -4.96 0.12 -3.95
C HIS B 901 -5.51 0.93 -5.09
N GLY B 902 -6.32 0.33 -5.95
CA GLY B 902 -7.06 1.15 -6.89
C GLY B 902 -8.29 0.46 -7.46
N VAL B 903 -9.18 1.27 -8.01
CA VAL B 903 -10.41 0.83 -8.64
C VAL B 903 -10.65 1.51 -9.98
N LEU B 904 -11.09 0.75 -10.96
CA LEU B 904 -11.48 1.31 -12.25
C LEU B 904 -12.99 1.35 -12.33
N PHE B 905 -13.54 2.44 -12.87
CA PHE B 905 -14.98 2.58 -13.04
C PHE B 905 -15.36 2.82 -14.49
N GLU B 906 -16.54 2.36 -14.90
CA GLU B 906 -17.12 2.77 -16.18
C GLU B 906 -18.13 3.89 -15.97
N CYS B 907 -18.24 4.77 -16.96
CA CYS B 907 -19.23 5.84 -16.88
C CYS B 907 -19.78 6.24 -18.23
N SER B 908 -20.90 6.95 -18.19
CA SER B 908 -21.65 7.37 -19.37
C SER B 908 -22.34 8.71 -19.04
N PRO B 909 -22.74 9.54 -20.04
CA PRO B 909 -23.29 10.89 -19.86
C PRO B 909 -24.76 10.86 -19.43
N MET B 922 -16.50 5.32 -21.36
CA MET B 922 -15.30 5.82 -20.70
C MET B 922 -14.96 5.01 -19.46
N SER B 923 -13.66 4.71 -19.28
CA SER B 923 -13.13 4.08 -18.08
C SER B 923 -12.29 5.09 -17.28
N TYR B 924 -12.58 5.17 -15.98
CA TYR B 924 -12.04 6.15 -15.06
C TYR B 924 -11.29 5.46 -13.94
N TRP B 925 -9.99 5.70 -13.83
CA TRP B 925 -9.18 4.92 -12.89
C TRP B 925 -8.77 5.71 -11.66
N VAL B 926 -9.13 5.23 -10.47
CA VAL B 926 -8.71 5.88 -9.23
C VAL B 926 -7.75 5.00 -8.45
N VAL B 927 -6.54 5.51 -8.20
CA VAL B 927 -5.53 4.75 -7.49
C VAL B 927 -4.86 5.55 -6.39
N GLY B 928 -4.50 4.89 -5.29
CA GLY B 928 -3.70 5.55 -4.27
C GLY B 928 -2.50 4.71 -3.86
N ARG B 929 -1.48 5.40 -3.32
CA ARG B 929 -0.30 4.72 -2.79
C ARG B 929 0.17 5.28 -1.45
N LEU B 930 0.63 4.39 -0.59
CA LEU B 930 1.25 4.75 0.67
C LEU B 930 2.74 4.47 0.63
N PHE B 931 3.52 5.39 1.17
CA PHE B 931 4.95 5.15 1.30
C PHE B 931 5.31 4.97 2.76
N LEU B 932 5.95 3.85 3.07
CA LEU B 932 6.31 3.48 4.44
C LEU B 932 7.78 3.72 4.76
N ASN B 933 8.49 4.31 3.82
CA ASN B 933 9.92 4.57 3.96
C ASN B 933 10.08 5.74 4.96
N PRO B 934 11.31 6.19 5.28
CA PRO B 934 11.61 7.19 6.30
C PRO B 934 10.96 8.52 5.98
N LYS B 935 10.56 8.68 4.73
CA LYS B 935 9.76 9.80 4.30
C LYS B 935 8.40 9.30 3.84
N PRO B 936 7.45 9.08 4.76
CA PRO B 936 6.12 8.59 4.50
C PRO B 936 5.31 9.60 3.71
N GLN B 937 4.53 9.08 2.77
CA GLN B 937 3.70 9.89 1.89
C GLN B 937 2.39 9.19 1.54
N GLU B 938 1.37 9.96 1.20
CA GLU B 938 0.18 9.37 0.59
C GLU B 938 -0.12 10.07 -0.72
N LEU B 939 -0.38 9.30 -1.76
CA LEU B 939 -0.71 9.89 -3.06
C LEU B 939 -1.98 9.30 -3.66
N TYR B 940 -2.89 10.17 -4.08
CA TYR B 940 -4.08 9.71 -4.79
C TYR B 940 -4.15 10.34 -6.17
N VAL B 941 -4.31 9.53 -7.20
CA VAL B 941 -4.39 10.02 -8.55
C VAL B 941 -5.53 9.39 -9.32
N CYS B 942 -6.20 10.18 -10.14
CA CYS B 942 -7.18 9.62 -11.04
C CYS B 942 -6.89 10.00 -12.48
N PHE B 943 -6.99 9.01 -13.36
CA PHE B 943 -6.63 9.17 -14.76
C PHE B 943 -7.44 8.28 -15.69
N HIS B 944 -7.45 8.62 -16.97
CA HIS B 944 -8.12 7.83 -17.99
C HIS B 944 -7.41 6.50 -18.23
N ASP B 945 -8.20 5.47 -18.48
CA ASP B 945 -7.71 4.10 -18.61
C ASP B 945 -6.80 3.87 -19.81
N SER B 946 -6.87 4.76 -20.79
CA SER B 946 -6.08 4.57 -22.01
C SER B 946 -4.58 4.64 -21.79
N VAL B 947 -4.12 5.30 -20.72
CA VAL B 947 -2.69 5.36 -20.48
C VAL B 947 -2.28 4.70 -19.17
N SER B 948 -1.38 3.73 -19.25
CA SER B 948 -0.85 3.05 -18.07
C SER B 948 0.08 3.98 -17.30
N GLU B 949 0.04 3.90 -15.97
CA GLU B 949 0.91 4.74 -15.16
C GLU B 949 1.57 3.99 -14.02
N ILE B 950 2.75 4.46 -13.62
CA ILE B 950 3.47 3.94 -12.48
C ILE B 950 3.44 4.92 -11.33
N ALA B 951 3.01 4.46 -10.16
CA ALA B 951 2.83 5.32 -9.01
C ALA B 951 4.14 5.94 -8.56
N ILE B 952 5.24 5.23 -8.75
CA ILE B 952 6.54 5.75 -8.38
C ILE B 952 6.97 6.91 -9.25
N GLU B 953 6.72 6.82 -10.55
CA GLU B 953 7.12 7.90 -11.41
C GLU B 953 6.28 9.13 -11.14
N MET B 954 4.99 8.92 -10.90
CA MET B 954 4.14 10.05 -10.62
C MET B 954 4.47 10.64 -9.27
N ALA B 955 4.77 9.78 -8.31
CA ALA B 955 5.10 10.27 -6.99
C ALA B 955 6.40 11.04 -7.00
N PHE B 956 7.35 10.59 -7.80
CA PHE B 956 8.61 11.30 -7.84
C PHE B 956 8.43 12.66 -8.48
N LYS B 957 7.72 12.69 -9.60
CA LYS B 957 7.56 13.94 -10.32
C LYS B 957 6.72 14.92 -9.53
N LEU B 958 5.72 14.41 -8.84
CA LEU B 958 4.78 15.28 -8.14
C LEU B 958 5.27 15.71 -6.77
N PHE B 959 6.04 14.86 -6.09
CA PHE B 959 6.55 15.23 -4.77
C PHE B 959 7.93 15.85 -4.83
N PHE B 960 8.62 15.74 -5.96
CA PHE B 960 9.98 16.27 -6.00
C PHE B 960 9.95 17.76 -5.85
N GLY B 961 10.81 18.26 -4.97
CA GLY B 961 10.93 19.69 -4.80
C GLY B 961 9.83 20.24 -3.90
N LEU B 962 9.03 19.36 -3.31
CA LEU B 962 7.93 19.84 -2.50
C LEU B 962 8.28 19.96 -1.04
N THR B 963 8.33 21.17 -0.56
CA THR B 963 8.52 21.39 0.86
C THR B 963 7.81 22.66 1.29
N LEU B 964 7.42 22.68 2.57
CA LEU B 964 6.75 23.82 3.20
C LEU B 964 7.72 24.98 3.45
N SER C 7 -5.57 -15.22 17.67
CA SER C 7 -6.74 -14.48 17.17
C SER C 7 -8.03 -15.27 17.46
N PRO C 8 -8.59 -15.19 18.71
CA PRO C 8 -9.78 -15.89 19.16
C PRO C 8 -11.03 -15.40 18.47
N VAL C 9 -11.96 -16.32 18.26
CA VAL C 9 -13.29 -16.07 17.74
C VAL C 9 -14.32 -16.73 18.63
N HIS C 10 -15.38 -16.03 18.96
CA HIS C 10 -16.46 -16.62 19.72
C HIS C 10 -17.80 -16.37 19.08
N LEU C 11 -18.62 -17.41 19.04
CA LEU C 11 -19.97 -17.29 18.55
C LEU C 11 -20.95 -17.66 19.63
N LEU C 12 -21.94 -16.81 19.83
CA LEU C 12 -22.94 -17.07 20.83
C LEU C 12 -24.31 -17.17 20.20
N CYS C 13 -25.13 -18.04 20.71
CA CYS C 13 -26.51 -18.06 20.31
C CYS C 13 -27.41 -18.12 21.52
N LEU C 14 -28.44 -17.28 21.53
CA LEU C 14 -29.39 -17.28 22.62
C LEU C 14 -30.81 -17.32 22.11
N ALA C 15 -31.70 -17.95 22.84
CA ALA C 15 -33.09 -17.73 22.52
C ALA C 15 -33.37 -16.29 22.90
N ALA C 16 -34.02 -15.54 22.02
CA ALA C 16 -34.17 -14.12 22.28
C ALA C 16 -35.09 -13.82 23.44
N SER C 17 -36.13 -14.63 23.60
CA SER C 17 -37.13 -14.34 24.62
C SER C 17 -36.73 -14.79 26.02
N SER C 18 -35.98 -15.87 26.13
CA SER C 18 -35.62 -16.36 27.45
C SER C 18 -34.34 -15.75 27.96
N GLY C 19 -33.46 -15.34 27.05
CA GLY C 19 -32.18 -14.77 27.41
C GLY C 19 -31.18 -15.89 27.72
N VAL C 20 -31.62 -17.13 27.55
CA VAL C 20 -30.82 -18.30 27.84
C VAL C 20 -29.97 -18.69 26.65
N PRO C 21 -28.65 -18.77 26.80
CA PRO C 21 -27.74 -19.18 25.76
C PRO C 21 -28.09 -20.58 25.34
N LEU C 22 -28.12 -20.80 24.04
CA LEU C 22 -28.36 -22.11 23.49
C LEU C 22 -27.03 -22.81 23.29
N PHE C 23 -26.04 -22.03 22.87
CA PHE C 23 -24.69 -22.53 22.74
C PHE C 23 -23.67 -21.40 22.70
N CYS C 24 -22.41 -21.77 22.93
CA CYS C 24 -21.29 -20.92 22.56
C CYS C 24 -20.23 -21.78 21.89
N ARG C 25 -19.66 -21.25 20.83
CA ARG C 25 -18.65 -21.95 20.05
C ARG C 25 -17.45 -21.05 19.91
N SER C 26 -16.27 -21.63 19.77
CA SER C 26 -15.10 -20.78 19.66
C SER C 26 -13.98 -21.40 18.85
N SER C 27 -13.07 -20.54 18.43
CA SER C 27 -11.91 -20.90 17.65
C SER C 27 -10.76 -19.94 17.92
N SER C 28 -9.53 -20.38 17.72
CA SER C 28 -8.40 -19.46 17.77
C SER C 28 -7.44 -19.72 16.64
N GLY C 29 -7.25 -18.73 15.77
CA GLY C 29 -6.37 -18.90 14.62
C GLY C 29 -7.05 -19.74 13.55
N GLY C 30 -8.38 -19.88 13.66
CA GLY C 30 -9.17 -20.72 12.77
C GLY C 30 -9.25 -22.16 13.28
N ALA C 31 -8.65 -22.43 14.44
CA ALA C 31 -8.70 -23.76 15.06
C ALA C 31 -9.81 -23.79 16.12
N PRO C 32 -10.75 -24.74 16.06
CA PRO C 32 -11.86 -24.88 16.98
C PRO C 32 -11.37 -25.06 18.41
N SER C 33 -12.12 -24.49 19.36
CA SER C 33 -11.77 -24.50 20.78
C SER C 33 -12.99 -24.65 21.66
N ARG C 34 -12.76 -25.09 22.90
CA ARG C 34 -13.83 -25.31 23.86
C ARG C 34 -14.12 -24.11 24.75
N GLN C 35 -13.31 -23.06 24.63
CA GLN C 35 -13.44 -21.92 25.55
C GLN C 35 -14.75 -21.16 25.32
N GLN C 36 -15.42 -20.81 26.41
CA GLN C 36 -16.66 -20.05 26.38
C GLN C 36 -16.55 -18.77 27.20
N LEU C 37 -17.39 -17.79 26.89
CA LEU C 37 -17.40 -16.51 27.58
C LEU C 37 -17.97 -16.64 28.99
N PRO C 38 -17.59 -15.74 29.92
CA PRO C 38 -18.13 -15.59 31.26
C PRO C 38 -19.62 -15.27 31.19
N PHE C 39 -20.38 -15.76 32.15
CA PHE C 39 -21.83 -15.62 32.10
C PHE C 39 -22.30 -14.18 32.20
N SER C 40 -21.65 -13.38 33.04
CA SER C 40 -22.09 -12.00 33.21
C SER C 40 -21.83 -11.21 31.94
N VAL C 41 -20.84 -11.63 31.18
CA VAL C 41 -20.53 -11.02 29.92
C VAL C 41 -21.57 -11.40 28.89
N ILE C 42 -21.97 -12.66 28.91
CA ILE C 42 -22.95 -13.14 27.97
C ILE C 42 -24.29 -12.47 28.20
N GLY C 43 -24.65 -12.32 29.46
CA GLY C 43 -25.91 -11.68 29.78
C GLY C 43 -25.93 -10.23 29.33
N SER C 44 -24.77 -9.58 29.37
CA SER C 44 -24.69 -8.19 28.92
C SER C 44 -24.71 -8.10 27.40
N LEU C 45 -24.16 -9.11 26.73
CA LEU C 45 -24.17 -9.12 25.27
C LEU C 45 -25.57 -9.31 24.73
N ASN C 46 -26.37 -10.11 25.39
CA ASN C 46 -27.74 -10.29 24.94
C ASN C 46 -28.68 -9.24 25.51
N GLY C 47 -28.41 -8.81 26.75
CA GLY C 47 -29.29 -7.89 27.43
C GLY C 47 -29.30 -6.55 26.75
N VAL C 48 -28.17 -6.18 26.16
CA VAL C 48 -28.05 -4.92 25.48
C VAL C 48 -28.85 -4.94 24.18
N HIS C 49 -28.87 -6.10 23.53
CA HIS C 49 -29.63 -6.25 22.30
C HIS C 49 -31.12 -6.17 22.59
N MET C 50 -31.55 -6.84 23.67
CA MET C 50 -32.95 -6.85 24.01
C MET C 50 -33.40 -5.50 24.55
N PHE C 51 -32.46 -4.76 25.11
CA PHE C 51 -32.75 -3.43 25.58
C PHE C 51 -33.14 -2.58 24.39
N GLY C 52 -32.40 -2.73 23.29
CA GLY C 52 -32.75 -2.05 22.06
C GLY C 52 -34.09 -2.53 21.50
N GLN C 53 -34.40 -3.82 21.72
CA GLN C 53 -35.63 -4.40 21.20
C GLN C 53 -36.87 -3.92 21.92
N ASN C 54 -36.70 -3.40 23.13
CA ASN C 54 -37.83 -2.86 23.87
C ASN C 54 -38.24 -1.53 23.24
N LEU C 55 -37.33 -1.01 22.43
CA LEU C 55 -37.50 0.17 21.61
C LEU C 55 -37.42 -0.28 20.15
N ASP C 56 -37.68 0.60 19.21
CA ASP C 56 -37.65 0.19 17.81
C ASP C 56 -36.22 0.06 17.30
N VAL C 57 -35.26 0.57 18.06
CA VAL C 57 -33.89 0.64 17.58
C VAL C 57 -33.19 -0.70 17.65
N GLN C 58 -32.64 -1.12 16.52
CA GLN C 58 -31.93 -2.38 16.42
C GLN C 58 -30.45 -2.18 16.63
N LEU C 59 -29.82 -3.09 17.35
CA LEU C 59 -28.37 -3.06 17.46
C LEU C 59 -27.77 -4.08 16.51
N ASN C 60 -27.05 -3.61 15.51
CA ASN C 60 -26.54 -4.54 14.51
C ASN C 60 -25.06 -4.88 14.68
N SER C 61 -24.26 -3.92 15.12
CA SER C 61 -22.83 -4.20 15.25
C SER C 61 -22.14 -3.29 16.23
N ALA C 62 -20.96 -3.70 16.62
CA ALA C 62 -20.03 -2.87 17.38
C ALA C 62 -18.63 -3.37 17.17
N ARG C 63 -17.65 -2.52 17.40
CA ARG C 63 -16.28 -2.95 17.29
C ARG C 63 -15.34 -2.24 18.22
N THR C 64 -14.20 -2.87 18.45
CA THR C 64 -13.12 -2.39 19.30
C THR C 64 -11.88 -2.28 18.44
N GLU C 65 -10.81 -1.73 19.00
CA GLU C 65 -9.62 -1.50 18.19
C GLU C 65 -9.08 -2.81 17.62
N ASP C 66 -9.13 -3.90 18.40
CA ASP C 66 -8.61 -5.17 17.92
C ASP C 66 -9.65 -6.12 17.34
N THR C 67 -10.91 -5.99 17.76
CA THR C 67 -11.91 -7.00 17.42
C THR C 67 -13.20 -6.39 16.91
N THR C 68 -14.07 -7.22 16.34
CA THR C 68 -15.40 -6.75 15.99
C THR C 68 -16.47 -7.68 16.55
N VAL C 69 -17.67 -7.12 16.76
CA VAL C 69 -18.83 -7.90 17.19
C VAL C 69 -20.07 -7.61 16.34
N VAL C 70 -20.78 -8.66 15.95
CA VAL C 70 -22.01 -8.50 15.18
C VAL C 70 -23.21 -9.20 15.80
N TRP C 71 -24.35 -8.50 15.82
CA TRP C 71 -25.61 -9.05 16.28
C TRP C 71 -26.57 -9.26 15.11
N LYS C 72 -27.31 -10.35 15.13
CA LYS C 72 -28.43 -10.50 14.22
C LYS C 72 -29.67 -10.98 14.94
N ASN C 73 -30.82 -10.52 14.50
CA ASN C 73 -32.08 -10.98 15.05
C ASN C 73 -32.90 -11.71 13.98
N PHE C 74 -33.11 -13.00 14.19
CA PHE C 74 -33.84 -13.81 13.22
C PHE C 74 -35.25 -14.12 13.67
N HIS C 75 -36.20 -13.69 12.85
CA HIS C 75 -37.61 -13.87 13.14
C HIS C 75 -37.92 -13.37 14.54
N ASP C 76 -38.64 -14.17 15.33
CA ASP C 76 -38.95 -13.75 16.68
C ASP C 76 -38.13 -14.46 17.75
N SER C 77 -37.28 -15.39 17.34
CA SER C 77 -36.75 -16.30 18.33
C SER C 77 -35.25 -16.35 18.55
N ILE C 78 -34.46 -15.89 17.59
CA ILE C 78 -33.02 -16.11 17.71
C ILE C 78 -32.17 -14.86 17.66
N THR C 79 -31.26 -14.74 18.60
CA THR C 79 -30.23 -13.72 18.52
C THR C 79 -28.87 -14.36 18.40
N LEU C 80 -28.12 -13.98 17.37
CA LEU C 80 -26.76 -14.50 17.19
C LEU C 80 -25.77 -13.39 17.40
N ILE C 81 -24.77 -13.64 18.22
CA ILE C 81 -23.73 -12.66 18.47
C ILE C 81 -22.36 -13.25 18.16
N VAL C 82 -21.58 -12.57 17.35
CA VAL C 82 -20.25 -13.08 17.07
C VAL C 82 -19.17 -12.08 17.38
N LEU C 83 -18.13 -12.53 18.06
CA LEU C 83 -16.97 -11.69 18.34
C LEU C 83 -15.78 -12.28 17.62
N SER C 84 -15.01 -11.45 16.94
CA SER C 84 -13.84 -11.99 16.26
C SER C 84 -12.63 -11.08 16.32
N SER C 85 -11.49 -11.66 16.63
CA SER C 85 -10.23 -10.95 16.66
C SER C 85 -9.44 -11.15 15.39
N GLU C 86 -9.98 -11.92 14.46
CA GLU C 86 -9.25 -12.28 13.26
C GLU C 86 -9.06 -11.07 12.35
N GLU C 87 -7.86 -10.95 11.80
CA GLU C 87 -7.59 -9.90 10.84
C GLU C 87 -8.34 -10.18 9.55
N GLY C 88 -8.82 -9.13 8.90
CA GLY C 88 -9.59 -9.27 7.67
C GLY C 88 -11.09 -9.41 7.96
N THR C 89 -11.45 -9.31 9.23
CA THR C 89 -12.84 -9.35 9.65
C THR C 89 -13.55 -8.05 9.33
N SER C 90 -14.79 -8.15 8.90
CA SER C 90 -15.63 -7.00 8.60
C SER C 90 -17.07 -7.33 8.90
N GLU C 91 -17.92 -6.32 8.96
CA GLU C 91 -19.32 -6.54 9.27
C GLU C 91 -20.02 -7.39 8.22
N LEU C 92 -19.66 -7.20 6.96
CA LEU C 92 -20.28 -8.01 5.92
C LEU C 92 -19.85 -9.45 6.03
N ARG C 93 -18.59 -9.65 6.37
CA ARG C 93 -18.07 -11.00 6.47
C ARG C 93 -18.74 -11.73 7.60
N LEU C 94 -18.98 -11.03 8.69
CA LEU C 94 -19.65 -11.63 9.82
C LEU C 94 -21.14 -11.75 9.60
N GLU C 95 -21.73 -10.80 8.90
CA GLU C 95 -23.16 -10.85 8.66
C GLU C 95 -23.50 -12.00 7.74
N ARG C 96 -22.66 -12.24 6.74
CA ARG C 96 -22.88 -13.37 5.87
C ARG C 96 -22.65 -14.65 6.62
N MET C 97 -21.69 -14.64 7.53
CA MET C 97 -21.43 -15.84 8.30
C MET C 97 -22.61 -16.17 9.21
N LEU C 98 -23.26 -15.16 9.74
CA LEU C 98 -24.40 -15.41 10.61
C LEU C 98 -25.62 -15.86 9.84
N HIS C 99 -25.72 -15.45 8.59
CA HIS C 99 -26.78 -15.99 7.76
C HIS C 99 -26.50 -17.45 7.50
N MET C 100 -25.23 -17.80 7.33
CA MET C 100 -24.87 -19.19 7.11
C MET C 100 -25.04 -20.02 8.38
N VAL C 101 -24.81 -19.41 9.53
CA VAL C 101 -25.01 -20.13 10.78
C VAL C 101 -26.48 -20.36 11.01
N PHE C 102 -27.28 -19.34 10.75
CA PHE C 102 -28.70 -19.50 10.96
C PHE C 102 -29.25 -20.51 9.98
N GLY C 103 -28.81 -20.43 8.73
CA GLY C 103 -29.30 -21.36 7.74
C GLY C 103 -28.91 -22.78 8.10
N ALA C 104 -27.75 -22.94 8.73
CA ALA C 104 -27.33 -24.25 9.18
C ALA C 104 -28.26 -24.76 10.27
N MET C 105 -28.74 -23.84 11.11
CA MET C 105 -29.65 -24.22 12.18
C MET C 105 -30.98 -24.61 11.57
N VAL C 106 -31.31 -23.97 10.46
CA VAL C 106 -32.54 -24.31 9.77
C VAL C 106 -32.42 -25.68 9.17
N LEU C 107 -31.27 -25.99 8.59
CA LEU C 107 -31.13 -27.31 7.98
C LEU C 107 -31.23 -28.43 9.00
N ILE C 108 -30.70 -28.20 10.20
CA ILE C 108 -30.68 -29.26 11.20
C ILE C 108 -31.98 -29.42 12.00
N VAL C 109 -32.59 -28.31 12.45
CA VAL C 109 -33.84 -28.47 13.21
C VAL C 109 -35.06 -27.90 12.50
N GLY C 110 -34.86 -27.04 11.51
CA GLY C 110 -35.97 -26.50 10.73
C GLY C 110 -36.46 -25.19 11.32
N LEU C 111 -37.25 -24.45 10.53
CA LEU C 111 -37.80 -23.20 11.03
C LEU C 111 -38.96 -23.44 11.98
N GLU C 112 -39.68 -24.53 11.78
CA GLU C 112 -40.86 -24.74 12.60
C GLU C 112 -40.47 -24.92 14.06
N GLU C 113 -39.36 -25.62 14.29
CA GLU C 113 -38.85 -25.78 15.64
C GLU C 113 -38.08 -24.55 16.12
N LEU C 114 -37.34 -23.91 15.22
CA LEU C 114 -36.44 -22.86 15.65
C LEU C 114 -37.14 -21.54 15.93
N THR C 115 -38.19 -21.23 15.18
CA THR C 115 -38.96 -20.02 15.44
C THR C 115 -40.04 -20.36 16.45
N ASN C 116 -40.67 -19.35 17.06
CA ASN C 116 -41.77 -19.65 17.98
C ASN C 116 -41.40 -20.73 18.99
N ILE C 117 -40.26 -20.55 19.65
CA ILE C 117 -39.72 -21.60 20.51
C ILE C 117 -40.59 -21.80 21.74
N ARG C 118 -40.95 -23.06 22.01
CA ARG C 118 -41.73 -23.37 23.19
C ARG C 118 -40.87 -23.88 24.34
N ASN C 119 -39.73 -24.46 24.02
CA ASN C 119 -38.89 -25.05 25.05
C ASN C 119 -37.41 -24.90 24.73
N VAL C 120 -36.71 -24.13 25.54
CA VAL C 120 -35.31 -23.86 25.30
C VAL C 120 -34.51 -25.14 25.45
N GLU C 121 -34.97 -26.05 26.31
CA GLU C 121 -34.28 -27.30 26.55
C GLU C 121 -34.26 -28.19 25.32
N ARG C 122 -35.31 -28.13 24.51
CA ARG C 122 -35.36 -28.96 23.32
C ARG C 122 -34.25 -28.55 22.38
N LEU C 123 -34.01 -27.25 22.29
CA LEU C 123 -32.94 -26.76 21.44
C LEU C 123 -31.58 -27.03 22.03
N LYS C 124 -31.49 -27.08 23.35
CA LYS C 124 -30.19 -27.30 23.95
C LYS C 124 -29.63 -28.64 23.53
N LYS C 125 -30.50 -29.63 23.39
CA LYS C 125 -30.02 -30.94 22.97
C LYS C 125 -29.95 -31.09 21.45
N GLU C 126 -30.84 -30.42 20.73
CA GLU C 126 -30.89 -30.60 19.29
C GLU C 126 -29.92 -29.73 18.51
N LEU C 127 -29.49 -28.61 19.10
CA LEU C 127 -28.59 -27.71 18.39
C LEU C 127 -27.14 -28.14 18.49
N ARG C 128 -26.86 -29.14 19.31
CA ARG C 128 -25.52 -29.66 19.39
C ARG C 128 -25.17 -30.34 18.08
N ALA C 129 -26.20 -30.74 17.37
CA ALA C 129 -26.07 -31.43 16.09
C ALA C 129 -25.46 -30.50 15.06
N SER C 130 -25.60 -29.19 15.26
CA SER C 130 -25.12 -28.22 14.31
C SER C 130 -23.67 -27.85 14.54
N TYR C 131 -23.09 -28.32 15.63
CA TYR C 131 -21.78 -27.83 16.04
C TYR C 131 -20.69 -28.11 15.02
N CYS C 132 -20.72 -29.25 14.37
CA CYS C 132 -19.62 -29.56 13.46
C CYS C 132 -19.61 -28.59 12.28
N LEU C 133 -20.80 -28.30 11.77
CA LEU C 133 -20.93 -27.39 10.64
C LEU C 133 -20.64 -25.95 11.04
N ILE C 134 -21.03 -25.59 12.26
CA ILE C 134 -20.77 -24.25 12.73
C ILE C 134 -19.29 -24.03 12.92
N ASP C 135 -18.61 -25.06 13.44
CA ASP C 135 -17.18 -24.94 13.67
C ASP C 135 -16.47 -24.75 12.34
N SER C 136 -17.00 -25.37 11.29
CA SER C 136 -16.41 -25.23 9.97
C SER C 136 -16.53 -23.81 9.44
N PHE C 137 -17.60 -23.13 9.80
CA PHE C 137 -17.74 -21.75 9.37
C PHE C 137 -16.82 -20.84 10.14
N LEU C 138 -16.53 -21.19 11.39
CA LEU C 138 -15.65 -20.36 12.20
C LEU C 138 -14.18 -20.70 11.95
N GLY C 139 -13.92 -21.91 11.52
CA GLY C 139 -12.54 -22.36 11.34
C GLY C 139 -12.01 -22.14 9.93
N ASN C 140 -10.80 -22.63 9.69
CA ASN C 140 -10.16 -22.55 8.38
C ASN C 140 -10.78 -23.56 7.42
N SER C 141 -10.93 -23.15 6.16
CA SER C 141 -11.49 -24.03 5.14
C SER C 141 -10.95 -23.71 3.75
N GLU C 142 -11.08 -24.67 2.85
CA GLU C 142 -10.63 -24.54 1.47
C GLU C 142 -11.74 -24.05 0.55
N LEU C 143 -12.90 -23.77 1.13
CA LEU C 143 -14.06 -23.35 0.36
C LEU C 143 -14.39 -21.89 0.63
N ILE C 144 -14.96 -21.22 -0.37
CA ILE C 144 -15.32 -19.81 -0.24
C ILE C 144 -16.82 -19.58 -0.42
N GLY C 145 -17.58 -20.64 -0.55
CA GLY C 145 -19.01 -20.50 -0.76
C GLY C 145 -19.71 -19.79 0.38
N ASP C 146 -19.19 -19.94 1.60
CA ASP C 146 -19.81 -19.29 2.74
C ASP C 146 -19.64 -17.79 2.66
N LEU C 147 -18.51 -17.37 2.12
CA LEU C 147 -18.17 -15.95 2.04
C LEU C 147 -18.79 -15.29 0.84
N THR C 148 -18.91 -16.02 -0.26
CA THR C 148 -19.35 -15.47 -1.53
C THR C 148 -20.83 -15.70 -1.81
N GLN C 149 -21.41 -16.66 -1.11
CA GLN C 149 -22.80 -17.09 -1.32
C GLN C 149 -22.98 -17.69 -2.72
N CYS C 150 -21.86 -18.07 -3.33
CA CYS C 150 -21.84 -18.76 -4.60
C CYS C 150 -21.53 -20.22 -4.39
N VAL C 151 -21.98 -21.07 -5.28
CA VAL C 151 -21.64 -22.48 -5.16
C VAL C 151 -20.18 -22.69 -5.57
N ASP C 152 -19.41 -23.34 -4.71
CA ASP C 152 -18.02 -23.62 -5.03
C ASP C 152 -17.99 -24.63 -6.18
N CYS C 153 -17.23 -24.32 -7.23
CA CYS C 153 -17.25 -25.15 -8.44
C CYS C 153 -15.90 -25.39 -9.06
N VAL C 154 -15.85 -26.45 -9.84
CA VAL C 154 -14.68 -26.88 -10.59
C VAL C 154 -15.04 -27.17 -12.04
N ILE C 155 -14.19 -26.80 -12.98
CA ILE C 155 -14.48 -27.05 -14.38
C ILE C 155 -14.22 -28.52 -14.72
N PRO C 156 -15.21 -29.24 -15.24
CA PRO C 156 -15.17 -30.66 -15.55
C PRO C 156 -14.24 -30.90 -16.73
N PRO C 157 -13.69 -32.12 -16.85
CA PRO C 157 -12.86 -32.57 -17.95
C PRO C 157 -13.62 -32.63 -19.26
N GLU C 158 -14.94 -32.79 -19.17
CA GLU C 158 -15.80 -32.81 -20.34
C GLU C 158 -17.08 -32.04 -20.08
N GLY C 159 -17.61 -31.37 -21.10
CA GLY C 159 -18.91 -30.71 -20.99
C GLY C 159 -20.04 -31.64 -21.42
N SER C 160 -19.68 -32.85 -21.84
CA SER C 160 -20.63 -33.80 -22.40
C SER C 160 -20.91 -34.99 -21.49
N ALA C 161 -19.94 -35.90 -21.39
CA ALA C 161 -20.20 -37.18 -20.77
C ALA C 161 -20.57 -37.08 -19.30
N MET C 162 -20.00 -36.12 -18.58
CA MET C 162 -20.32 -36.02 -17.17
C MET C 162 -21.75 -35.58 -16.95
N GLN C 163 -22.20 -34.63 -17.75
CA GLN C 163 -23.55 -34.10 -17.57
C GLN C 163 -24.59 -35.08 -18.07
N GLU C 164 -24.25 -35.81 -19.13
CA GLU C 164 -25.20 -36.75 -19.72
C GLU C 164 -25.42 -37.94 -18.80
N THR C 165 -24.33 -38.40 -18.17
CA THR C 165 -24.42 -39.53 -17.26
C THR C 165 -25.14 -39.12 -16.00
N LEU C 166 -24.89 -37.90 -15.56
CA LEU C 166 -25.47 -37.43 -14.31
C LEU C 166 -26.96 -37.27 -14.46
N SER C 167 -27.39 -36.80 -15.63
CA SER C 167 -28.81 -36.59 -15.87
C SER C 167 -29.54 -37.92 -16.03
N GLY C 168 -28.88 -38.89 -16.67
CA GLY C 168 -29.49 -40.20 -16.83
C GLY C 168 -29.58 -40.91 -15.48
N PHE C 169 -28.62 -40.63 -14.62
CA PHE C 169 -28.62 -41.22 -13.31
C PHE C 169 -29.75 -40.62 -12.51
N ALA C 170 -30.00 -39.33 -12.69
CA ALA C 170 -31.07 -38.68 -11.98
C ALA C 170 -32.40 -39.32 -12.32
N GLU C 171 -32.55 -39.76 -13.57
CA GLU C 171 -33.75 -40.49 -13.93
C GLU C 171 -33.78 -41.84 -13.21
N ALA C 172 -32.60 -42.46 -13.09
CA ALA C 172 -32.48 -43.75 -12.41
C ALA C 172 -32.77 -43.64 -10.92
N THR C 173 -32.47 -42.49 -10.32
CA THR C 173 -32.67 -42.32 -8.89
C THR C 173 -34.04 -41.73 -8.56
N GLY C 174 -34.72 -41.18 -9.56
CA GLY C 174 -36.06 -40.65 -9.35
C GLY C 174 -36.09 -39.24 -8.76
N THR C 175 -35.00 -38.49 -8.86
CA THR C 175 -35.01 -37.12 -8.36
C THR C 175 -34.46 -36.17 -9.40
N ALA C 176 -34.98 -34.96 -9.42
CA ALA C 176 -34.53 -33.97 -10.39
C ALA C 176 -33.27 -33.26 -9.92
N PHE C 177 -32.90 -33.47 -8.66
CA PHE C 177 -31.81 -32.72 -8.07
C PHE C 177 -30.61 -33.62 -7.77
N VAL C 178 -29.65 -33.62 -8.69
CA VAL C 178 -28.46 -34.45 -8.55
C VAL C 178 -27.21 -33.64 -8.86
N SER C 179 -26.15 -33.86 -8.09
CA SER C 179 -24.89 -33.20 -8.39
C SER C 179 -23.69 -34.06 -8.03
N LEU C 180 -22.57 -33.80 -8.68
CA LEU C 180 -21.33 -34.46 -8.35
C LEU C 180 -20.32 -33.43 -7.91
N LEU C 181 -19.74 -33.63 -6.73
CA LEU C 181 -18.75 -32.69 -6.21
C LEU C 181 -17.52 -33.39 -5.66
N VAL C 182 -16.38 -32.73 -5.82
CA VAL C 182 -15.12 -33.20 -5.26
C VAL C 182 -14.74 -32.24 -4.15
N SER C 183 -14.53 -32.76 -2.96
CA SER C 183 -14.47 -31.90 -1.79
C SER C 183 -15.77 -31.11 -1.75
N GLY C 184 -15.67 -29.80 -1.67
CA GLY C 184 -16.87 -28.96 -1.68
C GLY C 184 -17.20 -28.41 -3.06
N ARG C 185 -16.46 -28.85 -4.08
CA ARG C 185 -16.55 -28.24 -5.40
C ARG C 185 -17.43 -29.02 -6.37
N VAL C 186 -18.43 -28.37 -6.95
CA VAL C 186 -19.30 -29.05 -7.89
C VAL C 186 -18.66 -29.16 -9.26
N VAL C 187 -18.66 -30.38 -9.78
CA VAL C 187 -18.12 -30.68 -11.11
C VAL C 187 -19.23 -30.55 -12.13
N ALA C 188 -20.39 -31.09 -11.77
CA ALA C 188 -21.55 -31.07 -12.63
C ALA C 188 -22.80 -31.13 -11.79
N ALA C 189 -23.89 -30.61 -12.31
CA ALA C 189 -25.17 -30.72 -11.63
C ALA C 189 -26.32 -30.67 -12.61
N THR C 190 -27.45 -31.24 -12.21
CA THR C 190 -28.65 -31.19 -13.02
C THR C 190 -29.34 -29.84 -12.86
N GLU C 191 -30.27 -29.55 -13.77
CA GLU C 191 -30.93 -28.25 -13.76
C GLU C 191 -31.84 -28.05 -12.55
N GLY C 192 -32.33 -29.13 -11.97
CA GLY C 192 -33.08 -29.00 -10.74
C GLY C 192 -32.16 -28.55 -9.62
N TRP C 193 -30.98 -29.13 -9.57
CA TRP C 193 -30.04 -28.83 -8.51
C TRP C 193 -29.55 -27.40 -8.61
N TRP C 194 -29.43 -26.90 -9.84
CA TRP C 194 -28.91 -25.56 -10.08
C TRP C 194 -29.86 -24.45 -9.71
N ARG C 195 -31.15 -24.74 -9.58
CA ARG C 195 -32.14 -23.69 -9.41
C ARG C 195 -32.39 -23.38 -7.94
N LEU C 196 -31.69 -24.09 -7.06
CA LEU C 196 -31.83 -23.89 -5.63
C LEU C 196 -31.28 -22.52 -5.24
N GLY C 197 -31.94 -21.85 -4.30
CA GLY C 197 -31.54 -20.50 -3.88
C GLY C 197 -30.26 -20.54 -3.04
N MET C 198 -29.57 -19.40 -2.95
CA MET C 198 -28.25 -19.37 -2.33
C MET C 198 -28.13 -20.02 -0.95
N PRO C 199 -29.02 -19.74 0.01
CA PRO C 199 -28.93 -20.25 1.37
C PRO C 199 -28.92 -21.77 1.39
N GLU C 200 -29.53 -22.38 0.40
CA GLU C 200 -29.59 -23.83 0.33
C GLU C 200 -28.48 -24.41 -0.53
N ALA C 201 -28.22 -23.75 -1.65
CA ALA C 201 -27.26 -24.24 -2.63
C ALA C 201 -25.84 -24.22 -2.10
N VAL C 202 -25.56 -23.27 -1.21
CA VAL C 202 -24.23 -23.14 -0.65
C VAL C 202 -24.05 -24.04 0.57
N LEU C 203 -25.05 -24.09 1.43
CA LEU C 203 -24.91 -24.88 2.64
C LEU C 203 -24.86 -26.35 2.36
N LEU C 204 -25.59 -26.80 1.35
CA LEU C 204 -25.63 -28.24 1.13
C LEU C 204 -24.26 -28.85 0.88
N PRO C 205 -23.42 -28.35 -0.04
CA PRO C 205 -22.07 -28.83 -0.24
C PRO C 205 -21.15 -28.55 0.93
N TRP C 206 -21.44 -27.51 1.73
CA TRP C 206 -20.65 -27.28 2.92
C TRP C 206 -20.94 -28.29 4.00
N LEU C 207 -22.19 -28.71 4.07
CA LEU C 207 -22.57 -29.72 5.03
C LEU C 207 -21.87 -30.99 4.71
N VAL C 208 -21.76 -31.28 3.42
CA VAL C 208 -21.12 -32.50 2.98
C VAL C 208 -19.61 -32.45 3.14
N GLY C 209 -19.00 -31.33 2.76
CA GLY C 209 -17.55 -31.22 2.78
C GLY C 209 -16.94 -30.91 4.15
N SER C 210 -17.75 -30.47 5.09
CA SER C 210 -17.22 -30.12 6.42
C SER C 210 -17.10 -31.34 7.33
N LEU C 211 -17.84 -32.38 6.98
CA LEU C 211 -17.89 -33.59 7.78
C LEU C 211 -16.64 -34.44 7.60
N PRO C 212 -16.30 -35.27 8.58
CA PRO C 212 -15.29 -36.30 8.47
C PRO C 212 -15.73 -37.19 7.34
N PRO C 213 -14.79 -37.72 6.55
CA PRO C 213 -15.03 -38.51 5.36
C PRO C 213 -15.82 -39.77 5.69
N GLN C 214 -16.80 -40.06 4.86
CA GLN C 214 -17.65 -41.24 4.98
C GLN C 214 -17.92 -41.83 3.61
N ALA C 215 -18.14 -43.14 3.54
CA ALA C 215 -18.44 -43.78 2.28
C ALA C 215 -19.83 -43.41 1.77
N ALA C 216 -20.77 -43.20 2.69
CA ALA C 216 -22.12 -42.79 2.30
C ALA C 216 -22.81 -42.03 3.42
N ARG C 217 -23.75 -41.16 3.07
CA ARG C 217 -24.52 -40.44 4.08
C ARG C 217 -26.01 -40.33 3.75
N ASP C 218 -26.82 -40.18 4.81
CA ASP C 218 -28.21 -39.73 4.71
C ASP C 218 -28.54 -38.80 5.86
N TYR C 219 -28.47 -37.50 5.61
CA TYR C 219 -28.73 -36.52 6.66
C TYR C 219 -30.08 -35.85 6.46
N PRO C 220 -30.83 -35.59 7.52
CA PRO C 220 -32.04 -34.82 7.47
C PRO C 220 -31.70 -33.40 7.11
N VAL C 221 -32.45 -32.82 6.21
CA VAL C 221 -32.35 -31.42 5.90
C VAL C 221 -33.72 -30.79 5.86
N TYR C 222 -33.90 -29.69 6.56
CA TYR C 222 -35.12 -28.93 6.36
C TYR C 222 -34.82 -27.91 5.29
N LEU C 223 -35.63 -27.88 4.25
CA LEU C 223 -35.27 -27.09 3.08
C LEU C 223 -35.50 -25.60 3.37
N PRO C 224 -34.49 -24.74 3.17
CA PRO C 224 -34.56 -23.30 3.36
C PRO C 224 -35.58 -22.68 2.43
N HIS C 225 -35.92 -23.40 1.37
CA HIS C 225 -36.92 -22.93 0.43
C HIS C 225 -37.94 -24.02 0.20
N GLY C 226 -39.20 -23.63 0.09
CA GLY C 226 -40.26 -24.56 -0.32
C GLY C 226 -40.78 -25.39 0.84
N SER C 227 -39.89 -26.14 1.49
CA SER C 227 -40.31 -27.01 2.57
C SER C 227 -39.38 -26.98 3.80
N PRO C 228 -39.31 -25.86 4.53
CA PRO C 228 -38.59 -25.63 5.77
C PRO C 228 -39.19 -26.38 6.95
N THR C 229 -40.41 -26.88 6.74
CA THR C 229 -41.15 -27.59 7.78
C THR C 229 -41.14 -29.11 7.56
N VAL C 230 -40.47 -29.56 6.50
CA VAL C 230 -40.50 -30.97 6.13
C VAL C 230 -39.10 -31.57 6.19
N PRO C 231 -38.93 -32.75 6.79
CA PRO C 231 -37.68 -33.46 6.94
C PRO C 231 -37.25 -34.20 5.68
N HIS C 232 -36.88 -33.43 4.67
CA HIS C 232 -36.30 -33.99 3.44
C HIS C 232 -34.91 -34.48 3.76
N ARG C 233 -34.38 -35.36 2.92
CA ARG C 233 -33.09 -35.96 3.22
C ARG C 233 -32.07 -35.77 2.11
N LEU C 234 -30.83 -35.54 2.53
CA LEU C 234 -29.69 -35.39 1.64
C LEU C 234 -28.85 -36.64 1.62
N LEU C 235 -28.75 -37.27 0.46
CA LEU C 235 -27.97 -38.49 0.37
C LEU C 235 -26.68 -38.22 -0.34
N THR C 236 -25.59 -38.85 0.09
CA THR C 236 -24.40 -38.77 -0.74
C THR C 236 -23.73 -40.11 -0.87
N LEU C 237 -23.05 -40.29 -2.00
CA LEU C 237 -22.30 -41.52 -2.23
C LEU C 237 -20.87 -41.19 -2.60
N THR C 238 -19.93 -41.58 -1.74
CA THR C 238 -18.53 -41.25 -1.98
C THR C 238 -17.88 -42.37 -2.75
N LEU C 239 -18.15 -42.45 -4.04
CA LEU C 239 -17.69 -43.60 -4.80
C LEU C 239 -16.18 -43.66 -4.96
N LEU C 240 -15.52 -42.50 -4.94
CA LEU C 240 -14.07 -42.40 -5.05
C LEU C 240 -13.55 -41.47 -3.98
N ARG C 241 -12.31 -41.64 -3.54
CA ARG C 241 -11.88 -40.78 -2.45
C ARG C 241 -11.97 -39.34 -2.88
N GLY C 242 -12.59 -38.52 -2.04
CA GLY C 242 -12.67 -37.08 -2.27
C GLY C 242 -13.79 -36.72 -3.24
N LEU C 243 -14.47 -37.73 -3.77
CA LEU C 243 -15.50 -37.49 -4.78
C LEU C 243 -16.80 -38.18 -4.42
N GLU C 244 -17.87 -37.40 -4.40
CA GLU C 244 -19.17 -37.96 -4.07
C GLU C 244 -20.32 -37.34 -4.86
N LEU C 245 -21.38 -38.10 -5.03
CA LEU C 245 -22.64 -37.57 -5.53
C LEU C 245 -23.47 -37.03 -4.41
N CYS C 246 -24.25 -36.00 -4.68
CA CYS C 246 -25.35 -35.63 -3.79
C CYS C 246 -26.68 -35.83 -4.48
N LEU C 247 -27.62 -36.40 -3.75
CA LEU C 247 -28.98 -36.56 -4.23
C LEU C 247 -29.90 -35.86 -3.25
N LEU C 248 -30.70 -34.91 -3.72
CA LEU C 248 -31.63 -34.28 -2.80
C LEU C 248 -32.95 -34.99 -2.95
N CYS C 249 -33.37 -35.65 -1.88
CA CYS C 249 -34.44 -36.62 -1.97
C CYS C 249 -35.58 -36.47 -0.99
N GLY C 250 -36.73 -36.99 -1.40
CA GLY C 250 -37.83 -37.26 -0.51
C GLY C 250 -37.48 -38.58 0.18
N PRO C 251 -38.47 -39.29 0.72
CA PRO C 251 -38.30 -40.48 1.55
C PRO C 251 -37.64 -41.62 0.79
N ARG C 252 -37.66 -41.54 -0.54
CA ARG C 252 -37.08 -42.58 -1.38
C ARG C 252 -36.12 -41.97 -2.40
N PRO C 253 -35.14 -42.75 -2.89
CA PRO C 253 -34.77 -44.11 -2.52
C PRO C 253 -34.12 -44.18 -1.14
N PRO C 254 -34.19 -45.33 -0.48
CA PRO C 254 -33.36 -45.75 0.64
C PRO C 254 -31.93 -45.94 0.16
N LEU C 255 -30.96 -45.72 1.04
CA LEU C 255 -29.57 -45.93 0.63
C LEU C 255 -29.28 -47.40 0.37
N GLY C 256 -30.01 -48.31 1.03
CA GLY C 256 -29.73 -49.72 0.88
C GLY C 256 -30.12 -50.22 -0.52
N GLN C 257 -30.93 -49.43 -1.23
CA GLN C 257 -31.38 -49.82 -2.55
C GLN C 257 -30.44 -49.30 -3.63
N LEU C 258 -29.48 -48.47 -3.25
CA LEU C 258 -28.53 -47.94 -4.20
C LEU C 258 -27.32 -48.86 -4.26
N ASP C 259 -27.54 -50.04 -4.82
CA ASP C 259 -26.58 -51.13 -4.80
C ASP C 259 -25.34 -50.81 -5.65
N PRO C 260 -24.21 -51.46 -5.40
CA PRO C 260 -22.96 -51.30 -6.12
C PRO C 260 -23.12 -51.58 -7.61
N GLN C 261 -24.06 -52.45 -7.98
CA GLN C 261 -24.23 -52.75 -9.39
C GLN C 261 -24.83 -51.53 -10.10
N LEU C 262 -25.67 -50.79 -9.40
CA LEU C 262 -26.26 -49.60 -9.97
C LEU C 262 -25.19 -48.56 -10.16
N MET C 263 -24.32 -48.45 -9.16
CA MET C 263 -23.26 -47.47 -9.24
C MET C 263 -22.20 -47.85 -10.25
N GLU C 264 -21.97 -49.14 -10.45
CA GLU C 264 -21.01 -49.55 -11.46
C GLU C 264 -21.53 -49.26 -12.86
N ARG C 265 -22.82 -49.47 -13.08
CA ARG C 265 -23.36 -49.24 -14.40
C ARG C 265 -23.28 -47.78 -14.80
N TRP C 266 -23.52 -46.90 -13.84
CA TRP C 266 -23.53 -45.49 -14.14
C TRP C 266 -22.20 -44.78 -13.98
N TRP C 267 -21.21 -45.39 -13.33
CA TRP C 267 -19.99 -44.64 -13.07
C TRP C 267 -18.69 -45.32 -13.52
N GLN C 268 -18.70 -46.63 -13.72
CA GLN C 268 -17.48 -47.29 -14.18
C GLN C 268 -16.97 -46.73 -15.51
N PRO C 269 -17.85 -46.41 -16.48
CA PRO C 269 -17.50 -45.87 -17.78
C PRO C 269 -16.83 -44.50 -17.66
N LEU C 270 -17.01 -43.83 -16.53
CA LEU C 270 -16.41 -42.55 -16.31
C LEU C 270 -15.24 -42.63 -15.36
N LEU C 271 -14.79 -43.83 -15.04
CA LEU C 271 -13.78 -43.97 -13.99
C LEU C 271 -12.52 -43.20 -14.33
N GLU C 272 -12.11 -43.23 -15.59
CA GLU C 272 -10.88 -42.54 -15.93
C GLU C 272 -10.96 -41.02 -15.74
N PRO C 273 -11.96 -40.31 -16.27
CA PRO C 273 -12.16 -38.89 -16.04
C PRO C 273 -12.53 -38.58 -14.59
N LEU C 274 -13.10 -39.56 -13.88
CA LEU C 274 -13.39 -39.35 -12.48
C LEU C 274 -12.12 -39.42 -11.66
N ARG C 275 -11.17 -40.25 -12.09
CA ARG C 275 -9.89 -40.33 -11.41
C ARG C 275 -9.14 -39.04 -11.65
N ALA C 276 -9.31 -38.48 -12.85
CA ALA C 276 -8.73 -37.21 -13.21
C ALA C 276 -9.34 -36.09 -12.40
N CYS C 277 -10.56 -36.29 -11.96
CA CYS C 277 -11.25 -35.27 -11.19
C CYS C 277 -10.63 -35.08 -9.82
N LEU C 278 -9.84 -36.04 -9.36
CA LEU C 278 -9.28 -35.92 -8.03
C LEU C 278 -8.17 -34.86 -7.93
N PRO C 279 -7.16 -34.84 -8.83
CA PRO C 279 -6.18 -33.77 -8.92
C PRO C 279 -6.83 -32.49 -9.40
N LEU C 280 -7.99 -32.63 -10.04
CA LEU C 280 -8.78 -31.50 -10.46
C LEU C 280 -9.43 -30.81 -9.28
N GLY C 281 -9.80 -31.58 -8.26
CA GLY C 281 -10.49 -31.03 -7.11
C GLY C 281 -9.82 -29.76 -6.59
N PRO C 282 -8.52 -29.81 -6.25
CA PRO C 282 -7.71 -28.72 -5.76
C PRO C 282 -7.53 -27.58 -6.75
N ARG C 283 -7.73 -27.84 -8.03
CA ARG C 283 -7.54 -26.82 -9.04
C ARG C 283 -8.72 -26.77 -10.00
N ALA C 284 -9.36 -25.61 -10.03
CA ALA C 284 -10.62 -25.45 -10.74
C ALA C 284 -10.48 -25.59 -12.25
N LEU C 285 -9.30 -25.30 -12.75
CA LEU C 285 -9.07 -25.26 -14.18
C LEU C 285 -8.44 -26.56 -14.68
N PRO C 286 -8.58 -26.84 -15.98
CA PRO C 286 -7.87 -27.87 -16.71
C PRO C 286 -6.38 -27.61 -16.62
N GLU C 287 -5.59 -28.67 -16.58
CA GLU C 287 -4.15 -28.56 -16.37
C GLU C 287 -3.45 -27.85 -17.51
N GLY C 288 -4.08 -27.86 -18.67
CA GLY C 288 -3.50 -27.25 -19.86
C GLY C 288 -3.90 -25.80 -20.01
N PHE C 289 -4.67 -25.28 -19.05
CA PHE C 289 -5.13 -23.91 -19.17
C PHE C 289 -3.92 -22.98 -19.12
N PRO C 290 -3.85 -21.97 -20.01
CA PRO C 290 -2.74 -21.06 -20.17
C PRO C 290 -2.71 -19.95 -19.13
N LEU C 291 -2.51 -20.33 -17.88
CA LEU C 291 -2.32 -19.34 -16.84
C LEU C 291 -0.93 -18.73 -16.93
N HIS C 292 -0.85 -17.46 -16.58
CA HIS C 292 0.44 -16.80 -16.46
C HIS C 292 1.18 -17.35 -15.26
N SER C 293 2.49 -17.44 -15.37
CA SER C 293 3.34 -18.06 -14.35
C SER C 293 3.38 -17.28 -13.05
N ASP C 294 2.97 -16.01 -13.09
CA ASP C 294 2.93 -15.20 -11.88
C ASP C 294 1.69 -15.47 -11.04
N ILE C 295 0.77 -16.28 -11.53
CA ILE C 295 -0.43 -16.50 -10.75
C ILE C 295 -0.20 -17.51 -9.63
N LEU C 296 -0.52 -17.11 -8.41
CA LEU C 296 -0.42 -17.95 -7.22
C LEU C 296 -1.76 -18.59 -6.93
N GLY C 297 -2.82 -17.92 -7.33
CA GLY C 297 -4.17 -18.43 -7.11
C GLY C 297 -5.22 -17.62 -7.86
N LEU C 298 -6.43 -18.19 -7.92
CA LEU C 298 -7.52 -17.64 -8.70
C LEU C 298 -8.87 -17.77 -8.02
N LEU C 299 -9.71 -16.75 -8.16
CA LEU C 299 -11.10 -16.87 -7.74
C LEU C 299 -12.02 -16.30 -8.83
N LEU C 300 -12.88 -17.11 -9.44
CA LEU C 300 -13.77 -16.59 -10.47
C LEU C 300 -15.23 -16.76 -10.09
N LEU C 301 -16.00 -15.69 -10.16
CA LEU C 301 -17.42 -15.81 -9.86
C LEU C 301 -18.29 -15.48 -11.05
N HIS C 302 -19.33 -16.25 -11.23
CA HIS C 302 -20.37 -15.91 -12.17
C HIS C 302 -21.54 -15.41 -11.36
N LEU C 303 -21.89 -14.14 -11.57
CA LEU C 303 -22.83 -13.49 -10.67
C LEU C 303 -24.27 -13.86 -10.96
N GLU C 304 -24.58 -14.19 -12.19
CA GLU C 304 -25.94 -14.56 -12.57
C GLU C 304 -26.23 -16.02 -12.25
N LEU C 305 -25.21 -16.87 -12.37
CA LEU C 305 -25.41 -18.30 -12.21
C LEU C 305 -25.05 -18.81 -10.82
N ARG C 306 -24.73 -17.90 -9.93
CA ARG C 306 -24.48 -18.21 -8.52
C ARG C 306 -23.42 -19.28 -8.32
N ARG C 307 -22.34 -19.21 -9.08
CA ARG C 307 -21.28 -20.21 -8.95
C ARG C 307 -19.91 -19.60 -9.12
N CYS C 308 -18.89 -20.22 -8.50
CA CYS C 308 -17.54 -19.71 -8.64
C CYS C 308 -16.45 -20.78 -8.58
N LEU C 309 -15.28 -20.45 -9.14
CA LEU C 309 -14.10 -21.31 -9.09
C LEU C 309 -13.08 -20.78 -8.10
N PHE C 310 -12.40 -21.66 -7.38
CA PHE C 310 -11.32 -21.22 -6.50
C PHE C 310 -10.11 -22.14 -6.53
N THR C 311 -8.90 -21.57 -6.58
CA THR C 311 -7.69 -22.39 -6.41
C THR C 311 -6.48 -21.59 -5.94
N VAL C 312 -5.56 -22.24 -5.25
CA VAL C 312 -4.26 -21.66 -4.93
C VAL C 312 -3.12 -22.49 -5.53
N GLU C 313 -3.47 -23.40 -6.41
CA GLU C 313 -2.56 -24.38 -7.01
C GLU C 313 -1.55 -23.95 -8.09
N PRO C 314 -1.82 -22.94 -8.94
CA PRO C 314 -1.09 -22.67 -10.17
C PRO C 314 0.42 -22.46 -10.03
N SER C 315 0.89 -22.01 -8.89
CA SER C 315 2.33 -21.85 -8.70
C SER C 315 2.76 -22.31 -7.32
N LYS C 316 3.04 -23.61 -7.21
CA LYS C 316 3.28 -24.25 -5.91
C LYS C 316 4.62 -23.93 -5.29
N ASP C 317 5.58 -23.53 -6.11
CA ASP C 317 6.95 -23.37 -5.65
C ASP C 317 7.21 -22.12 -4.83
N LYS C 318 6.41 -21.09 -5.02
CA LYS C 318 6.64 -19.82 -4.34
C LYS C 318 5.90 -19.75 -3.01
N GLU C 319 6.40 -18.95 -2.08
CA GLU C 319 5.63 -18.59 -0.91
C GLU C 319 4.57 -17.59 -1.37
N PRO C 320 3.41 -17.54 -0.70
CA PRO C 320 2.96 -18.11 0.55
C PRO C 320 2.65 -19.60 0.45
N SER C 321 2.49 -20.25 1.59
CA SER C 321 1.97 -21.60 1.62
C SER C 321 0.52 -21.56 1.16
N PRO C 322 -0.07 -22.66 0.71
CA PRO C 322 -1.43 -22.73 0.23
C PRO C 322 -2.43 -22.23 1.25
N GLU C 323 -2.16 -22.45 2.53
CA GLU C 323 -3.07 -21.97 3.56
C GLU C 323 -3.04 -20.46 3.61
N GLN C 324 -1.85 -19.93 3.44
CA GLN C 324 -1.65 -18.50 3.48
C GLN C 324 -2.25 -17.83 2.26
N ARG C 325 -2.20 -18.52 1.12
CA ARG C 325 -2.73 -17.96 -0.11
C ARG C 325 -4.23 -17.85 -0.05
N ARG C 326 -4.88 -18.83 0.56
CA ARG C 326 -6.32 -18.80 0.65
C ARG C 326 -6.78 -17.66 1.53
N ARG C 327 -6.02 -17.38 2.58
CA ARG C 327 -6.41 -16.32 3.48
C ARG C 327 -6.33 -14.96 2.81
N LEU C 328 -5.33 -14.78 1.94
CA LEU C 328 -5.23 -13.51 1.23
C LEU C 328 -6.39 -13.31 0.27
N LEU C 329 -6.79 -14.39 -0.39
CA LEU C 329 -7.91 -14.28 -1.32
C LEU C 329 -9.23 -14.05 -0.61
N ARG C 330 -9.41 -14.68 0.56
CA ARG C 330 -10.64 -14.46 1.31
C ARG C 330 -10.71 -13.04 1.83
N ASN C 331 -9.58 -12.51 2.25
CA ASN C 331 -9.57 -11.16 2.76
C ASN C 331 -9.80 -10.17 1.64
N PHE C 332 -9.30 -10.49 0.46
CA PHE C 332 -9.46 -9.62 -0.68
C PHE C 332 -10.87 -9.65 -1.20
N TYR C 333 -11.47 -10.83 -1.23
CA TYR C 333 -12.85 -10.90 -1.68
C TYR C 333 -13.72 -10.08 -0.77
N THR C 334 -13.44 -10.14 0.52
CA THR C 334 -14.24 -9.41 1.48
C THR C 334 -14.14 -7.92 1.20
N LEU C 335 -12.95 -7.47 0.85
CA LEU C 335 -12.77 -6.07 0.49
C LEU C 335 -13.51 -5.70 -0.79
N VAL C 336 -13.46 -6.58 -1.77
CA VAL C 336 -14.13 -6.35 -3.04
C VAL C 336 -15.63 -6.29 -2.85
N ALA C 337 -16.12 -7.15 -1.96
CA ALA C 337 -17.54 -7.31 -1.70
C ALA C 337 -18.19 -6.07 -1.12
N THR C 338 -17.39 -5.19 -0.51
CA THR C 338 -17.92 -4.02 0.15
C THR C 338 -17.66 -2.73 -0.61
N THR C 339 -16.88 -2.80 -1.68
CA THR C 339 -16.48 -1.60 -2.41
C THR C 339 -16.81 -1.69 -3.89
N HIS C 340 -16.05 -2.52 -4.58
CA HIS C 340 -16.19 -2.76 -6.00
C HIS C 340 -17.49 -3.50 -6.31
N PHE C 341 -17.97 -4.26 -5.36
CA PHE C 341 -19.23 -4.96 -5.54
C PHE C 341 -20.28 -4.41 -4.55
N PRO C 342 -21.58 -4.28 -4.93
CA PRO C 342 -22.67 -3.91 -4.05
C PRO C 342 -23.02 -5.03 -3.08
N GLN C 359 -18.85 5.44 -12.36
CA GLN C 359 -20.00 5.10 -11.54
C GLN C 359 -20.07 3.60 -11.24
N MET C 360 -19.85 2.77 -12.27
CA MET C 360 -19.89 1.31 -12.15
C MET C 360 -18.49 0.70 -12.11
N PRO C 361 -18.05 0.18 -10.99
CA PRO C 361 -16.71 -0.37 -10.80
C PRO C 361 -16.52 -1.57 -11.71
N ARG C 362 -15.35 -1.65 -12.33
CA ARG C 362 -15.02 -2.74 -13.24
C ARG C 362 -13.73 -3.46 -12.89
N ALA C 363 -12.86 -2.82 -12.13
CA ALA C 363 -11.60 -3.47 -11.75
C ALA C 363 -11.06 -2.94 -10.45
N CYS C 364 -10.23 -3.75 -9.80
CA CYS C 364 -9.57 -3.35 -8.57
C CYS C 364 -8.23 -4.05 -8.43
N TYR C 365 -7.28 -3.45 -7.72
CA TYR C 365 -6.07 -4.21 -7.39
C TYR C 365 -5.41 -3.74 -6.10
N LEU C 366 -4.58 -4.63 -5.54
CA LEU C 366 -3.76 -4.35 -4.37
C LEU C 366 -2.29 -4.68 -4.60
N VAL C 367 -1.42 -3.89 -4.01
CA VAL C 367 -0.01 -4.25 -3.89
C VAL C 367 0.39 -4.24 -2.42
N LEU C 368 0.90 -5.36 -1.92
CA LEU C 368 1.27 -5.45 -0.52
C LEU C 368 2.76 -5.29 -0.29
N GLY C 369 3.09 -4.78 0.89
CA GLY C 369 4.45 -4.78 1.43
C GLY C 369 4.60 -5.95 2.40
N PRO C 370 5.66 -5.94 3.20
CA PRO C 370 6.83 -5.08 3.19
C PRO C 370 7.64 -5.33 1.94
N GLY C 371 8.28 -4.30 1.41
CA GLY C 371 9.12 -4.51 0.24
C GLY C 371 8.27 -5.06 -0.89
N MET C 372 8.75 -6.14 -1.52
CA MET C 372 8.01 -6.76 -2.60
C MET C 372 7.01 -7.79 -2.10
N GLY C 373 5.87 -7.32 -1.61
CA GLY C 373 4.84 -8.22 -1.10
C GLY C 373 3.96 -8.70 -2.24
N TRP C 374 2.97 -9.49 -1.90
CA TRP C 374 2.09 -10.11 -2.90
C TRP C 374 1.11 -9.11 -3.48
N GLN C 375 0.67 -9.37 -4.71
CA GLN C 375 -0.24 -8.46 -5.38
C GLN C 375 -1.55 -9.18 -5.71
N LEU C 376 -2.66 -8.45 -5.67
CA LEU C 376 -3.95 -9.03 -5.98
C LEU C 376 -4.72 -8.19 -6.99
N VAL C 377 -5.50 -8.84 -7.85
CA VAL C 377 -6.27 -8.12 -8.86
C VAL C 377 -7.71 -8.61 -8.93
N ALA C 378 -8.62 -7.75 -9.34
CA ALA C 378 -9.96 -8.20 -9.66
C ALA C 378 -10.54 -7.42 -10.83
N VAL C 379 -11.30 -8.11 -11.68
CA VAL C 379 -12.02 -7.46 -12.77
C VAL C 379 -13.44 -7.98 -12.90
N GLN C 380 -14.35 -7.14 -13.41
CA GLN C 380 -15.67 -7.60 -13.77
C GLN C 380 -16.02 -7.26 -15.20
N LEU C 381 -16.37 -8.29 -15.95
CA LEU C 381 -16.81 -8.14 -17.32
C LEU C 381 -18.25 -8.62 -17.43
N GLY C 382 -19.20 -7.70 -17.50
CA GLY C 382 -20.56 -8.16 -17.58
C GLY C 382 -20.96 -8.94 -16.33
N LEU C 383 -21.39 -10.18 -16.55
CA LEU C 383 -21.91 -11.05 -15.51
C LEU C 383 -20.85 -11.81 -14.70
N ARG C 384 -19.58 -11.71 -15.06
CA ARG C 384 -18.59 -12.51 -14.35
C ARG C 384 -17.43 -11.66 -13.81
N LEU C 385 -16.95 -12.05 -12.62
CA LEU C 385 -15.92 -11.31 -11.90
C LEU C 385 -14.75 -12.20 -11.50
N LEU C 386 -13.54 -11.82 -11.89
CA LEU C 386 -12.35 -12.61 -11.57
C LEU C 386 -11.46 -11.90 -10.57
N LEU C 387 -10.93 -12.65 -9.60
CA LEU C 387 -9.88 -12.17 -8.73
C LEU C 387 -8.63 -13.03 -8.86
N LEU C 388 -7.45 -12.42 -8.77
CA LEU C 388 -6.19 -13.16 -8.83
C LEU C 388 -5.27 -12.85 -7.66
N LEU C 389 -4.50 -13.85 -7.24
CA LEU C 389 -3.37 -13.64 -6.33
C LEU C 389 -2.10 -13.83 -7.14
N LEU C 390 -1.22 -12.83 -7.09
CA LEU C 390 -0.06 -12.80 -7.95
C LEU C 390 1.28 -12.74 -7.22
N SER C 391 2.30 -13.26 -7.90
CA SER C 391 3.69 -13.19 -7.46
C SER C 391 4.09 -11.74 -7.28
N PRO C 392 4.89 -11.44 -6.26
CA PRO C 392 5.33 -10.12 -5.86
C PRO C 392 6.15 -9.44 -6.94
N HIS C 393 6.68 -10.24 -7.87
CA HIS C 393 7.56 -9.72 -8.91
C HIS C 393 6.80 -9.28 -10.16
N THR C 394 5.52 -9.57 -10.21
CA THR C 394 4.73 -9.24 -11.39
C THR C 394 4.64 -7.72 -11.51
N PRO C 395 4.81 -7.14 -12.69
CA PRO C 395 4.75 -5.71 -12.94
C PRO C 395 3.37 -5.19 -12.58
N THR C 396 3.32 -4.03 -11.95
CA THR C 396 2.05 -3.49 -11.49
C THR C 396 1.23 -2.89 -12.61
N HIS C 397 1.87 -2.51 -13.70
CA HIS C 397 1.13 -1.89 -14.77
C HIS C 397 0.42 -2.94 -15.62
N GLY C 398 0.81 -4.19 -15.44
CA GLY C 398 0.22 -5.27 -16.22
C GLY C 398 -0.92 -5.94 -15.49
N LEU C 399 -1.29 -5.45 -14.32
CA LEU C 399 -2.25 -6.18 -13.52
C LEU C 399 -3.63 -6.24 -14.16
N ARG C 400 -4.07 -5.14 -14.76
CA ARG C 400 -5.38 -5.13 -15.38
C ARG C 400 -5.44 -5.91 -16.66
N SER C 401 -4.38 -5.81 -17.46
CA SER C 401 -4.40 -6.48 -18.74
C SER C 401 -4.24 -7.98 -18.56
N LEU C 402 -3.58 -8.37 -17.47
CA LEU C 402 -3.45 -9.79 -17.19
C LEU C 402 -4.77 -10.38 -16.76
N ALA C 403 -5.46 -9.69 -15.88
CA ALA C 403 -6.74 -10.20 -15.40
C ALA C 403 -7.76 -10.22 -16.51
N THR C 404 -7.70 -9.25 -17.41
CA THR C 404 -8.66 -9.19 -18.49
C THR C 404 -8.46 -10.34 -19.45
N ARG C 405 -7.20 -10.62 -19.77
CA ARG C 405 -6.92 -11.70 -20.69
C ARG C 405 -7.25 -13.03 -20.08
N THR C 406 -7.01 -13.16 -18.78
CA THR C 406 -7.29 -14.41 -18.09
C THR C 406 -8.79 -14.66 -18.07
N LEU C 407 -9.57 -13.60 -17.84
CA LEU C 407 -11.01 -13.77 -17.80
C LEU C 407 -11.54 -14.15 -19.16
N GLN C 408 -10.99 -13.55 -20.21
CA GLN C 408 -11.45 -13.86 -21.55
C GLN C 408 -11.14 -15.31 -21.88
N ALA C 409 -9.99 -15.79 -21.41
CA ALA C 409 -9.62 -17.19 -21.58
C ALA C 409 -10.55 -18.10 -20.79
N LEU C 410 -11.05 -17.60 -19.67
CA LEU C 410 -11.96 -18.35 -18.80
C LEU C 410 -13.41 -18.26 -19.26
N THR C 411 -13.73 -17.24 -20.04
CA THR C 411 -15.11 -17.00 -20.44
C THR C 411 -15.78 -18.23 -21.09
N PRO C 412 -15.11 -18.98 -21.97
CA PRO C 412 -15.62 -20.19 -22.59
C PRO C 412 -15.87 -21.30 -21.59
N LEU C 413 -15.24 -21.23 -20.41
CA LEU C 413 -15.43 -22.27 -19.40
C LEU C 413 -16.53 -21.94 -18.39
N LEU C 414 -16.76 -20.65 -18.13
CA LEU C 414 -17.78 -20.17 -17.19
C LEU C 414 -18.14 -18.71 -17.49
N ILE D 11 -10.87 -67.55 12.01
CA ILE D 11 -9.83 -66.55 11.82
C ILE D 11 -8.61 -66.90 12.68
N VAL D 12 -7.44 -66.92 12.04
CA VAL D 12 -6.17 -67.19 12.71
C VAL D 12 -5.71 -65.97 13.52
N PRO D 13 -5.50 -66.12 14.83
CA PRO D 13 -5.10 -65.05 15.72
C PRO D 13 -3.73 -64.54 15.31
N ASP D 14 -3.59 -63.22 15.29
CA ASP D 14 -2.31 -62.58 15.00
C ASP D 14 -1.71 -63.09 13.70
N TRP D 15 -2.55 -63.39 12.72
CA TRP D 15 -2.05 -63.89 11.45
C TRP D 15 -1.32 -62.77 10.71
N HIS D 16 -1.68 -61.55 11.04
CA HIS D 16 -1.18 -60.39 10.33
C HIS D 16 0.24 -60.06 10.75
N GLU D 17 0.70 -60.70 11.82
CA GLU D 17 2.04 -60.47 12.31
C GLU D 17 3.06 -61.33 11.56
N THR D 18 2.58 -62.29 10.78
CA THR D 18 3.46 -63.15 10.01
C THR D 18 3.89 -62.41 8.75
N VAL D 19 4.91 -62.92 8.07
CA VAL D 19 5.40 -62.25 6.88
C VAL D 19 4.35 -62.22 5.79
N GLU D 20 3.60 -63.31 5.64
CA GLU D 20 2.52 -63.32 4.66
C GLU D 20 1.49 -62.28 5.06
N GLY D 21 1.25 -62.17 6.36
CA GLY D 21 0.30 -61.20 6.88
C GLY D 21 0.77 -59.78 6.61
N LYS D 22 2.07 -59.55 6.63
CA LYS D 22 2.59 -58.21 6.39
C LYS D 22 2.34 -57.80 4.95
N GLU D 23 2.42 -58.77 4.04
CA GLU D 23 2.23 -58.50 2.63
C GLU D 23 0.79 -58.10 2.35
N TYR D 24 -0.15 -58.72 3.05
CA TYR D 24 -1.55 -58.36 2.86
C TYR D 24 -1.91 -57.04 3.51
N LEU D 25 -1.23 -56.68 4.60
CA LEU D 25 -1.49 -55.37 5.22
C LEU D 25 -1.01 -54.27 4.29
N ALA D 26 0.00 -54.59 3.50
CA ALA D 26 0.57 -53.63 2.58
C ALA D 26 -0.42 -53.23 1.49
N CYS D 27 -1.42 -54.07 1.21
CA CYS D 27 -2.35 -53.72 0.15
C CYS D 27 -3.38 -52.69 0.62
N ILE D 28 -3.50 -52.49 1.94
CA ILE D 28 -4.41 -51.48 2.46
C ILE D 28 -3.65 -50.28 2.99
N LEU D 29 -2.33 -50.41 3.09
CA LEU D 29 -1.50 -49.31 3.53
C LEU D 29 -0.72 -48.69 2.38
N ARG D 30 -0.48 -47.39 2.48
CA ARG D 30 0.48 -46.73 1.62
C ARG D 30 1.34 -45.85 2.51
N LYS D 31 2.66 -45.95 2.36
CA LYS D 31 3.56 -45.17 3.20
C LYS D 31 3.29 -45.43 4.68
N ASN D 32 2.98 -46.68 5.01
CA ASN D 32 2.67 -47.09 6.37
C ASN D 32 1.49 -46.32 6.97
N ARG D 33 0.53 -45.97 6.12
CA ARG D 33 -0.70 -45.27 6.50
C ARG D 33 -1.91 -45.92 5.87
N ARG D 34 -3.07 -45.81 6.51
CA ARG D 34 -4.27 -46.35 5.88
C ARG D 34 -4.61 -45.65 4.59
N ARG D 35 -4.95 -46.46 3.60
CA ARG D 35 -5.55 -45.94 2.38
C ARG D 35 -7.05 -46.09 2.49
N GLU D 36 -7.76 -44.97 2.59
CA GLU D 36 -9.20 -45.05 2.68
C GLU D 36 -9.75 -45.39 1.30
N PHE D 37 -10.84 -46.13 1.28
CA PHE D 37 -11.43 -46.54 0.03
C PHE D 37 -12.76 -45.85 -0.20
N GLY D 38 -13.07 -45.60 -1.46
CA GLY D 38 -14.36 -45.04 -1.82
C GLY D 38 -15.41 -46.14 -1.75
N LEU D 39 -16.66 -45.76 -1.95
CA LEU D 39 -17.77 -46.67 -1.74
C LEU D 39 -17.70 -47.85 -2.71
N LEU D 40 -17.24 -47.59 -3.93
CA LEU D 40 -17.07 -48.66 -4.90
C LEU D 40 -15.62 -48.93 -5.24
N GLU D 41 -14.73 -48.41 -4.43
CA GLU D 41 -13.31 -48.67 -4.63
C GLU D 41 -12.95 -49.98 -3.95
N ARG D 42 -11.96 -50.66 -4.47
CA ARG D 42 -11.53 -51.90 -3.88
C ARG D 42 -10.01 -51.91 -3.75
N PRO D 43 -9.48 -52.69 -2.80
CA PRO D 43 -8.08 -53.02 -2.67
C PRO D 43 -7.61 -53.74 -3.91
N VAL D 44 -6.37 -53.46 -4.31
CA VAL D 44 -5.82 -54.07 -5.50
C VAL D 44 -4.88 -55.21 -5.15
N LEU D 45 -5.27 -56.40 -5.58
CA LEU D 45 -4.51 -57.62 -5.34
C LEU D 45 -3.42 -57.76 -6.39
N PRO D 46 -2.33 -58.45 -6.07
CA PRO D 46 -1.34 -58.93 -7.02
C PRO D 46 -2.05 -59.88 -7.98
N PRO D 47 -1.58 -59.99 -9.22
CA PRO D 47 -2.19 -60.75 -10.30
C PRO D 47 -2.24 -62.25 -10.02
N SER D 48 -1.38 -62.73 -9.14
CA SER D 48 -1.34 -64.15 -8.78
C SER D 48 -2.27 -64.45 -7.61
N VAL D 49 -2.80 -63.40 -7.00
CA VAL D 49 -3.57 -63.53 -5.78
C VAL D 49 -5.08 -63.43 -6.01
N VAL D 50 -5.80 -64.43 -5.51
CA VAL D 50 -7.26 -64.41 -5.54
C VAL D 50 -7.81 -64.46 -4.13
N ILE D 51 -8.62 -63.46 -3.79
CA ILE D 51 -9.14 -63.33 -2.43
C ILE D 51 -10.66 -63.33 -2.39
N ASP D 52 -11.21 -64.11 -1.47
CA ASP D 52 -12.66 -64.15 -1.29
C ASP D 52 -13.11 -62.94 -0.48
N THR D 53 -13.97 -62.11 -1.06
CA THR D 53 -14.37 -60.88 -0.39
C THR D 53 -15.75 -60.99 0.22
N ALA D 54 -15.84 -60.64 1.51
CA ALA D 54 -17.09 -60.68 2.25
C ALA D 54 -17.43 -59.29 2.76
N SER D 55 -18.72 -59.00 2.90
CA SER D 55 -19.15 -57.70 3.37
C SER D 55 -20.27 -57.81 4.39
N TYR D 56 -20.22 -56.96 5.41
CA TYR D 56 -21.17 -57.04 6.52
C TYR D 56 -21.81 -55.70 6.85
N LYS D 57 -23.04 -55.74 7.37
CA LYS D 57 -23.78 -54.53 7.67
C LYS D 57 -23.97 -54.39 9.17
N ILE D 58 -23.17 -53.51 9.76
CA ILE D 58 -23.06 -53.40 11.19
C ILE D 58 -23.65 -52.08 11.69
N PHE D 59 -24.60 -52.13 12.60
CA PHE D 59 -25.13 -50.90 13.17
C PHE D 59 -24.49 -50.62 14.51
N VAL D 60 -24.02 -49.40 14.69
CA VAL D 60 -23.37 -49.02 15.93
C VAL D 60 -24.38 -48.25 16.80
N SER D 61 -24.59 -48.74 18.03
CA SER D 61 -25.66 -48.23 18.86
C SER D 61 -25.22 -48.03 20.31
N GLY D 62 -25.98 -47.23 21.05
CA GLY D 62 -25.64 -46.88 22.42
C GLY D 62 -25.97 -45.42 22.69
N LYS D 63 -25.72 -45.00 23.91
CA LYS D 63 -26.07 -43.67 24.38
C LYS D 63 -25.08 -42.63 23.88
N SER D 64 -25.51 -41.38 23.82
CA SER D 64 -24.61 -40.34 23.34
C SER D 64 -23.41 -40.23 24.26
N GLY D 65 -22.25 -39.99 23.69
CA GLY D 65 -21.03 -39.86 24.48
C GLY D 65 -20.32 -41.17 24.76
N VAL D 66 -20.77 -42.27 24.15
CA VAL D 66 -20.12 -43.57 24.37
C VAL D 66 -18.99 -43.84 23.40
N GLY D 67 -18.74 -42.94 22.46
CA GLY D 67 -17.65 -43.17 21.54
C GLY D 67 -18.00 -43.95 20.27
N LYS D 68 -19.27 -43.95 19.86
CA LYS D 68 -19.61 -44.72 18.68
C LYS D 68 -18.87 -44.21 17.44
N THR D 69 -18.76 -42.90 17.29
CA THR D 69 -18.02 -42.36 16.15
C THR D 69 -16.55 -42.65 16.29
N ALA D 70 -16.05 -42.50 17.52
CA ALA D 70 -14.64 -42.74 17.80
C ALA D 70 -14.27 -44.21 17.60
N LEU D 71 -15.21 -45.11 17.89
CA LEU D 71 -14.95 -46.53 17.72
C LEU D 71 -14.82 -46.89 16.27
N VAL D 72 -15.67 -46.30 15.44
CA VAL D 72 -15.59 -46.63 14.03
C VAL D 72 -14.32 -46.06 13.45
N ALA D 73 -13.94 -44.85 13.85
CA ALA D 73 -12.71 -44.27 13.32
C ALA D 73 -11.51 -45.12 13.69
N LYS D 74 -11.52 -45.69 14.90
CA LYS D 74 -10.40 -46.53 15.30
C LYS D 74 -10.37 -47.83 14.51
N LEU D 75 -11.54 -48.36 14.21
CA LEU D 75 -11.62 -49.60 13.44
C LEU D 75 -11.26 -49.33 11.99
N ALA D 76 -11.58 -48.12 11.54
CA ALA D 76 -11.26 -47.71 10.18
C ALA D 76 -9.82 -47.24 10.04
N GLY D 77 -9.19 -46.92 11.16
CA GLY D 77 -7.83 -46.39 11.14
C GLY D 77 -7.84 -44.91 10.79
N LEU D 78 -9.01 -44.31 10.91
CA LEU D 78 -9.24 -42.92 10.62
C LEU D 78 -9.07 -42.10 11.88
N GLU D 79 -8.80 -40.82 11.72
CA GLU D 79 -8.58 -39.96 12.88
C GLU D 79 -9.77 -39.96 13.81
N VAL D 80 -9.49 -40.12 15.11
CA VAL D 80 -10.50 -40.13 16.15
C VAL D 80 -10.76 -38.71 16.65
N PRO D 81 -12.01 -38.22 16.60
CA PRO D 81 -12.41 -36.90 17.00
C PRO D 81 -12.23 -36.69 18.50
N ILE D 82 -11.89 -35.48 18.88
CA ILE D 82 -11.79 -35.13 20.29
C ILE D 82 -13.01 -34.37 20.79
N VAL D 83 -13.58 -33.51 19.95
CA VAL D 83 -14.76 -32.72 20.31
C VAL D 83 -16.02 -33.54 20.14
N HIS D 84 -16.90 -33.47 21.14
CA HIS D 84 -18.13 -34.24 21.09
C HIS D 84 -19.21 -33.56 20.27
N HIS D 85 -19.03 -33.58 18.96
CA HIS D 85 -20.09 -33.18 18.06
C HIS D 85 -21.09 -34.31 18.02
N GLU D 86 -22.37 -34.01 18.04
CA GLU D 86 -23.34 -35.08 17.90
C GLU D 86 -23.49 -35.48 16.44
N THR D 87 -23.64 -36.78 16.19
CA THR D 87 -23.97 -37.28 14.87
C THR D 87 -25.40 -36.87 14.50
N THR D 88 -25.56 -36.32 13.30
CA THR D 88 -26.83 -35.70 12.94
C THR D 88 -27.70 -36.57 12.04
N GLY D 89 -27.22 -37.74 11.66
CA GLY D 89 -27.94 -38.54 10.68
C GLY D 89 -27.19 -39.82 10.38
N ILE D 90 -27.67 -40.56 9.39
CA ILE D 90 -27.08 -41.85 9.11
C ILE D 90 -25.80 -41.72 8.33
N GLN D 91 -24.77 -42.38 8.83
CA GLN D 91 -23.48 -42.38 8.17
C GLN D 91 -23.00 -43.79 7.95
N THR D 92 -22.26 -44.00 6.87
CA THR D 92 -21.61 -45.27 6.65
C THR D 92 -20.12 -45.12 6.46
N THR D 93 -19.36 -45.90 7.21
CA THR D 93 -17.92 -46.01 7.01
C THR D 93 -17.62 -47.37 6.42
N VAL D 94 -16.77 -47.42 5.41
CA VAL D 94 -16.38 -48.70 4.87
C VAL D 94 -14.93 -49.01 5.19
N VAL D 95 -14.72 -50.16 5.82
CA VAL D 95 -13.40 -50.55 6.26
C VAL D 95 -12.93 -51.83 5.61
N PHE D 96 -11.74 -51.79 5.03
CA PHE D 96 -11.16 -52.98 4.43
C PHE D 96 -10.10 -53.60 5.31
N TRP D 97 -10.21 -54.91 5.53
CA TRP D 97 -9.23 -55.62 6.36
C TRP D 97 -9.12 -57.09 5.95
N PRO D 98 -7.94 -57.56 5.55
CA PRO D 98 -7.65 -58.94 5.21
C PRO D 98 -7.61 -59.83 6.44
N ALA D 99 -7.98 -61.10 6.28
CA ALA D 99 -7.74 -62.08 7.33
C ALA D 99 -7.50 -63.48 6.78
N LYS D 100 -6.65 -64.22 7.49
CA LYS D 100 -6.48 -65.64 7.20
C LYS D 100 -7.49 -66.44 8.00
N LEU D 101 -8.10 -67.43 7.36
CA LEU D 101 -9.04 -68.28 8.06
C LEU D 101 -8.36 -69.48 8.66
N LYS D 102 -8.74 -69.82 9.89
CA LYS D 102 -8.18 -70.99 10.53
C LYS D 102 -8.76 -72.27 9.99
N ALA D 103 -9.99 -72.21 9.49
CA ALA D 103 -10.65 -73.41 8.97
C ALA D 103 -10.30 -73.71 7.52
N SER D 104 -10.15 -72.67 6.71
CA SER D 104 -9.95 -72.88 5.27
C SER D 104 -8.50 -72.69 4.81
N ASP D 105 -7.68 -72.01 5.61
CA ASP D 105 -6.30 -71.66 5.26
C ASP D 105 -6.22 -70.68 4.08
N CYS D 106 -7.36 -70.13 3.69
CA CYS D 106 -7.42 -69.13 2.64
C CYS D 106 -7.59 -67.75 3.24
N VAL D 107 -7.11 -66.74 2.54
CA VAL D 107 -7.38 -65.37 2.93
C VAL D 107 -8.72 -64.88 2.41
N VAL D 108 -9.48 -64.28 3.32
CA VAL D 108 -10.75 -63.64 3.02
C VAL D 108 -10.63 -62.19 3.43
N MET D 109 -11.02 -61.30 2.55
CA MET D 109 -10.91 -59.89 2.88
C MET D 109 -12.28 -59.34 3.21
N PHE D 110 -12.33 -58.53 4.24
CA PHE D 110 -13.60 -58.00 4.68
C PHE D 110 -13.83 -56.57 4.29
N ARG D 111 -15.08 -56.27 3.96
CA ARG D 111 -15.55 -54.91 3.77
C ARG D 111 -16.64 -54.62 4.79
N PHE D 112 -16.27 -53.95 5.87
CA PHE D 112 -17.22 -53.72 6.95
C PHE D 112 -17.93 -52.40 6.75
N GLU D 113 -19.26 -52.44 6.76
CA GLU D 113 -20.03 -51.21 6.72
C GLU D 113 -20.45 -50.84 8.13
N PHE D 114 -19.96 -49.71 8.60
CA PHE D 114 -20.33 -49.26 9.93
C PHE D 114 -21.40 -48.20 9.81
N TRP D 115 -22.63 -48.59 10.13
CA TRP D 115 -23.77 -47.71 10.07
C TRP D 115 -23.90 -47.00 11.41
N ASP D 116 -23.97 -45.69 11.39
CA ASP D 116 -24.01 -44.96 12.64
C ASP D 116 -24.96 -43.79 12.58
N CYS D 117 -26.20 -43.99 13.04
CA CYS D 117 -27.23 -42.96 12.95
C CYS D 117 -27.04 -41.79 13.89
N GLY D 118 -26.52 -42.07 15.07
CA GLY D 118 -26.44 -41.07 16.13
C GLY D 118 -27.61 -41.29 17.08
N GLU D 119 -27.41 -41.04 18.37
CA GLU D 119 -28.47 -41.33 19.34
C GLU D 119 -29.64 -40.36 19.22
N SER D 120 -29.32 -39.09 18.99
CA SER D 120 -30.38 -38.08 18.93
C SER D 120 -31.17 -38.21 17.65
N ALA D 121 -30.48 -38.56 16.57
CA ALA D 121 -31.10 -38.63 15.25
C ALA D 121 -32.14 -39.72 15.18
N LEU D 122 -31.92 -40.78 15.95
CA LEU D 122 -32.84 -41.89 15.96
C LEU D 122 -34.18 -41.53 16.57
N LYS D 123 -34.17 -40.64 17.56
CA LYS D 123 -35.42 -40.32 18.22
C LYS D 123 -36.14 -39.18 17.55
N LYS D 124 -35.39 -38.25 16.96
CA LYS D 124 -36.00 -37.13 16.29
C LYS D 124 -36.66 -37.54 14.98
N PHE D 125 -36.01 -38.46 14.26
CA PHE D 125 -36.53 -38.91 12.98
C PHE D 125 -36.90 -40.38 13.06
N ASP D 126 -38.19 -40.67 12.95
CA ASP D 126 -38.69 -42.00 13.19
C ASP D 126 -38.27 -43.00 12.13
N HIS D 127 -38.06 -42.51 10.92
CA HIS D 127 -37.71 -43.38 9.81
C HIS D 127 -36.27 -43.87 9.87
N MET D 128 -35.43 -43.17 10.62
CA MET D 128 -34.01 -43.51 10.57
C MET D 128 -33.70 -44.85 11.18
N LEU D 129 -34.43 -45.24 12.21
CA LEU D 129 -34.09 -46.51 12.82
C LEU D 129 -34.35 -47.67 11.86
N PRO D 130 -35.52 -47.76 11.20
CA PRO D 130 -35.80 -48.73 10.17
C PRO D 130 -34.84 -48.62 9.00
N ALA D 131 -34.35 -47.41 8.73
CA ALA D 131 -33.43 -47.24 7.62
C ALA D 131 -32.13 -47.96 7.90
N CYS D 132 -31.74 -48.01 9.14
CA CYS D 132 -30.48 -48.63 9.53
C CYS D 132 -30.64 -50.13 9.65
N LYS D 133 -31.88 -50.58 9.58
CA LYS D 133 -32.21 -51.97 9.76
C LYS D 133 -32.65 -52.61 8.44
N GLU D 134 -32.45 -51.92 7.31
CA GLU D 134 -32.97 -52.48 6.07
C GLU D 134 -32.39 -53.86 5.80
N ASN D 135 -31.10 -54.01 6.06
CA ASN D 135 -30.43 -55.27 5.83
C ASN D 135 -29.45 -55.65 6.93
N ALA D 136 -29.52 -55.00 8.08
CA ALA D 136 -28.45 -55.14 9.06
C ALA D 136 -28.32 -56.58 9.54
N ASP D 137 -27.08 -57.04 9.69
CA ASP D 137 -26.82 -58.37 10.20
C ASP D 137 -25.94 -58.40 11.45
N ALA D 138 -25.60 -57.22 11.96
CA ALA D 138 -24.90 -57.14 13.23
C ALA D 138 -25.15 -55.81 13.93
N PHE D 139 -25.06 -55.81 15.26
CA PHE D 139 -25.08 -54.59 16.06
C PHE D 139 -23.93 -54.53 17.04
N LEU D 140 -23.42 -53.32 17.25
CA LEU D 140 -22.42 -53.07 18.28
C LEU D 140 -23.03 -52.25 19.40
N PHE D 141 -22.89 -52.74 20.61
CA PHE D 141 -23.47 -52.09 21.77
C PHE D 141 -22.37 -51.51 22.62
N LEU D 142 -22.31 -50.20 22.71
CA LEU D 142 -21.24 -49.59 23.45
C LEU D 142 -21.69 -49.18 24.84
N PHE D 143 -20.80 -49.33 25.82
CA PHE D 143 -20.99 -48.77 27.15
C PHE D 143 -19.68 -48.14 27.56
N SER D 144 -19.73 -47.13 28.39
CA SER D 144 -18.48 -46.54 28.86
C SER D 144 -18.01 -47.17 30.16
N PHE D 145 -16.70 -47.24 30.32
CA PHE D 145 -16.10 -47.72 31.55
C PHE D 145 -16.29 -46.70 32.66
N THR D 146 -16.52 -45.45 32.27
CA THR D 146 -16.63 -44.34 33.21
C THR D 146 -18.08 -43.97 33.48
N ASP D 147 -19.02 -44.73 32.94
CA ASP D 147 -20.43 -44.48 33.20
C ASP D 147 -21.23 -45.73 33.50
N ARG D 148 -21.58 -45.89 34.76
CA ARG D 148 -22.34 -47.05 35.15
C ARG D 148 -23.72 -47.06 34.52
N ALA D 149 -24.32 -45.91 34.26
CA ALA D 149 -25.67 -45.93 33.74
C ALA D 149 -25.72 -46.57 32.35
N SER D 150 -24.71 -46.31 31.53
CA SER D 150 -24.68 -46.92 30.21
C SER D 150 -24.45 -48.41 30.34
N PHE D 151 -23.76 -48.82 31.40
CA PHE D 151 -23.55 -50.23 31.68
C PHE D 151 -24.82 -50.91 32.18
N GLU D 152 -25.53 -50.25 33.09
CA GLU D 152 -26.72 -50.85 33.70
C GLU D 152 -27.90 -50.84 32.74
N ASP D 153 -27.87 -49.93 31.77
CA ASP D 153 -28.90 -49.86 30.75
C ASP D 153 -28.63 -50.86 29.63
N LEU D 154 -27.46 -51.48 29.67
CA LEU D 154 -27.02 -52.36 28.61
C LEU D 154 -27.96 -53.54 28.35
N PRO D 155 -28.48 -54.24 29.37
CA PRO D 155 -29.38 -55.37 29.21
C PRO D 155 -30.62 -54.97 28.45
N GLY D 156 -31.04 -53.71 28.63
CA GLY D 156 -32.20 -53.20 27.93
C GLY D 156 -31.87 -52.98 26.48
N GLN D 157 -30.66 -52.49 26.22
CA GLN D 157 -30.24 -52.21 24.86
C GLN D 157 -30.08 -53.52 24.11
N LEU D 158 -29.62 -54.54 24.82
CA LEU D 158 -29.38 -55.85 24.24
C LEU D 158 -30.69 -56.54 23.89
N THR D 159 -31.73 -56.26 24.67
CA THR D 159 -33.01 -56.89 24.43
C THR D 159 -33.93 -56.01 23.56
N ARG D 160 -33.64 -54.71 23.48
CA ARG D 160 -34.57 -53.80 22.81
C ARG D 160 -34.08 -53.30 21.45
N VAL D 161 -32.77 -53.19 21.25
CA VAL D 161 -32.27 -52.72 19.97
C VAL D 161 -32.17 -53.89 19.00
N ALA D 162 -31.61 -54.99 19.49
CA ALA D 162 -31.59 -56.24 18.73
C ALA D 162 -33.00 -56.79 18.66
N GLY D 163 -33.77 -56.48 19.70
CA GLY D 163 -35.14 -56.92 19.83
C GLY D 163 -35.22 -58.43 19.88
N GLU D 164 -36.18 -58.97 19.13
CA GLU D 164 -36.41 -60.39 19.06
C GLU D 164 -35.70 -61.07 17.90
N ALA D 165 -35.02 -60.28 17.06
CA ALA D 165 -34.55 -60.82 15.79
C ALA D 165 -33.57 -61.98 15.98
N PRO D 166 -33.81 -63.12 15.30
CA PRO D 166 -32.95 -64.30 15.25
C PRO D 166 -31.77 -64.06 14.32
N GLY D 167 -30.68 -64.78 14.55
CA GLY D 167 -29.61 -64.86 13.55
C GLY D 167 -28.81 -63.57 13.48
N LEU D 168 -28.85 -62.80 14.56
CA LEU D 168 -28.22 -61.49 14.57
C LEU D 168 -27.00 -61.49 15.49
N VAL D 169 -25.91 -60.88 15.03
CA VAL D 169 -24.72 -60.78 15.86
C VAL D 169 -24.77 -59.57 16.76
N LYS D 170 -24.53 -59.78 18.05
CA LYS D 170 -24.48 -58.67 18.99
C LYS D 170 -23.16 -58.67 19.75
N ILE D 171 -22.44 -57.58 19.68
CA ILE D 171 -21.16 -57.45 20.38
C ILE D 171 -21.14 -56.26 21.29
N VAL D 172 -20.73 -56.47 22.54
CA VAL D 172 -20.59 -55.37 23.49
C VAL D 172 -19.16 -54.88 23.59
N ILE D 173 -18.99 -53.57 23.46
CA ILE D 173 -17.66 -52.97 23.57
C ILE D 173 -17.59 -51.90 24.64
N GLY D 174 -16.61 -52.01 25.52
CA GLY D 174 -16.37 -50.94 26.49
C GLY D 174 -15.62 -49.80 25.82
N SER D 175 -15.88 -48.57 26.27
CA SER D 175 -15.19 -47.41 25.74
C SER D 175 -14.60 -46.53 26.84
N LYS D 176 -13.67 -45.66 26.46
CA LYS D 176 -13.01 -44.76 27.41
C LYS D 176 -12.28 -45.51 28.52
N PHE D 177 -11.64 -46.63 28.17
CA PHE D 177 -10.87 -47.37 29.15
C PHE D 177 -9.64 -46.61 29.59
N ASP D 178 -9.12 -45.77 28.70
CA ASP D 178 -7.90 -45.05 29.00
C ASP D 178 -8.10 -44.06 30.12
N GLN D 179 -9.34 -43.65 30.37
CA GLN D 179 -9.60 -42.77 31.49
C GLN D 179 -9.83 -43.64 32.72
N TYR D 180 -8.78 -44.32 33.14
CA TYR D 180 -8.93 -45.39 34.13
C TYR D 180 -9.28 -44.87 35.50
N MET D 181 -8.81 -43.66 35.80
CA MET D 181 -9.02 -43.06 37.10
C MET D 181 -10.48 -42.70 37.30
N HIS D 182 -11.22 -42.63 36.21
CA HIS D 182 -12.63 -42.25 36.23
C HIS D 182 -13.54 -43.46 36.06
N THR D 183 -12.98 -44.67 36.14
CA THR D 183 -13.80 -45.85 35.89
C THR D 183 -14.90 -45.95 36.92
N ASP D 184 -16.13 -46.13 36.43
CA ASP D 184 -17.30 -46.30 37.27
C ASP D 184 -17.63 -47.78 37.41
N VAL D 185 -17.25 -48.55 36.38
CA VAL D 185 -17.56 -49.97 36.35
C VAL D 185 -16.30 -50.83 36.35
N PRO D 186 -16.02 -51.53 37.45
CA PRO D 186 -14.95 -52.49 37.65
C PRO D 186 -15.14 -53.71 36.76
N ALA D 187 -14.03 -54.36 36.44
CA ALA D 187 -14.06 -55.55 35.58
C ALA D 187 -14.86 -56.67 36.21
N ARG D 188 -14.97 -56.65 37.55
CA ARG D 188 -15.73 -57.66 38.25
C ARG D 188 -17.20 -57.59 37.86
N ASP D 189 -17.69 -56.37 37.62
CA ASP D 189 -19.09 -56.18 37.28
C ASP D 189 -19.31 -56.55 35.83
N LEU D 190 -18.28 -56.34 35.02
CA LEU D 190 -18.36 -56.67 33.61
C LEU D 190 -18.30 -58.18 33.45
N THR D 191 -17.55 -58.84 34.33
CA THR D 191 -17.48 -60.28 34.30
C THR D 191 -18.79 -60.87 34.75
N ALA D 192 -19.40 -60.26 35.76
CA ALA D 192 -20.69 -60.73 36.23
C ALA D 192 -21.75 -60.57 35.15
N PHE D 193 -21.58 -59.55 34.32
CA PHE D 193 -22.49 -59.32 33.22
C PHE D 193 -22.32 -60.43 32.18
N ARG D 194 -21.06 -60.79 31.92
CA ARG D 194 -20.76 -61.84 30.96
C ARG D 194 -21.16 -63.21 31.47
N GLN D 195 -21.25 -63.35 32.79
CA GLN D 195 -21.70 -64.61 33.34
C GLN D 195 -23.18 -64.85 33.07
N ALA D 196 -23.94 -63.78 32.87
CA ALA D 196 -25.35 -63.92 32.56
C ALA D 196 -25.63 -63.83 31.06
N TRP D 197 -24.75 -63.17 30.32
CA TRP D 197 -25.00 -62.91 28.90
C TRP D 197 -24.08 -63.64 27.91
N GLU D 198 -22.96 -64.19 28.38
CA GLU D 198 -22.02 -64.91 27.53
C GLU D 198 -21.50 -64.08 26.35
N LEU D 199 -21.33 -62.79 26.56
CA LEU D 199 -20.96 -61.86 25.49
C LEU D 199 -19.48 -61.90 25.08
N PRO D 200 -19.20 -61.61 23.81
CA PRO D 200 -17.90 -61.38 23.21
C PRO D 200 -17.44 -59.97 23.51
N LEU D 201 -17.16 -59.69 24.77
CA LEU D 201 -16.79 -58.34 25.17
C LEU D 201 -15.45 -57.92 24.62
N PHE D 202 -15.41 -56.69 24.11
CA PHE D 202 -14.17 -56.07 23.64
C PHE D 202 -13.94 -54.71 24.28
N ARG D 203 -12.68 -54.32 24.35
CA ARG D 203 -12.30 -53.01 24.88
C ARG D 203 -11.62 -52.17 23.81
N VAL D 204 -12.05 -50.92 23.68
CA VAL D 204 -11.36 -49.99 22.80
C VAL D 204 -10.86 -48.75 23.54
N LYS D 205 -9.60 -48.42 23.32
CA LYS D 205 -9.08 -47.14 23.77
C LYS D 205 -9.01 -46.23 22.55
N SER D 206 -9.92 -45.28 22.45
CA SER D 206 -10.01 -44.49 21.24
C SER D 206 -9.05 -43.33 21.26
N VAL D 207 -7.77 -43.65 21.23
CA VAL D 207 -6.71 -42.66 21.30
C VAL D 207 -6.57 -41.89 19.96
N PRO D 208 -6.61 -40.52 19.96
CA PRO D 208 -6.37 -39.66 18.80
C PRO D 208 -4.95 -39.82 18.27
N LEU D 218 0.37 -42.12 17.12
CA LEU D 218 1.78 -41.80 16.92
C LEU D 218 2.15 -41.73 15.44
N ASP D 219 1.81 -42.79 14.69
CA ASP D 219 2.08 -42.91 13.25
C ASP D 219 1.02 -43.77 12.58
N GLY D 220 1.12 -43.92 11.27
CA GLY D 220 0.09 -44.59 10.49
C GLY D 220 -0.11 -46.05 10.85
N ARG D 221 0.94 -46.73 11.30
CA ARG D 221 0.80 -48.14 11.69
C ARG D 221 0.42 -48.32 13.15
N ALA D 222 0.52 -47.25 13.94
CA ALA D 222 0.26 -47.39 15.37
C ALA D 222 -1.20 -47.76 15.60
N GLY D 223 -2.08 -47.21 14.77
CA GLY D 223 -3.48 -47.52 14.87
C GLY D 223 -3.74 -48.96 14.48
N LEU D 224 -2.94 -49.49 13.56
CA LEU D 224 -3.13 -50.83 13.08
C LEU D 224 -2.83 -51.83 14.19
N ALA D 225 -1.75 -51.58 14.91
CA ALA D 225 -1.34 -52.51 15.94
C ALA D 225 -2.37 -52.63 17.05
N ASP D 226 -3.03 -51.52 17.38
CA ASP D 226 -4.02 -51.54 18.45
C ASP D 226 -5.39 -52.02 17.98
N THR D 227 -5.75 -51.67 16.76
CA THR D 227 -7.09 -51.95 16.26
C THR D 227 -7.21 -53.35 15.68
N ALA D 228 -6.08 -53.97 15.35
CA ALA D 228 -6.12 -55.27 14.74
C ALA D 228 -6.76 -56.30 15.64
N HIS D 229 -6.62 -56.14 16.96
CA HIS D 229 -7.19 -57.09 17.89
C HIS D 229 -8.71 -57.11 17.83
N VAL D 230 -9.29 -55.93 17.78
CA VAL D 230 -10.74 -55.82 17.72
C VAL D 230 -11.28 -56.15 16.34
N LEU D 231 -10.54 -55.80 15.28
CA LEU D 231 -11.02 -56.13 13.95
C LEU D 231 -11.03 -57.61 13.72
N ASN D 232 -10.05 -58.32 14.28
CA ASN D 232 -10.03 -59.75 14.11
C ASN D 232 -11.12 -60.42 14.93
N GLY D 233 -11.41 -59.86 16.10
CA GLY D 233 -12.49 -60.39 16.91
C GLY D 233 -13.85 -60.15 16.26
N LEU D 234 -13.95 -59.01 15.58
CA LEU D 234 -15.16 -58.67 14.85
C LEU D 234 -15.30 -59.56 13.65
N ALA D 235 -14.17 -59.83 13.00
CA ALA D 235 -14.14 -60.69 11.86
C ALA D 235 -14.54 -62.10 12.22
N GLU D 236 -14.17 -62.53 13.42
CA GLU D 236 -14.45 -63.91 13.81
C GLU D 236 -15.95 -64.14 13.94
N GLN D 237 -16.67 -63.19 14.50
CA GLN D 237 -18.11 -63.40 14.60
C GLN D 237 -18.82 -63.20 13.27
N LEU D 238 -18.38 -62.21 12.50
CA LEU D 238 -19.11 -61.94 11.28
C LEU D 238 -18.85 -63.01 10.25
N TRP D 239 -17.60 -63.44 10.17
CA TRP D 239 -17.24 -64.48 9.24
C TRP D 239 -17.88 -65.80 9.61
N HIS D 240 -17.82 -66.15 10.89
CA HIS D 240 -18.30 -67.45 11.30
C HIS D 240 -19.80 -67.57 11.12
N GLN D 241 -20.52 -66.51 11.46
CA GLN D 241 -21.97 -66.59 11.38
C GLN D 241 -22.42 -66.59 9.93
N ASP D 242 -21.57 -66.07 9.06
CA ASP D 242 -21.85 -66.11 7.63
C ASP D 242 -21.65 -67.53 7.11
N GLN D 243 -20.75 -68.28 7.73
CA GLN D 243 -20.54 -69.68 7.34
C GLN D 243 -21.66 -70.55 7.88
N VAL D 244 -22.24 -70.13 9.00
CA VAL D 244 -23.37 -70.82 9.60
C VAL D 244 -24.65 -70.65 8.79
N ALA D 245 -24.90 -69.43 8.29
CA ALA D 245 -26.08 -69.08 7.49
C ALA D 245 -26.15 -69.86 6.16
PG GTP E . -23.16 -39.36 19.32
O1G GTP E . -22.45 -38.69 18.05
O2G GTP E . -23.79 -40.81 19.05
O3G GTP E . -24.22 -38.37 20.03
O3B GTP E . -22.00 -39.53 20.44
PB GTP E . -21.05 -40.76 20.01
O1B GTP E . -21.61 -42.17 20.54
O2B GTP E . -20.57 -40.88 18.48
O3A GTP E . -19.74 -40.62 20.94
PA GTP E . -18.57 -39.81 20.17
O1A GTP E . -17.70 -40.71 19.35
O2A GTP E . -19.01 -38.63 19.39
O5' GTP E . -17.63 -39.26 21.36
C5' GTP E . -17.95 -38.08 22.11
C4' GTP E . -16.88 -37.64 23.10
O4' GTP E . -16.34 -38.77 23.84
C3' GTP E . -15.67 -36.89 22.55
O3' GTP E . -15.45 -35.66 23.25
C2' GTP E . -14.50 -37.89 22.64
O2' GTP E . -13.26 -37.27 22.95
C1' GTP E . -14.93 -38.75 23.83
N9 GTP E . -14.46 -40.16 23.77
C8 GTP E . -15.08 -41.20 23.11
N7 GTP E . -14.46 -42.34 23.22
C5 GTP E . -13.35 -42.06 23.99
C6 GTP E . -12.28 -42.92 24.46
O6 GTP E . -12.12 -44.14 24.24
N1 GTP E . -11.32 -42.24 25.23
C2 GTP E . -11.39 -40.89 25.54
N2 GTP E . -10.40 -40.40 26.28
N3 GTP E . -12.37 -40.08 25.11
C4 GTP E . -13.33 -40.72 24.35
H5' GTP E . -18.77 -38.24 22.61
H5'' GTP E . -18.11 -37.34 21.49
H4' GTP E . -17.32 -37.06 23.76
H3' GTP E . -15.81 -36.67 21.61
HO3' GTP E . -14.72 -35.16 22.81
H2' GTP E . -14.43 -38.43 21.82
HO2' GTP E . -13.28 -36.33 22.67
H1' GTP E . -14.61 -38.34 24.67
H8 GTP E . -15.93 -41.08 22.61
HN1 GTP E . -10.56 -42.76 25.58
HN21 GTP E . -9.68 -41.00 26.58
HN22 GTP E . -10.39 -39.45 26.52
#